data_3PB2
#
_entry.id   3PB2
#
_cell.length_a   192.200
_cell.length_b   125.342
_cell.length_c   78.428
_cell.angle_alpha   90.00
_cell.angle_beta   103.54
_cell.angle_gamma   90.00
#
_symmetry.space_group_name_H-M   'C 1 2 1'
#
loop_
_entity.id
_entity.type
_entity.pdbx_description
1 polymer 'Dihydrodipicolinate synthase'
2 non-polymer GLYCEROL
3 water water
#
_entity_poly.entity_id   1
_entity_poly.type   'polypeptide(L)'
_entity_poly.pdbx_seq_one_letter_code
;GIDPFTMFRGVGTAIVTPFKNGELDLESYERLVRYQLENGVNALIVLGTTGESPTVNEDEREKLVSRTLEIVDGKIPVIV
GAGTNSTEKTLKLVKQAEKLGANGVLVVTPYYNKPTQEGLYQHYKYISERTDLGIVVYNVPGRTGVNVLPETAARIAADL
KNVVGIKEANPDIDQIDRTVSLTKQARSDFMVWSGNDDRTFYLLCAGGDGVISVVSNVAPKQMVELCAEYFSGNLEKSAE
VHAKLRPLMKALFVETNPIPVKAALNLMGFIENELRLPLVPASEKTVELLRNVLKESGLL
;
_entity_poly.pdbx_strand_id   A,B,C,D,E,F
#
# COMPACT_ATOMS: atom_id res chain seq x y z
N GLY A 1 1.16 26.73 -31.89
CA GLY A 1 0.46 27.81 -31.21
C GLY A 1 0.90 27.92 -29.76
N ILE A 2 0.37 28.90 -29.05
CA ILE A 2 0.75 29.12 -27.66
C ILE A 2 -0.26 30.05 -26.97
N ASP A 3 -0.39 29.91 -25.66
CA ASP A 3 -1.26 30.80 -24.88
C ASP A 3 -0.37 31.67 -23.97
N PRO A 4 -0.23 32.97 -24.31
CA PRO A 4 0.71 33.86 -23.62
C PRO A 4 0.26 34.30 -22.22
N PHE A 5 -1.01 34.12 -21.92
CA PHE A 5 -1.57 34.47 -20.60
C PHE A 5 -0.92 33.62 -19.50
N THR A 6 -0.29 32.52 -19.92
CA THR A 6 0.46 31.66 -18.99
C THR A 6 1.76 32.27 -18.51
N MET A 7 2.22 33.31 -19.20
CA MET A 7 3.47 33.97 -18.82
C MET A 7 3.26 34.94 -17.64
N PHE A 8 2.88 34.39 -16.50
CA PHE A 8 2.63 35.20 -15.31
C PHE A 8 3.91 35.49 -14.53
N ARG A 9 3.88 36.53 -13.73
CA ARG A 9 4.96 36.86 -12.82
C ARG A 9 4.34 36.99 -11.42
N GLY A 10 5.04 36.53 -10.40
CA GLY A 10 4.51 36.62 -9.05
C GLY A 10 4.18 35.24 -8.50
N VAL A 11 3.00 35.11 -7.89
CA VAL A 11 2.64 33.84 -7.24
C VAL A 11 1.61 33.01 -8.02
N GLY A 12 1.95 31.78 -8.35
CA GLY A 12 0.97 30.82 -8.82
C GLY A 12 0.76 29.74 -7.75
N THR A 13 -0.47 29.60 -7.27
CA THR A 13 -0.73 28.68 -6.18
C THR A 13 -0.94 27.25 -6.68
N ALA A 14 -0.16 26.31 -6.17
CA ALA A 14 -0.40 24.91 -6.45
C ALA A 14 -1.48 24.49 -5.46
N ILE A 15 -2.72 24.61 -5.88
CA ILE A 15 -3.87 24.49 -5.00
C ILE A 15 -4.11 23.02 -4.65
N VAL A 16 -4.51 22.75 -3.41
CA VAL A 16 -4.83 21.37 -3.03
C VAL A 16 -6.13 20.96 -3.74
N THR A 17 -6.40 19.66 -3.73
CA THR A 17 -7.69 19.14 -4.20
C THR A 17 -8.49 18.61 -2.99
N PRO A 18 -9.47 19.38 -2.49
CA PRO A 18 -10.22 18.95 -1.30
C PRO A 18 -11.06 17.70 -1.57
N PHE A 19 -11.04 16.76 -0.62
CA PHE A 19 -11.89 15.58 -0.67
C PHE A 19 -12.86 15.58 0.51
N LYS A 20 -14.01 14.95 0.31
CA LYS A 20 -14.91 14.65 1.42
C LYS A 20 -15.71 13.38 1.14
N ASN A 21 -15.74 12.47 2.11
CA ASN A 21 -16.37 11.17 1.94
C ASN A 21 -15.88 10.44 0.68
N GLY A 22 -14.60 10.61 0.37
CA GLY A 22 -13.99 9.92 -0.75
C GLY A 22 -14.23 10.52 -2.14
N GLU A 23 -14.93 11.64 -2.22
CA GLU A 23 -15.19 12.33 -3.48
C GLU A 23 -14.57 13.73 -3.44
N LEU A 24 -14.48 14.36 -4.61
CA LEU A 24 -14.12 15.79 -4.69
C LEU A 24 -15.05 16.61 -3.82
N ASP A 25 -14.51 17.60 -3.11
CA ASP A 25 -15.31 18.53 -2.32
C ASP A 25 -15.23 19.91 -2.98
N LEU A 26 -16.12 20.14 -3.95
CA LEU A 26 -16.00 21.33 -4.79
C LEU A 26 -16.48 22.60 -4.10
N GLU A 27 -17.34 22.43 -3.10
CA GLU A 27 -17.80 23.56 -2.31
C GLU A 27 -16.65 24.15 -1.51
N SER A 28 -15.88 23.29 -0.86
CA SER A 28 -14.67 23.76 -0.18
C SER A 28 -13.64 24.26 -1.20
N TYR A 29 -13.54 23.59 -2.34
CA TYR A 29 -12.57 23.99 -3.36
C TYR A 29 -12.86 25.43 -3.81
N GLU A 30 -14.13 25.73 -4.07
CA GLU A 30 -14.49 27.07 -4.51
C GLU A 30 -14.10 28.13 -3.50
N ARG A 31 -14.31 27.85 -2.21
CA ARG A 31 -13.92 28.77 -1.15
C ARG A 31 -12.42 29.05 -1.21
N LEU A 32 -11.65 27.99 -1.46
CA LEU A 32 -10.20 28.11 -1.55
C LEU A 32 -9.78 28.93 -2.76
N VAL A 33 -10.43 28.70 -3.89
CA VAL A 33 -10.11 29.45 -5.10
C VAL A 33 -10.38 30.95 -4.91
N ARG A 34 -11.50 31.28 -4.28
CA ARG A 34 -11.87 32.67 -4.07
C ARG A 34 -10.90 33.35 -3.10
N TYR A 35 -10.45 32.61 -2.09
CA TYR A 35 -9.41 33.04 -1.15
C TYR A 35 -8.11 33.39 -1.86
N GLN A 36 -7.74 32.59 -2.86
CA GLN A 36 -6.59 32.92 -3.71
C GLN A 36 -6.82 34.19 -4.53
N LEU A 37 -7.94 34.24 -5.24
CA LEU A 37 -8.27 35.35 -6.12
C LEU A 37 -8.32 36.67 -5.36
N GLU A 38 -8.96 36.63 -4.20
CA GLU A 38 -9.12 37.82 -3.35
C GLU A 38 -7.80 38.30 -2.79
N ASN A 39 -6.77 37.45 -2.82
CA ASN A 39 -5.49 37.81 -2.22
C ASN A 39 -4.33 38.13 -3.18
N GLY A 40 -4.66 38.42 -4.45
CA GLY A 40 -3.67 38.94 -5.38
C GLY A 40 -2.82 37.90 -6.09
N VAL A 41 -3.16 36.64 -5.91
CA VAL A 41 -2.42 35.54 -6.57
C VAL A 41 -2.52 35.66 -8.09
N ASN A 42 -1.45 35.34 -8.81
CA ASN A 42 -1.43 35.67 -10.24
C ASN A 42 -1.61 34.49 -11.20
N ALA A 43 -1.73 33.29 -10.63
CA ALA A 43 -2.03 32.08 -11.42
C ALA A 43 -2.46 30.97 -10.49
N LEU A 44 -3.16 30.00 -11.05
CA LEU A 44 -3.60 28.84 -10.30
C LEU A 44 -3.05 27.61 -11.00
N ILE A 45 -2.33 26.76 -10.27
CA ILE A 45 -1.87 25.48 -10.80
C ILE A 45 -2.74 24.40 -10.17
N VAL A 46 -3.53 23.72 -11.00
CA VAL A 46 -4.48 22.72 -10.54
C VAL A 46 -3.94 21.31 -10.85
N LEU A 47 -4.14 20.37 -9.94
CA LEU A 47 -3.66 19.02 -10.14
C LEU A 47 -2.14 18.93 -10.26
N GLY A 48 -1.41 19.73 -9.50
CA GLY A 48 0.02 19.48 -9.33
C GLY A 48 0.23 18.42 -8.25
N THR A 49 1.46 18.27 -7.78
CA THR A 49 1.74 17.33 -6.68
C THR A 49 0.89 17.70 -5.46
N THR A 50 0.82 18.99 -5.18
CA THR A 50 0.07 19.48 -4.03
C THR A 50 -1.41 19.14 -4.18
N GLY A 51 -1.88 19.02 -5.42
CA GLY A 51 -3.27 18.71 -5.69
C GLY A 51 -3.51 17.20 -5.82
N GLU A 52 -2.54 16.41 -5.40
CA GLU A 52 -2.67 14.94 -5.40
C GLU A 52 -3.06 14.34 -6.75
N SER A 53 -2.39 14.82 -7.81
CA SER A 53 -2.67 14.33 -9.16
C SER A 53 -2.63 12.80 -9.28
N PRO A 54 -1.74 12.13 -8.52
CA PRO A 54 -1.65 10.68 -8.68
C PRO A 54 -2.94 9.92 -8.33
N THR A 55 -3.78 10.50 -7.49
CA THR A 55 -4.96 9.77 -7.02
C THR A 55 -6.29 10.38 -7.45
N VAL A 56 -6.26 11.37 -8.34
CA VAL A 56 -7.47 11.98 -8.87
C VAL A 56 -7.78 11.34 -10.25
N ASN A 57 -8.98 10.80 -10.42
CA ASN A 57 -9.29 10.06 -11.64
C ASN A 57 -9.71 10.96 -12.80
N GLU A 58 -9.85 10.39 -13.99
CA GLU A 58 -10.09 11.19 -15.19
C GLU A 58 -11.35 12.05 -15.11
N ASP A 59 -12.45 11.46 -14.69
CA ASP A 59 -13.71 12.21 -14.56
C ASP A 59 -13.57 13.34 -13.54
N GLU A 60 -12.89 13.06 -12.44
CA GLU A 60 -12.62 14.09 -11.42
C GLU A 60 -11.74 15.22 -11.94
N ARG A 61 -10.70 14.89 -12.71
CA ARG A 61 -9.86 15.93 -13.32
C ARG A 61 -10.71 16.89 -14.14
N GLU A 62 -11.56 16.34 -15.02
CA GLU A 62 -12.38 17.19 -15.89
C GLU A 62 -13.30 18.11 -15.08
N LYS A 63 -13.92 17.55 -14.05
CA LYS A 63 -14.81 18.30 -13.17
C LYS A 63 -14.05 19.44 -12.49
N LEU A 64 -12.87 19.12 -11.94
CA LEU A 64 -12.10 20.10 -11.19
C LEU A 64 -11.58 21.23 -12.09
N VAL A 65 -11.07 20.87 -13.26
CA VAL A 65 -10.57 21.87 -14.21
C VAL A 65 -11.71 22.78 -14.69
N SER A 66 -12.83 22.19 -15.09
CA SER A 66 -13.97 22.96 -15.56
C SER A 66 -14.48 23.93 -14.50
N ARG A 67 -14.65 23.43 -13.28
CA ARG A 67 -15.10 24.27 -12.19
C ARG A 67 -14.11 25.42 -11.92
N THR A 68 -12.83 25.11 -11.97
CA THR A 68 -11.83 26.15 -11.73
C THR A 68 -11.99 27.29 -12.73
N LEU A 69 -12.09 26.92 -14.00
CA LEU A 69 -12.24 27.90 -15.08
C LEU A 69 -13.48 28.74 -14.93
N GLU A 70 -14.58 28.11 -14.50
CA GLU A 70 -15.82 28.84 -14.22
C GLU A 70 -15.63 29.89 -13.12
N ILE A 71 -14.96 29.51 -12.05
CA ILE A 71 -14.77 30.43 -10.93
C ILE A 71 -13.85 31.57 -11.33
N VAL A 72 -12.71 31.21 -11.93
CA VAL A 72 -11.67 32.19 -12.25
C VAL A 72 -12.13 33.15 -13.33
N ASP A 73 -12.86 32.64 -14.31
CA ASP A 73 -13.43 33.50 -15.34
C ASP A 73 -12.40 34.39 -16.04
N GLY A 74 -11.22 33.84 -16.31
CA GLY A 74 -10.20 34.56 -17.04
C GLY A 74 -9.42 35.63 -16.30
N LYS A 75 -9.66 35.78 -15.00
CA LYS A 75 -8.90 36.77 -14.23
C LYS A 75 -7.39 36.46 -14.19
N ILE A 76 -7.05 35.18 -14.05
CA ILE A 76 -5.65 34.73 -14.02
C ILE A 76 -5.52 33.42 -14.80
N PRO A 77 -4.30 33.07 -15.29
CA PRO A 77 -4.24 31.83 -16.07
C PRO A 77 -4.47 30.60 -15.19
N VAL A 78 -5.08 29.59 -15.79
CA VAL A 78 -5.27 28.32 -15.11
C VAL A 78 -4.35 27.30 -15.79
N ILE A 79 -3.46 26.72 -14.99
CA ILE A 79 -2.42 25.84 -15.50
C ILE A 79 -2.61 24.46 -14.87
N VAL A 80 -2.67 23.42 -15.71
CA VAL A 80 -3.09 22.10 -15.25
C VAL A 80 -1.91 21.10 -15.23
N GLY A 81 -1.73 20.42 -14.10
CA GLY A 81 -0.70 19.40 -13.99
C GLY A 81 -1.13 18.25 -14.88
N ALA A 82 -0.28 17.86 -15.83
CA ALA A 82 -0.67 16.90 -16.85
C ALA A 82 0.58 16.21 -17.37
N GLY A 83 1.34 15.58 -16.51
CA GLY A 83 2.53 14.85 -16.94
C GLY A 83 2.64 13.53 -16.23
N THR A 84 2.93 12.46 -16.99
CA THR A 84 3.29 11.19 -16.39
C THR A 84 4.67 10.80 -16.90
N ASN A 85 5.07 9.56 -16.65
CA ASN A 85 6.37 9.10 -17.14
C ASN A 85 6.28 8.38 -18.49
N SER A 86 5.09 8.43 -19.10
CA SER A 86 4.88 7.95 -20.47
C SER A 86 4.64 9.15 -21.39
N THR A 87 5.42 9.27 -22.45
CA THR A 87 5.27 10.40 -23.36
C THR A 87 3.90 10.36 -24.03
N GLU A 88 3.47 9.16 -24.44
CA GLU A 88 2.16 8.97 -25.02
C GLU A 88 1.00 9.38 -24.09
N LYS A 89 1.02 8.85 -22.86
CA LYS A 89 -0.04 9.18 -21.90
C LYS A 89 0.00 10.66 -21.51
N THR A 90 1.19 11.22 -21.42
CA THR A 90 1.32 12.64 -21.10
C THR A 90 0.60 13.48 -22.16
N LEU A 91 0.77 13.13 -23.43
CA LEU A 91 0.12 13.90 -24.49
C LEU A 91 -1.40 13.81 -24.34
N LYS A 92 -1.89 12.63 -24.00
CA LYS A 92 -3.31 12.46 -23.78
C LYS A 92 -3.84 13.40 -22.67
N LEU A 93 -3.14 13.50 -21.55
CA LEU A 93 -3.59 14.41 -20.49
C LEU A 93 -3.51 15.88 -20.93
N VAL A 94 -2.46 16.23 -21.66
CA VAL A 94 -2.31 17.60 -22.16
C VAL A 94 -3.49 17.94 -23.08
N LYS A 95 -3.82 17.04 -23.99
CA LYS A 95 -4.93 17.29 -24.91
C LYS A 95 -6.28 17.40 -24.18
N GLN A 96 -6.46 16.62 -23.12
CA GLN A 96 -7.69 16.72 -22.34
C GLN A 96 -7.80 18.08 -21.65
N ALA A 97 -6.67 18.60 -21.18
CA ALA A 97 -6.66 19.91 -20.53
C ALA A 97 -6.95 21.01 -21.55
N GLU A 98 -6.36 20.87 -22.73
CA GLU A 98 -6.54 21.83 -23.81
C GLU A 98 -8.01 21.89 -24.22
N LYS A 99 -8.61 20.72 -24.39
CA LYS A 99 -10.03 20.61 -24.74
C LYS A 99 -10.93 21.30 -23.70
N LEU A 100 -10.56 21.19 -22.43
CA LEU A 100 -11.36 21.81 -21.36
C LEU A 100 -11.23 23.33 -21.29
N GLY A 101 -10.24 23.89 -21.96
CA GLY A 101 -10.11 25.35 -21.99
C GLY A 101 -9.03 25.88 -21.03
N ALA A 102 -8.16 25.00 -20.59
CA ALA A 102 -7.04 25.41 -19.74
C ALA A 102 -6.12 26.35 -20.51
N ASN A 103 -5.46 27.27 -19.79
CA ASN A 103 -4.48 28.15 -20.42
C ASN A 103 -3.13 27.46 -20.62
N GLY A 104 -2.76 26.57 -19.72
CA GLY A 104 -1.45 25.97 -19.79
C GLY A 104 -1.41 24.61 -19.13
N VAL A 105 -0.29 23.91 -19.31
CA VAL A 105 -0.04 22.66 -18.60
C VAL A 105 1.31 22.66 -17.88
N LEU A 106 1.32 22.06 -16.70
CA LEU A 106 2.55 21.91 -15.93
C LEU A 106 2.93 20.46 -16.12
N VAL A 107 4.09 20.22 -16.73
CA VAL A 107 4.45 18.89 -17.17
C VAL A 107 5.77 18.45 -16.51
N VAL A 108 5.64 17.58 -15.51
CA VAL A 108 6.81 17.12 -14.74
C VAL A 108 7.75 16.29 -15.63
N THR A 109 9.04 16.36 -15.37
CA THR A 109 9.98 15.43 -16.00
C THR A 109 9.51 14.03 -15.61
N PRO A 110 9.44 13.11 -16.57
CA PRO A 110 9.08 11.73 -16.25
C PRO A 110 9.78 11.19 -14.98
N TYR A 111 8.99 10.69 -14.04
CA TYR A 111 9.53 10.15 -12.78
C TYR A 111 9.74 8.65 -12.91
N TYR A 112 10.61 8.13 -12.05
CA TYR A 112 10.78 6.68 -11.88
C TYR A 112 11.59 6.02 -12.99
N ASN A 113 11.30 6.32 -14.26
CA ASN A 113 12.10 5.72 -15.34
C ASN A 113 13.43 6.40 -15.70
N LYS A 114 13.73 7.51 -15.02
CA LYS A 114 15.04 8.20 -15.19
C LYS A 114 15.57 8.38 -16.63
N PRO A 115 14.80 9.08 -17.48
CA PRO A 115 15.25 9.29 -18.86
C PRO A 115 16.52 10.11 -18.93
N THR A 116 17.32 9.86 -19.96
CA THR A 116 18.47 10.68 -20.29
C THR A 116 18.04 12.11 -20.62
N GLN A 117 19.00 13.02 -20.67
CA GLN A 117 18.72 14.41 -21.06
C GLN A 117 18.12 14.50 -22.47
N GLU A 118 18.64 13.73 -23.41
CA GLU A 118 18.07 13.73 -24.76
C GLU A 118 16.64 13.20 -24.72
N GLY A 119 16.39 12.23 -23.83
CA GLY A 119 15.05 11.70 -23.64
C GLY A 119 14.10 12.77 -23.12
N LEU A 120 14.53 13.53 -22.13
CA LEU A 120 13.73 14.65 -21.63
C LEU A 120 13.40 15.63 -22.76
N TYR A 121 14.41 15.96 -23.57
CA TYR A 121 14.20 16.88 -24.67
C TYR A 121 13.14 16.35 -25.65
N GLN A 122 13.28 15.09 -26.03
CA GLN A 122 12.35 14.49 -26.99
C GLN A 122 10.94 14.41 -26.42
N HIS A 123 10.85 14.17 -25.11
CA HIS A 123 9.56 14.13 -24.40
C HIS A 123 8.82 15.46 -24.57
N TYR A 124 9.49 16.54 -24.19
CA TYR A 124 8.89 17.88 -24.36
C TYR A 124 8.64 18.29 -25.81
N LYS A 125 9.55 17.92 -26.70
CA LYS A 125 9.37 18.20 -28.12
C LYS A 125 8.11 17.56 -28.68
N TYR A 126 7.89 16.29 -28.35
CA TYR A 126 6.73 15.55 -28.84
C TYR A 126 5.46 16.25 -28.40
N ILE A 127 5.43 16.66 -27.14
CA ILE A 127 4.27 17.35 -26.59
CA ILE A 127 4.27 17.35 -26.59
C ILE A 127 4.10 18.73 -27.21
N SER A 128 5.20 19.47 -27.25
CA SER A 128 5.23 20.84 -27.80
C SER A 128 4.66 20.91 -29.23
N GLU A 129 4.97 19.90 -30.04
CA GLU A 129 4.55 19.91 -31.46
C GLU A 129 3.08 19.57 -31.65
N ARG A 130 2.42 19.15 -30.59
CA ARG A 130 1.06 18.63 -30.71
C ARG A 130 0.03 19.39 -29.86
N THR A 131 0.41 20.54 -29.33
CA THR A 131 -0.52 21.32 -28.51
C THR A 131 -0.37 22.81 -28.80
N ASP A 132 -1.43 23.59 -28.57
CA ASP A 132 -1.35 25.04 -28.63
C ASP A 132 -1.27 25.70 -27.25
N LEU A 133 -1.22 24.89 -26.19
CA LEU A 133 -1.13 25.42 -24.83
C LEU A 133 0.29 25.89 -24.50
N GLY A 134 0.39 26.80 -23.55
CA GLY A 134 1.68 27.13 -22.96
C GLY A 134 2.06 25.94 -22.10
N ILE A 135 3.32 25.51 -22.19
CA ILE A 135 3.82 24.37 -21.40
C ILE A 135 4.88 24.84 -20.37
N VAL A 136 4.75 24.39 -19.15
CA VAL A 136 5.73 24.70 -18.10
C VAL A 136 6.45 23.42 -17.72
N VAL A 137 7.76 23.36 -17.97
CA VAL A 137 8.58 22.24 -17.51
C VAL A 137 8.64 22.19 -15.98
N TYR A 138 8.52 21.00 -15.39
CA TYR A 138 8.55 20.93 -13.92
C TYR A 138 9.70 20.00 -13.46
N ASN A 139 10.72 20.59 -12.84
CA ASN A 139 11.90 19.85 -12.42
C ASN A 139 11.88 19.66 -10.91
N VAL A 140 11.87 18.41 -10.45
CA VAL A 140 11.81 18.16 -9.00
C VAL A 140 12.52 16.82 -8.68
N PRO A 141 13.87 16.83 -8.75
CA PRO A 141 14.63 15.58 -8.74
C PRO A 141 14.39 14.76 -7.47
N GLY A 142 14.15 15.43 -6.36
CA GLY A 142 13.85 14.76 -5.11
C GLY A 142 12.67 13.80 -5.21
N ARG A 143 11.72 14.08 -6.09
CA ARG A 143 10.53 13.25 -6.24
C ARG A 143 10.63 12.32 -7.44
N THR A 144 11.35 12.74 -8.47
CA THR A 144 11.31 12.03 -9.75
C THR A 144 12.51 11.12 -10.00
N GLY A 145 13.62 11.37 -9.31
CA GLY A 145 14.85 10.65 -9.60
C GLY A 145 15.66 11.16 -10.80
N VAL A 146 15.22 12.27 -11.40
CA VAL A 146 15.99 12.83 -12.53
C VAL A 146 16.07 14.35 -12.42
N ASN A 147 17.18 14.91 -12.87
CA ASN A 147 17.36 16.36 -12.86
C ASN A 147 17.55 16.91 -14.27
N VAL A 148 16.73 17.87 -14.64
CA VAL A 148 16.93 18.57 -15.92
C VAL A 148 18.15 19.45 -15.78
N LEU A 149 19.17 19.22 -16.59
CA LEU A 149 20.35 20.07 -16.54
C LEU A 149 20.01 21.47 -17.07
N PRO A 150 20.61 22.51 -16.48
CA PRO A 150 20.34 23.86 -16.98
C PRO A 150 20.55 23.98 -18.49
N GLU A 151 21.56 23.30 -19.02
CA GLU A 151 21.82 23.31 -20.46
C GLU A 151 20.67 22.67 -21.25
N THR A 152 20.03 21.67 -20.67
CA THR A 152 18.92 20.99 -21.32
C THR A 152 17.70 21.89 -21.28
N ALA A 153 17.49 22.55 -20.14
CA ALA A 153 16.42 23.54 -20.03
C ALA A 153 16.60 24.66 -21.07
N ALA A 154 17.84 25.11 -21.25
CA ALA A 154 18.13 26.16 -22.23
C ALA A 154 17.84 25.72 -23.68
N ARG A 155 18.16 24.47 -23.98
CA ARG A 155 17.88 23.92 -25.32
C ARG A 155 16.37 23.86 -25.58
N ILE A 156 15.62 23.44 -24.58
CA ILE A 156 14.17 23.46 -24.62
C ILE A 156 13.62 24.89 -24.85
N ALA A 157 14.11 25.83 -24.06
CA ALA A 157 13.71 27.23 -24.24
C ALA A 157 14.00 27.76 -25.65
N ALA A 158 15.16 27.42 -26.21
CA ALA A 158 15.50 27.91 -27.55
C ALA A 158 14.65 27.24 -28.65
N ASP A 159 14.37 25.96 -28.50
CA ASP A 159 13.78 25.19 -29.60
C ASP A 159 12.26 25.09 -29.55
N LEU A 160 11.69 25.00 -28.35
CA LEU A 160 10.28 24.66 -28.18
C LEU A 160 9.48 25.91 -27.75
N LYS A 161 8.93 26.61 -28.75
CA LYS A 161 8.42 27.96 -28.53
C LYS A 161 7.20 27.97 -27.60
N ASN A 162 6.49 26.85 -27.63
CA ASN A 162 5.35 26.45 -26.80
C ASN A 162 5.65 26.37 -25.29
N VAL A 163 6.89 26.05 -24.97
CA VAL A 163 7.30 25.92 -23.59
C VAL A 163 7.61 27.31 -23.05
N VAL A 164 6.80 27.78 -22.10
CA VAL A 164 6.90 29.17 -21.65
C VAL A 164 7.83 29.38 -20.49
N GLY A 165 8.14 28.31 -19.78
CA GLY A 165 8.99 28.44 -18.63
C GLY A 165 9.20 27.14 -17.88
N ILE A 166 9.79 27.27 -16.72
CA ILE A 166 10.13 26.10 -15.93
C ILE A 166 9.90 26.39 -14.45
N LYS A 167 9.33 25.40 -13.77
CA LYS A 167 9.17 25.43 -12.34
C LYS A 167 10.36 24.67 -11.78
N GLU A 168 11.26 25.39 -11.12
CA GLU A 168 12.55 24.82 -10.73
C GLU A 168 12.50 24.42 -9.26
N ALA A 169 12.28 23.13 -9.00
CA ALA A 169 12.22 22.69 -7.61
C ALA A 169 13.47 21.94 -7.14
N ASN A 170 14.55 22.00 -7.92
CA ASN A 170 15.83 21.55 -7.42
C ASN A 170 16.31 22.66 -6.47
N PRO A 171 16.50 22.34 -5.18
CA PRO A 171 16.82 23.38 -4.18
C PRO A 171 18.26 23.89 -4.25
N ASP A 172 19.09 23.26 -5.07
CA ASP A 172 20.51 23.61 -5.17
C ASP A 172 20.65 25.00 -5.79
N ILE A 173 21.26 25.93 -5.05
CA ILE A 173 21.38 27.30 -5.57
C ILE A 173 22.20 27.38 -6.87
N ASP A 174 23.19 26.51 -7.03
CA ASP A 174 23.94 26.45 -8.29
CA ASP A 174 23.95 26.47 -8.29
C ASP A 174 23.00 26.18 -9.46
N GLN A 175 22.10 25.23 -9.27
CA GLN A 175 21.11 24.90 -10.29
C GLN A 175 20.15 26.07 -10.52
N ILE A 176 19.62 26.65 -9.45
CA ILE A 176 18.71 27.79 -9.60
C ILE A 176 19.38 28.92 -10.41
N ASP A 177 20.60 29.27 -10.00
CA ASP A 177 21.38 30.32 -10.64
C ASP A 177 21.57 30.07 -12.16
N ARG A 178 21.98 28.86 -12.51
CA ARG A 178 22.31 28.53 -13.90
C ARG A 178 21.06 28.30 -14.74
N THR A 179 20.03 27.71 -14.15
CA THR A 179 18.76 27.58 -14.86
C THR A 179 18.22 28.95 -15.25
N VAL A 180 18.21 29.89 -14.31
CA VAL A 180 17.77 31.24 -14.66
C VAL A 180 18.63 31.85 -15.78
N SER A 181 19.95 31.82 -15.57
CA SER A 181 20.91 32.43 -16.47
C SER A 181 20.91 31.83 -17.88
N LEU A 182 20.96 30.50 -17.97
CA LEU A 182 21.03 29.86 -19.29
C LEU A 182 19.73 29.92 -20.10
N THR A 183 18.58 29.68 -19.47
CA THR A 183 17.33 29.73 -20.23
C THR A 183 17.04 31.14 -20.75
N LYS A 184 17.32 32.15 -19.93
CA LYS A 184 17.01 33.52 -20.34
C LYS A 184 17.96 34.03 -21.43
N GLN A 185 19.18 33.52 -21.43
CA GLN A 185 20.12 33.77 -22.53
C GLN A 185 19.62 33.13 -23.82
N ALA A 186 19.02 31.96 -23.71
CA ALA A 186 18.54 31.24 -24.88
C ALA A 186 17.27 31.91 -25.41
N ARG A 187 16.44 32.38 -24.49
CA ARG A 187 15.22 33.06 -24.89
C ARG A 187 14.84 34.03 -23.80
N SER A 188 14.95 35.32 -24.10
CA SER A 188 14.90 36.34 -23.06
C SER A 188 13.58 36.40 -22.27
N ASP A 189 12.49 35.90 -22.85
CA ASP A 189 11.21 35.95 -22.13
C ASP A 189 10.77 34.61 -21.53
N PHE A 190 11.68 33.64 -21.53
CA PHE A 190 11.43 32.36 -20.85
C PHE A 190 11.29 32.62 -19.33
N MET A 191 10.21 32.14 -18.71
CA MET A 191 9.99 32.37 -17.28
C MET A 191 10.66 31.28 -16.42
N VAL A 192 11.18 31.68 -15.26
CA VAL A 192 11.67 30.69 -14.29
C VAL A 192 11.04 30.98 -12.94
N TRP A 193 10.20 30.07 -12.48
CA TRP A 193 9.51 30.20 -11.21
C TRP A 193 10.06 29.21 -10.18
N SER A 194 10.20 29.65 -8.94
CA SER A 194 10.66 28.74 -7.91
C SER A 194 9.63 27.63 -7.69
N GLY A 195 10.09 26.39 -7.56
CA GLY A 195 9.21 25.33 -7.12
C GLY A 195 9.39 25.01 -5.64
N ASN A 196 10.16 25.85 -4.95
CA ASN A 196 10.32 25.76 -3.50
C ASN A 196 10.04 27.11 -2.82
N ASP A 197 9.04 27.12 -1.93
CA ASP A 197 8.70 28.37 -1.25
C ASP A 197 9.93 29.03 -0.63
N ASP A 198 10.76 28.24 0.05
CA ASP A 198 11.88 28.81 0.78
C ASP A 198 13.08 29.17 -0.10
N ARG A 199 12.94 28.98 -1.42
CA ARG A 199 13.98 29.37 -2.38
C ARG A 199 13.53 30.61 -3.16
N THR A 200 12.28 31.00 -2.98
CA THR A 200 11.69 32.10 -3.77
C THR A 200 12.54 33.37 -3.73
N PHE A 201 12.85 33.84 -2.53
CA PHE A 201 13.64 35.07 -2.40
C PHE A 201 14.94 35.01 -3.21
N TYR A 202 15.67 33.91 -3.08
CA TYR A 202 16.94 33.79 -3.78
C TYR A 202 16.77 33.61 -5.29
N LEU A 203 15.72 32.92 -5.71
CA LEU A 203 15.43 32.79 -7.13
C LEU A 203 15.06 34.16 -7.75
N LEU A 204 14.38 35.00 -6.98
CA LEU A 204 14.15 36.38 -7.42
C LEU A 204 15.48 37.12 -7.57
N CYS A 205 16.36 36.94 -6.59
CA CYS A 205 17.70 37.54 -6.64
C CYS A 205 18.51 37.06 -7.85
N ALA A 206 18.29 35.81 -8.23
CA ALA A 206 19.00 35.22 -9.37
C ALA A 206 18.47 35.77 -10.70
N GLY A 207 17.32 36.43 -10.66
CA GLY A 207 16.72 36.98 -11.87
C GLY A 207 15.44 36.30 -12.33
N GLY A 208 14.88 35.46 -11.46
CA GLY A 208 13.67 34.72 -11.76
C GLY A 208 12.34 35.44 -11.64
N ASP A 209 11.25 34.71 -11.78
CA ASP A 209 9.95 35.33 -12.06
C ASP A 209 8.88 35.13 -11.01
N GLY A 210 9.22 34.41 -9.96
CA GLY A 210 8.25 34.20 -8.89
C GLY A 210 8.28 32.80 -8.38
N VAL A 211 7.10 32.26 -8.06
CA VAL A 211 7.02 30.98 -7.39
C VAL A 211 5.71 30.32 -7.72
N ILE A 212 5.78 29.01 -7.91
CA ILE A 212 4.61 28.17 -7.91
C ILE A 212 4.62 27.51 -6.54
N SER A 213 3.65 27.88 -5.73
CA SER A 213 3.77 27.89 -4.27
C SER A 213 2.83 26.92 -3.55
N VAL A 214 3.30 26.33 -2.46
CA VAL A 214 2.44 25.58 -1.54
C VAL A 214 1.95 26.49 -0.43
N VAL A 215 2.87 27.29 0.11
CA VAL A 215 2.53 28.21 1.21
C VAL A 215 1.34 29.10 0.89
N SER A 216 1.24 29.54 -0.36
CA SER A 216 0.17 30.47 -0.72
C SER A 216 -1.24 29.86 -0.58
N ASN A 217 -1.34 28.54 -0.42
CA ASN A 217 -2.62 27.92 -0.09
C ASN A 217 -3.21 28.54 1.18
N VAL A 218 -2.36 28.71 2.19
CA VAL A 218 -2.78 29.25 3.47
C VAL A 218 -2.46 30.73 3.65
N ALA A 219 -1.38 31.20 3.02
CA ALA A 219 -0.96 32.59 3.17
C ALA A 219 -0.71 33.29 1.85
N PRO A 220 -1.76 33.42 1.02
CA PRO A 220 -1.55 33.98 -0.33
C PRO A 220 -1.06 35.44 -0.29
N LYS A 221 -1.62 36.26 0.59
CA LYS A 221 -1.27 37.69 0.57
C LYS A 221 0.20 37.86 0.88
N GLN A 222 0.68 37.10 1.85
CA GLN A 222 2.06 37.20 2.29
C GLN A 222 3.05 36.75 1.21
N MET A 223 2.79 35.60 0.57
CA MET A 223 3.61 35.18 -0.58
C MET A 223 3.58 36.21 -1.72
N VAL A 224 2.42 36.76 -1.98
CA VAL A 224 2.29 37.79 -3.01
C VAL A 224 3.13 39.00 -2.64
N GLU A 225 3.02 39.42 -1.38
CA GLU A 225 3.83 40.52 -0.87
C GLU A 225 5.33 40.26 -1.00
N LEU A 226 5.76 39.03 -0.70
CA LEU A 226 7.17 38.70 -0.85
C LEU A 226 7.64 39.05 -2.26
N CYS A 227 6.92 38.58 -3.26
CA CYS A 227 7.29 38.85 -4.64
C CYS A 227 7.11 40.33 -4.99
N ALA A 228 5.98 40.90 -4.59
CA ALA A 228 5.66 42.28 -4.96
C ALA A 228 6.68 43.28 -4.39
N GLU A 229 7.13 43.04 -3.17
CA GLU A 229 8.13 43.91 -2.57
C GLU A 229 9.45 43.83 -3.34
N TYR A 230 9.84 42.62 -3.77
CA TYR A 230 11.06 42.44 -4.54
C TYR A 230 10.98 43.22 -5.86
N PHE A 231 9.90 43.01 -6.60
CA PHE A 231 9.73 43.65 -7.90
C PHE A 231 9.68 45.17 -7.76
N SER A 232 9.25 45.65 -6.60
CA SER A 232 9.19 47.09 -6.35
C SER A 232 10.57 47.68 -6.07
N GLY A 233 11.57 46.81 -5.97
CA GLY A 233 12.91 47.25 -5.64
C GLY A 233 13.10 47.44 -4.14
N ASN A 234 12.18 46.89 -3.35
CA ASN A 234 12.35 46.96 -1.90
C ASN A 234 12.88 45.62 -1.38
N LEU A 235 14.17 45.40 -1.61
CA LEU A 235 14.80 44.14 -1.28
C LEU A 235 14.66 43.82 0.21
N GLU A 236 14.85 44.83 1.05
CA GLU A 236 14.77 44.67 2.50
C GLU A 236 13.39 44.22 2.98
N LYS A 237 12.32 44.78 2.43
CA LYS A 237 10.99 44.35 2.84
C LYS A 237 10.71 42.93 2.37
N SER A 238 11.13 42.60 1.15
CA SER A 238 10.97 41.25 0.63
C SER A 238 11.66 40.24 1.56
N ALA A 239 12.87 40.57 1.98
CA ALA A 239 13.63 39.70 2.88
C ALA A 239 12.96 39.54 4.25
N GLU A 240 12.40 40.64 4.77
CA GLU A 240 11.66 40.60 6.03
C GLU A 240 10.45 39.70 5.91
N VAL A 241 9.75 39.78 4.77
CA VAL A 241 8.59 38.94 4.54
C VAL A 241 9.00 37.47 4.50
N HIS A 242 10.10 37.21 3.79
CA HIS A 242 10.70 35.88 3.72
C HIS A 242 11.06 35.36 5.12
N ALA A 243 11.61 36.23 5.95
CA ALA A 243 11.97 35.87 7.32
C ALA A 243 10.74 35.50 8.14
N LYS A 244 9.72 36.34 8.06
CA LYS A 244 8.45 36.15 8.78
C LYS A 244 7.78 34.83 8.42
N LEU A 245 7.88 34.44 7.15
CA LEU A 245 7.22 33.25 6.64
C LEU A 245 8.02 31.96 6.87
N ARG A 246 9.25 32.10 7.32
CA ARG A 246 10.13 30.94 7.44
C ARG A 246 9.51 29.79 8.24
N PRO A 247 9.00 30.08 9.44
CA PRO A 247 8.45 29.00 10.26
C PRO A 247 7.35 28.25 9.52
N LEU A 248 6.51 28.99 8.79
CA LEU A 248 5.44 28.35 8.03
C LEU A 248 6.00 27.59 6.83
N MET A 249 6.97 28.18 6.15
CA MET A 249 7.62 27.49 5.03
C MET A 249 8.16 26.12 5.44
N LYS A 250 8.82 26.05 6.59
CA LYS A 250 9.40 24.80 7.06
C LYS A 250 8.32 23.85 7.57
N ALA A 251 7.33 24.38 8.27
CA ALA A 251 6.34 23.49 8.88
C ALA A 251 5.52 22.74 7.84
N LEU A 252 5.38 23.32 6.66
CA LEU A 252 4.53 22.71 5.64
C LEU A 252 5.21 21.53 4.96
N PHE A 253 6.46 21.27 5.35
CA PHE A 253 7.21 20.17 4.76
C PHE A 253 7.77 19.17 5.78
N VAL A 254 7.31 19.25 7.03
CA VAL A 254 7.81 18.34 8.08
C VAL A 254 7.35 16.92 7.79
N GLU A 255 6.25 16.79 7.06
CA GLU A 255 5.89 15.55 6.41
C GLU A 255 5.63 15.87 4.94
N THR A 256 5.63 14.84 4.10
CA THR A 256 5.46 15.03 2.66
C THR A 256 4.24 15.88 2.30
N ASN A 257 4.50 16.91 1.52
CA ASN A 257 3.45 17.75 0.94
C ASN A 257 2.57 16.90 0.01
N PRO A 258 1.23 17.06 0.05
CA PRO A 258 0.41 18.03 0.79
C PRO A 258 -0.14 17.57 2.17
N ILE A 259 0.51 16.66 2.86
CA ILE A 259 -0.01 16.22 4.15
C ILE A 259 -0.14 17.38 5.16
N PRO A 260 0.94 18.16 5.37
CA PRO A 260 0.82 19.30 6.31
C PRO A 260 -0.12 20.38 5.81
N VAL A 261 -0.06 20.73 4.52
CA VAL A 261 -0.87 21.86 4.05
C VAL A 261 -2.37 21.56 4.17
N LYS A 262 -2.76 20.32 3.91
CA LYS A 262 -4.15 19.95 4.13
C LYS A 262 -4.53 20.01 5.61
N ALA A 263 -3.61 19.62 6.49
CA ALA A 263 -3.91 19.72 7.92
C ALA A 263 -4.08 21.19 8.32
N ALA A 264 -3.22 22.05 7.76
CA ALA A 264 -3.30 23.48 8.07
C ALA A 264 -4.62 24.08 7.55
N LEU A 265 -4.98 23.77 6.31
CA LEU A 265 -6.24 24.28 5.75
C LEU A 265 -7.45 23.76 6.52
N ASN A 266 -7.34 22.56 7.06
CA ASN A 266 -8.41 22.04 7.92
C ASN A 266 -8.49 22.82 9.25
N LEU A 267 -7.33 23.11 9.85
CA LEU A 267 -7.30 23.93 11.06
C LEU A 267 -7.98 25.28 10.82
N MET A 268 -7.77 25.83 9.63
CA MET A 268 -8.30 27.15 9.28
C MET A 268 -9.77 27.09 8.83
N GLY A 269 -10.32 25.88 8.78
CA GLY A 269 -11.72 25.67 8.48
C GLY A 269 -12.10 25.63 7.01
N PHE A 270 -11.13 25.43 6.11
CA PHE A 270 -11.40 25.49 4.67
C PHE A 270 -11.82 24.15 4.10
N ILE A 271 -11.24 23.07 4.61
CA ILE A 271 -11.43 21.73 4.03
C ILE A 271 -11.50 20.68 5.13
N GLU A 272 -11.89 19.46 4.73
CA GLU A 272 -11.75 18.28 5.57
C GLU A 272 -10.32 17.78 5.45
N ASN A 273 -9.80 17.19 6.52
CA ASN A 273 -8.43 16.69 6.52
C ASN A 273 -8.37 15.27 5.94
N GLU A 274 -8.72 15.17 4.67
CA GLU A 274 -8.83 13.89 3.97
C GLU A 274 -7.90 13.85 2.77
N LEU A 275 -7.12 12.78 2.68
CA LEU A 275 -6.18 12.56 1.59
C LEU A 275 -6.44 11.16 1.06
N ARG A 276 -5.81 10.80 -0.06
CA ARG A 276 -6.01 9.46 -0.60
C ARG A 276 -4.74 8.61 -0.50
N LEU A 277 -4.90 7.33 -0.15
CA LEU A 277 -3.75 6.43 -0.02
C LEU A 277 -2.97 6.45 -1.33
N PRO A 278 -1.64 6.39 -1.25
CA PRO A 278 -0.85 6.10 -0.04
C PRO A 278 -0.60 7.30 0.90
N LEU A 279 -1.23 8.46 0.66
CA LEU A 279 -1.08 9.57 1.60
C LEU A 279 -2.06 9.39 2.76
N VAL A 280 -1.69 9.86 3.94
CA VAL A 280 -2.53 9.71 5.14
C VAL A 280 -2.43 11.02 5.92
N PRO A 281 -3.41 11.27 6.80
CA PRO A 281 -3.44 12.53 7.57
C PRO A 281 -2.18 12.75 8.41
N ALA A 282 -1.87 14.03 8.64
CA ALA A 282 -0.73 14.48 9.43
C ALA A 282 -0.74 13.88 10.83
N SER A 283 0.45 13.69 11.38
CA SER A 283 0.57 13.24 12.77
C SER A 283 0.15 14.34 13.72
N GLU A 284 -0.15 13.95 14.95
CA GLU A 284 -0.55 14.90 15.97
C GLU A 284 0.55 15.94 16.18
N LYS A 285 1.80 15.53 16.14
CA LYS A 285 2.92 16.46 16.28
C LYS A 285 2.95 17.52 15.17
N THR A 286 2.71 17.09 13.94
CA THR A 286 2.68 18.02 12.82
C THR A 286 1.55 19.03 13.00
N VAL A 287 0.37 18.54 13.35
CA VAL A 287 -0.80 19.40 13.56
C VAL A 287 -0.54 20.44 14.65
N GLU A 288 0.11 20.03 15.74
CA GLU A 288 0.42 20.95 16.82
C GLU A 288 1.42 21.99 16.36
N LEU A 289 2.41 21.58 15.59
CA LEU A 289 3.37 22.52 15.05
C LEU A 289 2.66 23.56 14.18
N LEU A 290 1.78 23.10 13.29
CA LEU A 290 1.05 24.01 12.39
C LEU A 290 0.15 24.99 13.12
N ARG A 291 -0.54 24.51 14.13
CA ARG A 291 -1.40 25.36 14.94
C ARG A 291 -0.62 26.55 15.49
N ASN A 292 0.54 26.26 16.07
CA ASN A 292 1.35 27.30 16.71
C ASN A 292 1.90 28.30 15.69
N VAL A 293 2.42 27.79 14.58
CA VAL A 293 3.00 28.62 13.55
C VAL A 293 1.93 29.47 12.87
N LEU A 294 0.78 28.87 12.60
CA LEU A 294 -0.33 29.63 12.03
C LEU A 294 -0.77 30.76 12.98
N LYS A 295 -0.96 30.44 14.26
CA LYS A 295 -1.31 31.46 15.25
C LYS A 295 -0.25 32.55 15.30
N GLU A 296 1.03 32.16 15.33
CA GLU A 296 2.11 33.15 15.36
C GLU A 296 2.17 34.01 14.09
N SER A 297 1.61 33.49 13.00
CA SER A 297 1.59 34.21 11.73
C SER A 297 0.29 34.99 11.53
N GLY A 298 -0.57 34.98 12.54
CA GLY A 298 -1.85 35.66 12.46
C GLY A 298 -2.84 35.03 11.49
N LEU A 299 -2.67 33.75 11.20
CA LEU A 299 -3.57 33.05 10.26
C LEU A 299 -4.59 32.19 10.97
N LEU A 300 -4.44 32.08 12.28
CA LEU A 300 -5.32 31.25 13.09
C LEU A 300 -5.51 31.91 14.45
N ASP B 3 0.92 -19.58 -2.05
CA ASP B 3 1.54 -20.50 -3.00
C ASP B 3 3.07 -20.42 -2.94
N PRO B 4 3.71 -21.48 -2.41
CA PRO B 4 5.17 -21.58 -2.27
C PRO B 4 5.90 -21.55 -3.61
N PHE B 5 5.15 -21.71 -4.69
CA PHE B 5 5.73 -21.62 -6.03
C PHE B 5 6.46 -20.28 -6.25
N THR B 6 5.92 -19.20 -5.69
CA THR B 6 6.53 -17.88 -5.87
C THR B 6 7.74 -17.64 -4.99
N MET B 7 7.92 -18.49 -3.99
CA MET B 7 9.03 -18.36 -3.06
C MET B 7 10.31 -18.93 -3.66
N PHE B 8 10.75 -18.37 -4.78
CA PHE B 8 11.94 -18.88 -5.47
C PHE B 8 13.23 -18.45 -4.77
N ARG B 9 14.27 -19.26 -4.91
CA ARG B 9 15.60 -18.87 -4.50
C ARG B 9 16.49 -18.86 -5.73
N GLY B 10 17.48 -17.98 -5.75
CA GLY B 10 18.34 -17.86 -6.90
C GLY B 10 18.00 -16.64 -7.74
N VAL B 11 17.90 -16.85 -9.04
CA VAL B 11 17.78 -15.76 -9.99
C VAL B 11 16.39 -15.62 -10.59
N GLY B 12 15.78 -14.46 -10.40
CA GLY B 12 14.60 -14.11 -11.15
C GLY B 12 14.97 -13.03 -12.15
N THR B 13 14.79 -13.28 -13.44
CA THR B 13 15.20 -12.31 -14.45
C THR B 13 14.11 -11.24 -14.62
N ALA B 14 14.48 -9.97 -14.42
CA ALA B 14 13.61 -8.85 -14.81
C ALA B 14 13.75 -8.65 -16.32
N ILE B 15 12.89 -9.32 -17.07
CA ILE B 15 13.07 -9.45 -18.50
C ILE B 15 12.66 -8.18 -19.24
N VAL B 16 13.41 -7.81 -20.27
CA VAL B 16 13.02 -6.66 -21.12
C VAL B 16 11.73 -6.92 -21.89
N THR B 17 11.09 -5.86 -22.36
CA THR B 17 9.99 -5.96 -23.32
C THR B 17 10.46 -5.52 -24.71
N PRO B 18 10.70 -6.49 -25.62
CA PRO B 18 11.18 -6.15 -26.96
C PRO B 18 10.10 -5.45 -27.78
N PHE B 19 10.52 -4.44 -28.54
CA PHE B 19 9.62 -3.72 -29.43
C PHE B 19 10.18 -3.81 -30.84
N LYS B 20 9.29 -3.73 -31.82
CA LYS B 20 9.74 -3.58 -33.19
C LYS B 20 8.75 -2.72 -33.99
N ASN B 21 9.27 -1.65 -34.59
CA ASN B 21 8.43 -0.75 -35.37
C ASN B 21 7.26 -0.23 -34.57
N GLY B 22 7.52 0.01 -33.30
CA GLY B 22 6.54 0.58 -32.40
C GLY B 22 5.58 -0.41 -31.78
N GLU B 23 5.72 -1.70 -32.07
CA GLU B 23 4.84 -2.69 -31.47
C GLU B 23 5.64 -3.65 -30.64
N LEU B 24 4.94 -4.47 -29.87
CA LEU B 24 5.55 -5.60 -29.19
C LEU B 24 6.21 -6.52 -30.19
N ASP B 25 7.41 -6.97 -29.88
CA ASP B 25 8.09 -7.97 -30.70
C ASP B 25 8.05 -9.27 -29.90
N LEU B 26 6.95 -10.01 -30.04
CA LEU B 26 6.75 -11.22 -29.25
C LEU B 26 7.58 -12.44 -29.69
N GLU B 27 7.99 -12.46 -30.96
CA GLU B 27 8.88 -13.52 -31.44
C GLU B 27 10.28 -13.39 -30.83
N SER B 28 10.81 -12.17 -30.80
CA SER B 28 12.06 -11.92 -30.09
C SER B 28 11.92 -12.19 -28.59
N TYR B 29 10.78 -11.79 -28.03
CA TYR B 29 10.54 -12.01 -26.61
C TYR B 29 10.59 -13.51 -26.31
N GLU B 30 9.95 -14.32 -27.16
CA GLU B 30 9.94 -15.76 -26.95
C GLU B 30 11.36 -16.33 -26.96
N ARG B 31 12.20 -15.88 -27.88
CA ARG B 31 13.60 -16.32 -27.89
C ARG B 31 14.29 -15.99 -26.58
N LEU B 32 14.05 -14.79 -26.07
CA LEU B 32 14.65 -14.39 -24.80
CA LEU B 32 14.64 -14.38 -24.80
C LEU B 32 14.15 -15.27 -23.66
N VAL B 33 12.84 -15.50 -23.60
CA VAL B 33 12.29 -16.37 -22.58
C VAL B 33 12.94 -17.76 -22.63
N ARG B 34 13.09 -18.32 -23.83
CA ARG B 34 13.69 -19.66 -23.96
C ARG B 34 15.17 -19.65 -23.53
N TYR B 35 15.90 -18.59 -23.87
CA TYR B 35 17.28 -18.42 -23.38
C TYR B 35 17.33 -18.44 -21.86
N GLN B 36 16.32 -17.85 -21.22
CA GLN B 36 16.29 -17.81 -19.76
C GLN B 36 16.06 -19.20 -19.20
N LEU B 37 15.08 -19.90 -19.77
CA LEU B 37 14.71 -21.24 -19.33
C LEU B 37 15.88 -22.22 -19.52
N GLU B 38 16.53 -22.11 -20.66
CA GLU B 38 17.62 -23.00 -21.02
C GLU B 38 18.78 -22.86 -20.03
N ASN B 39 18.88 -21.69 -19.42
CA ASN B 39 20.02 -21.38 -18.59
C ASN B 39 19.77 -21.45 -17.07
N GLY B 40 18.63 -22.01 -16.69
CA GLY B 40 18.39 -22.37 -15.30
C GLY B 40 17.90 -21.27 -14.37
N VAL B 41 17.37 -20.17 -14.91
CA VAL B 41 16.81 -19.14 -14.02
C VAL B 41 15.59 -19.70 -13.29
N ASN B 42 15.37 -19.21 -12.07
CA ASN B 42 14.36 -19.75 -11.17
C ASN B 42 13.04 -18.98 -11.20
N ALA B 43 13.01 -17.85 -11.87
CA ALA B 43 11.77 -17.07 -11.95
C ALA B 43 11.87 -16.02 -13.05
N LEU B 44 10.71 -15.55 -13.54
CA LEU B 44 10.71 -14.44 -14.47
C LEU B 44 9.87 -13.31 -13.88
N ILE B 45 10.41 -12.10 -13.91
CA ILE B 45 9.66 -10.92 -13.52
C ILE B 45 9.37 -10.14 -14.79
N VAL B 46 8.10 -10.00 -15.11
CA VAL B 46 7.68 -9.39 -16.38
C VAL B 46 7.07 -8.02 -16.08
N LEU B 47 7.36 -7.05 -16.93
CA LEU B 47 6.84 -5.70 -16.76
C LEU B 47 7.32 -5.07 -15.47
N GLY B 48 8.59 -5.31 -15.14
CA GLY B 48 9.24 -4.51 -14.12
C GLY B 48 9.84 -3.27 -14.77
N THR B 49 10.73 -2.59 -14.06
CA THR B 49 11.36 -1.40 -14.59
C THR B 49 12.14 -1.76 -15.88
N THR B 50 12.84 -2.88 -15.85
CA THR B 50 13.62 -3.34 -16.99
C THR B 50 12.72 -3.64 -18.19
N GLY B 51 11.45 -3.95 -17.93
CA GLY B 51 10.49 -4.25 -18.98
C GLY B 51 9.71 -3.04 -19.44
N GLU B 52 10.16 -1.85 -19.03
CA GLU B 52 9.50 -0.62 -19.48
C GLU B 52 8.00 -0.58 -19.14
N SER B 53 7.64 -1.04 -17.94
CA SER B 53 6.23 -1.03 -17.54
C SER B 53 5.53 0.31 -17.76
N PRO B 54 6.26 1.44 -17.61
CA PRO B 54 5.55 2.72 -17.77
C PRO B 54 4.96 2.98 -19.16
N THR B 55 5.51 2.35 -20.19
CA THR B 55 5.09 2.66 -21.56
C THR B 55 4.46 1.48 -22.29
N VAL B 56 4.10 0.43 -21.56
CA VAL B 56 3.43 -0.72 -22.16
C VAL B 56 1.94 -0.65 -21.79
N ASN B 57 1.08 -0.56 -22.80
CA ASN B 57 -0.34 -0.37 -22.52
C ASN B 57 -1.05 -1.65 -22.02
N GLU B 58 -2.30 -1.50 -21.59
CA GLU B 58 -3.04 -2.62 -20.97
C GLU B 58 -3.19 -3.82 -21.91
N ASP B 59 -3.53 -3.56 -23.16
CA ASP B 59 -3.67 -4.61 -24.16
C ASP B 59 -2.34 -5.36 -24.38
N GLU B 60 -1.26 -4.59 -24.46
CA GLU B 60 0.07 -5.16 -24.59
C GLU B 60 0.49 -5.96 -23.35
N ARG B 61 0.18 -5.44 -22.16
CA ARG B 61 0.41 -6.18 -20.92
C ARG B 61 -0.24 -7.57 -20.97
N GLU B 62 -1.49 -7.64 -21.44
CA GLU B 62 -2.18 -8.92 -21.55
C GLU B 62 -1.43 -9.86 -22.51
N LYS B 63 -1.09 -9.36 -23.70
CA LYS B 63 -0.42 -10.20 -24.69
C LYS B 63 0.90 -10.70 -24.16
N LEU B 64 1.61 -9.82 -23.45
CA LEU B 64 2.96 -10.17 -23.01
C LEU B 64 2.92 -11.21 -21.89
N VAL B 65 2.03 -11.01 -20.93
CA VAL B 65 1.89 -11.95 -19.82
C VAL B 65 1.37 -13.32 -20.30
N SER B 66 0.36 -13.31 -21.17
CA SER B 66 -0.18 -14.56 -21.73
C SER B 66 0.90 -15.32 -22.48
N ARG B 67 1.62 -14.63 -23.36
CA ARG B 67 2.68 -15.31 -24.10
C ARG B 67 3.72 -15.89 -23.13
N THR B 68 4.06 -15.16 -22.07
CA THR B 68 5.05 -15.67 -21.12
C THR B 68 4.60 -16.98 -20.49
N LEU B 69 3.37 -17.00 -20.01
CA LEU B 69 2.81 -18.21 -19.42
C LEU B 69 2.74 -19.36 -20.42
N GLU B 70 2.45 -19.05 -21.68
CA GLU B 70 2.35 -20.10 -22.69
C GLU B 70 3.70 -20.78 -22.88
N ILE B 71 4.76 -19.98 -22.91
CA ILE B 71 6.10 -20.50 -23.13
C ILE B 71 6.60 -21.24 -21.90
N VAL B 72 6.42 -20.63 -20.73
CA VAL B 72 6.99 -21.15 -19.49
C VAL B 72 6.30 -22.44 -19.05
N ASP B 73 4.99 -22.51 -19.31
CA ASP B 73 4.22 -23.72 -19.08
C ASP B 73 4.37 -24.27 -17.65
N GLY B 74 4.37 -23.37 -16.66
CA GLY B 74 4.41 -23.79 -15.27
C GLY B 74 5.77 -24.22 -14.73
N LYS B 75 6.83 -24.06 -15.50
CA LYS B 75 8.15 -24.52 -15.03
C LYS B 75 8.70 -23.64 -13.91
N ILE B 76 8.53 -22.33 -14.03
CA ILE B 76 9.00 -21.43 -13.00
C ILE B 76 7.96 -20.33 -12.82
N PRO B 77 7.93 -19.71 -11.65
CA PRO B 77 6.94 -18.66 -11.40
C PRO B 77 7.12 -17.47 -12.33
N VAL B 78 5.99 -16.95 -12.81
CA VAL B 78 5.95 -15.70 -13.56
C VAL B 78 5.37 -14.63 -12.64
N ILE B 79 6.17 -13.63 -12.32
CA ILE B 79 5.76 -12.57 -11.40
C ILE B 79 5.63 -11.27 -12.18
N VAL B 80 4.48 -10.62 -12.08
CA VAL B 80 4.15 -9.48 -12.93
C VAL B 80 4.23 -8.16 -12.18
N GLY B 81 4.96 -7.20 -12.73
CA GLY B 81 5.00 -5.87 -12.15
C GLY B 81 3.61 -5.28 -12.24
N ALA B 82 3.10 -4.78 -11.13
CA ALA B 82 1.72 -4.28 -11.09
C ALA B 82 1.51 -3.25 -10.00
N GLY B 83 2.36 -2.24 -9.94
CA GLY B 83 2.22 -1.22 -8.92
C GLY B 83 2.26 0.17 -9.51
N THR B 84 1.45 1.07 -8.96
CA THR B 84 1.54 2.48 -9.33
C THR B 84 1.65 3.28 -8.05
N ASN B 85 1.59 4.60 -8.16
CA ASN B 85 1.65 5.42 -6.96
C ASN B 85 0.25 5.77 -6.42
N SER B 86 -0.78 5.14 -6.97
CA SER B 86 -2.14 5.24 -6.45
C SER B 86 -2.56 3.92 -5.86
N THR B 87 -2.94 3.91 -4.58
CA THR B 87 -3.33 2.65 -3.94
C THR B 87 -4.53 1.99 -4.63
N GLU B 88 -5.53 2.79 -4.97
CA GLU B 88 -6.70 2.29 -5.68
C GLU B 88 -6.35 1.69 -7.04
N LYS B 89 -5.58 2.42 -7.84
CA LYS B 89 -5.22 1.93 -9.18
C LYS B 89 -4.35 0.67 -9.08
N THR B 90 -3.48 0.62 -8.08
CA THR B 90 -2.61 -0.53 -7.89
C THR B 90 -3.45 -1.79 -7.66
N LEU B 91 -4.49 -1.67 -6.84
CA LEU B 91 -5.34 -2.83 -6.62
C LEU B 91 -5.94 -3.32 -7.95
N LYS B 92 -6.40 -2.38 -8.76
CA LYS B 92 -6.95 -2.72 -10.08
C LYS B 92 -5.94 -3.47 -10.95
N LEU B 93 -4.70 -2.98 -10.99
CA LEU B 93 -3.65 -3.64 -11.75
C LEU B 93 -3.33 -5.04 -11.22
N VAL B 94 -3.31 -5.18 -9.90
CA VAL B 94 -3.06 -6.47 -9.30
C VAL B 94 -4.17 -7.45 -9.66
N LYS B 95 -5.42 -7.00 -9.62
CA LYS B 95 -6.52 -7.88 -10.00
C LYS B 95 -6.41 -8.31 -11.45
N GLN B 96 -6.06 -7.39 -12.34
CA GLN B 96 -5.87 -7.74 -13.74
C GLN B 96 -4.78 -8.81 -13.86
N ALA B 97 -3.67 -8.61 -13.15
CA ALA B 97 -2.58 -9.59 -13.17
C ALA B 97 -3.10 -10.96 -12.71
N GLU B 98 -3.92 -10.98 -11.68
CA GLU B 98 -4.49 -12.25 -11.21
C GLU B 98 -5.32 -12.90 -12.30
N LYS B 99 -6.13 -12.10 -12.98
CA LYS B 99 -6.99 -12.60 -14.04
C LYS B 99 -6.17 -13.19 -15.19
N LEU B 100 -5.00 -12.60 -15.44
CA LEU B 100 -4.14 -13.05 -16.53
C LEU B 100 -3.46 -14.39 -16.21
N GLY B 101 -3.48 -14.79 -14.95
CA GLY B 101 -2.80 -16.00 -14.52
C GLY B 101 -1.41 -15.80 -13.95
N ALA B 102 -1.07 -14.58 -13.52
CA ALA B 102 0.20 -14.34 -12.84
C ALA B 102 0.35 -15.22 -11.59
N ASN B 103 1.56 -15.69 -11.32
CA ASN B 103 1.84 -16.47 -10.11
C ASN B 103 2.04 -15.56 -8.89
N GLY B 104 2.33 -14.30 -9.16
CA GLY B 104 2.54 -13.31 -8.12
C GLY B 104 2.69 -11.94 -8.76
N VAL B 105 2.73 -10.91 -7.93
CA VAL B 105 2.96 -9.55 -8.41
C VAL B 105 4.12 -8.89 -7.70
N LEU B 106 4.84 -8.06 -8.45
CA LEU B 106 5.91 -7.24 -7.92
C LEU B 106 5.34 -5.84 -7.83
N VAL B 107 5.28 -5.29 -6.62
CA VAL B 107 4.57 -4.04 -6.38
C VAL B 107 5.49 -2.96 -5.84
N VAL B 108 5.88 -2.02 -6.71
CA VAL B 108 6.84 -0.97 -6.34
C VAL B 108 6.25 -0.07 -5.26
N THR B 109 7.07 0.42 -4.35
CA THR B 109 6.60 1.46 -3.43
C THR B 109 6.14 2.62 -4.30
N PRO B 110 4.97 3.21 -4.00
CA PRO B 110 4.55 4.40 -4.75
C PRO B 110 5.68 5.40 -4.99
N TYR B 111 5.86 5.76 -6.25
CA TYR B 111 6.91 6.69 -6.64
C TYR B 111 6.35 8.10 -6.70
N TYR B 112 7.24 9.08 -6.58
CA TYR B 112 6.92 10.48 -6.88
C TYR B 112 6.09 11.21 -5.81
N ASN B 113 5.09 10.56 -5.19
CA ASN B 113 4.32 11.20 -4.10
C ASN B 113 4.85 11.05 -2.66
N LYS B 114 5.96 10.33 -2.52
CA LYS B 114 6.73 10.21 -1.27
C LYS B 114 5.90 9.90 -0.01
N PRO B 115 5.15 8.78 -0.03
CA PRO B 115 4.32 8.40 1.12
C PRO B 115 5.14 8.25 2.40
N THR B 116 4.51 8.49 3.55
CA THR B 116 5.15 8.26 4.84
C THR B 116 5.28 6.76 5.03
N GLN B 117 6.02 6.35 6.07
CA GLN B 117 6.16 4.94 6.38
C GLN B 117 4.80 4.29 6.71
N GLU B 118 3.96 5.01 7.44
CA GLU B 118 2.61 4.49 7.74
C GLU B 118 1.82 4.34 6.43
N GLY B 119 1.97 5.31 5.53
CA GLY B 119 1.35 5.25 4.22
C GLY B 119 1.78 4.04 3.40
N LEU B 120 3.08 3.73 3.42
CA LEU B 120 3.59 2.56 2.73
C LEU B 120 2.94 1.31 3.31
N TYR B 121 2.96 1.21 4.63
CA TYR B 121 2.32 0.09 5.29
C TYR B 121 0.85 -0.06 4.91
N GLN B 122 0.11 1.05 4.95
CA GLN B 122 -1.31 1.02 4.62
C GLN B 122 -1.57 0.68 3.16
N HIS B 123 -0.67 1.11 2.28
CA HIS B 123 -0.74 0.79 0.85
C HIS B 123 -0.66 -0.72 0.66
N TYR B 124 0.38 -1.36 1.23
CA TYR B 124 0.49 -2.81 1.12
C TYR B 124 -0.60 -3.58 1.85
N LYS B 125 -1.04 -3.07 2.99
CA LYS B 125 -2.12 -3.71 3.73
C LYS B 125 -3.40 -3.68 2.89
N TYR B 126 -3.70 -2.54 2.29
CA TYR B 126 -4.92 -2.42 1.51
C TYR B 126 -4.95 -3.44 0.38
N ILE B 127 -3.83 -3.57 -0.32
CA ILE B 127 -3.73 -4.47 -1.46
C ILE B 127 -3.67 -5.93 -1.01
N SER B 128 -2.87 -6.18 0.01
CA SER B 128 -2.64 -7.53 0.53
C SER B 128 -3.96 -8.16 0.98
N GLU B 129 -4.80 -7.39 1.63
CA GLU B 129 -6.09 -7.88 2.13
C GLU B 129 -7.13 -8.13 1.04
N ARG B 130 -6.85 -7.67 -0.18
CA ARG B 130 -7.88 -7.66 -1.22
C ARG B 130 -7.51 -8.46 -2.45
N THR B 131 -6.46 -9.26 -2.34
CA THR B 131 -6.01 -10.12 -3.42
C THR B 131 -5.57 -11.48 -2.88
N ASP B 132 -5.66 -12.50 -3.74
CA ASP B 132 -5.23 -13.87 -3.40
C ASP B 132 -3.81 -14.19 -3.85
N LEU B 133 -3.13 -13.24 -4.47
CA LEU B 133 -1.78 -13.50 -4.99
C LEU B 133 -0.65 -13.19 -4.01
N GLY B 134 0.47 -13.88 -4.15
CA GLY B 134 1.69 -13.49 -3.44
C GLY B 134 2.20 -12.14 -3.95
N ILE B 135 2.57 -11.26 -3.03
CA ILE B 135 3.03 -9.91 -3.35
C ILE B 135 4.51 -9.72 -2.98
N VAL B 136 5.29 -9.13 -3.89
CA VAL B 136 6.67 -8.81 -3.56
C VAL B 136 6.80 -7.29 -3.48
N VAL B 137 7.17 -6.80 -2.30
CA VAL B 137 7.45 -5.37 -2.12
C VAL B 137 8.71 -5.02 -2.92
N TYR B 138 8.69 -3.90 -3.64
CA TYR B 138 9.86 -3.49 -4.41
C TYR B 138 10.34 -2.11 -3.92
N ASN B 139 11.48 -2.09 -3.25
CA ASN B 139 12.10 -0.86 -2.71
C ASN B 139 13.23 -0.38 -3.62
N VAL B 140 13.12 0.83 -4.16
CA VAL B 140 14.14 1.35 -5.07
C VAL B 140 14.19 2.88 -4.96
N PRO B 141 14.72 3.40 -3.84
CA PRO B 141 14.61 4.82 -3.48
C PRO B 141 15.18 5.73 -4.55
N GLY B 142 16.22 5.28 -5.24
CA GLY B 142 16.84 6.11 -6.27
C GLY B 142 15.89 6.48 -7.38
N ARG B 143 14.90 5.62 -7.64
CA ARG B 143 13.91 5.87 -8.66
C ARG B 143 12.61 6.47 -8.15
N THR B 144 12.23 6.12 -6.93
CA THR B 144 10.90 6.47 -6.40
C THR B 144 10.87 7.72 -5.53
N GLY B 145 12.01 8.08 -4.95
CA GLY B 145 12.05 9.14 -3.96
C GLY B 145 11.70 8.70 -2.54
N VAL B 146 11.43 7.41 -2.31
CA VAL B 146 11.10 6.95 -0.95
C VAL B 146 11.79 5.63 -0.63
N ASN B 147 12.19 5.48 0.63
CA ASN B 147 12.86 4.28 1.09
C ASN B 147 12.02 3.60 2.16
N VAL B 148 11.70 2.33 1.93
CA VAL B 148 11.05 1.52 2.97
C VAL B 148 12.08 1.20 4.06
N LEU B 149 11.87 1.73 5.27
CA LEU B 149 12.76 1.39 6.39
C LEU B 149 12.67 -0.11 6.68
N PRO B 150 13.81 -0.72 7.05
CA PRO B 150 13.83 -2.13 7.45
C PRO B 150 12.76 -2.50 8.48
N GLU B 151 12.53 -1.63 9.46
CA GLU B 151 11.47 -1.84 10.45
C GLU B 151 10.08 -1.85 9.82
N THR B 152 9.87 -1.03 8.78
CA THR B 152 8.61 -1.02 8.06
C THR B 152 8.43 -2.32 7.25
N ALA B 153 9.50 -2.75 6.59
CA ALA B 153 9.46 -4.01 5.86
C ALA B 153 9.17 -5.15 6.86
N ALA B 154 9.77 -5.09 8.06
CA ALA B 154 9.55 -6.14 9.05
C ALA B 154 8.09 -6.15 9.54
N ARG B 155 7.50 -4.96 9.67
CA ARG B 155 6.10 -4.84 10.09
C ARG B 155 5.20 -5.47 9.03
N ILE B 156 5.52 -5.20 7.77
CA ILE B 156 4.81 -5.78 6.65
C ILE B 156 4.93 -7.31 6.68
N ALA B 157 6.15 -7.82 6.89
CA ALA B 157 6.37 -9.25 6.95
C ALA B 157 5.56 -9.90 8.09
N ALA B 158 5.60 -9.27 9.26
CA ALA B 158 4.85 -9.81 10.40
C ALA B 158 3.34 -9.84 10.18
N ASP B 159 2.79 -8.78 9.59
CA ASP B 159 1.33 -8.59 9.55
C ASP B 159 0.62 -9.08 8.29
N LEU B 160 1.29 -8.98 7.15
CA LEU B 160 0.63 -9.21 5.87
C LEU B 160 1.06 -10.55 5.28
N LYS B 161 0.27 -11.59 5.54
CA LYS B 161 0.70 -12.95 5.23
C LYS B 161 0.87 -13.17 3.74
N ASN B 162 0.10 -12.40 2.97
CA ASN B 162 0.10 -12.35 1.52
C ASN B 162 1.38 -11.81 0.87
N VAL B 163 2.12 -11.00 1.62
CA VAL B 163 3.37 -10.46 1.13
C VAL B 163 4.48 -11.49 1.34
N VAL B 164 5.01 -12.01 0.24
CA VAL B 164 5.94 -13.15 0.31
C VAL B 164 7.38 -12.69 0.47
N GLY B 165 7.69 -11.45 0.09
CA GLY B 165 9.05 -10.98 0.26
C GLY B 165 9.27 -9.58 -0.26
N ILE B 166 10.54 -9.21 -0.39
CA ILE B 166 10.92 -7.88 -0.81
C ILE B 166 12.08 -7.96 -1.77
N LYS B 167 11.97 -7.17 -2.85
CA LYS B 167 13.08 -6.90 -3.74
C LYS B 167 13.75 -5.61 -3.26
N GLU B 168 14.97 -5.73 -2.75
CA GLU B 168 15.62 -4.63 -2.04
C GLU B 168 16.67 -4.02 -2.95
N ALA B 169 16.33 -2.90 -3.57
CA ALA B 169 17.24 -2.23 -4.49
C ALA B 169 17.88 -0.98 -3.88
N ASN B 170 17.77 -0.82 -2.57
CA ASN B 170 18.59 0.18 -1.87
C ASN B 170 19.99 -0.41 -1.74
N PRO B 171 21.00 0.24 -2.35
CA PRO B 171 22.33 -0.38 -2.43
C PRO B 171 23.16 -0.26 -1.15
N ASP B 172 22.67 0.45 -0.14
CA ASP B 172 23.42 0.66 1.10
C ASP B 172 23.47 -0.66 1.89
N ILE B 173 24.68 -1.13 2.20
CA ILE B 173 24.84 -2.43 2.85
C ILE B 173 24.18 -2.47 4.24
N ASP B 174 24.11 -1.31 4.89
CA ASP B 174 23.42 -1.20 6.18
C ASP B 174 21.95 -1.54 6.06
N GLN B 175 21.30 -0.98 5.04
CA GLN B 175 19.92 -1.29 4.74
C GLN B 175 19.76 -2.76 4.36
N ILE B 176 20.63 -3.24 3.48
CA ILE B 176 20.58 -4.64 3.05
C ILE B 176 20.67 -5.59 4.25
N ASP B 177 21.65 -5.34 5.09
CA ASP B 177 21.88 -6.15 6.30
C ASP B 177 20.65 -6.15 7.20
N ARG B 178 20.08 -4.97 7.42
CA ARG B 178 18.95 -4.84 8.36
C ARG B 178 17.62 -5.33 7.78
N THR B 179 17.39 -5.09 6.49
CA THR B 179 16.18 -5.63 5.86
C THR B 179 16.13 -7.18 5.97
N VAL B 180 17.24 -7.83 5.64
CA VAL B 180 17.28 -9.28 5.72
C VAL B 180 17.01 -9.73 7.16
N SER B 181 17.76 -9.13 8.09
CA SER B 181 17.69 -9.50 9.51
C SER B 181 16.33 -9.28 10.12
N LEU B 182 15.80 -8.07 9.98
CA LEU B 182 14.54 -7.74 10.65
C LEU B 182 13.35 -8.45 10.03
N THR B 183 13.31 -8.55 8.70
CA THR B 183 12.18 -9.25 8.08
C THR B 183 12.12 -10.73 8.46
N LYS B 184 13.25 -11.41 8.43
CA LYS B 184 13.27 -12.85 8.72
C LYS B 184 13.05 -13.16 10.20
N GLN B 185 13.45 -12.24 11.08
CA GLN B 185 13.04 -12.33 12.49
C GLN B 185 11.53 -12.22 12.63
N ALA B 186 10.92 -11.33 11.85
CA ALA B 186 9.47 -11.15 11.91
C ALA B 186 8.76 -12.38 11.36
N ARG B 187 9.31 -12.98 10.32
CA ARG B 187 8.74 -14.20 9.71
C ARG B 187 9.85 -14.97 9.02
N SER B 188 10.12 -16.18 9.51
CA SER B 188 11.32 -16.91 9.11
C SER B 188 11.40 -17.14 7.60
N ASP B 189 10.29 -17.38 6.93
CA ASP B 189 10.37 -17.60 5.47
C ASP B 189 10.08 -16.39 4.60
N PHE B 190 10.12 -15.18 5.17
CA PHE B 190 10.00 -13.99 4.33
C PHE B 190 11.21 -13.95 3.39
N MET B 191 10.96 -13.77 2.10
CA MET B 191 12.05 -13.80 1.12
C MET B 191 12.67 -12.42 0.94
N VAL B 192 13.99 -12.37 0.80
CA VAL B 192 14.61 -11.10 0.45
C VAL B 192 15.56 -11.31 -0.74
N TRP B 193 15.23 -10.70 -1.87
CA TRP B 193 16.05 -10.81 -3.07
C TRP B 193 16.75 -9.47 -3.33
N SER B 194 17.98 -9.51 -3.84
CA SER B 194 18.64 -8.26 -4.20
C SER B 194 17.94 -7.62 -5.39
N GLY B 195 17.84 -6.29 -5.37
CA GLY B 195 17.37 -5.54 -6.52
C GLY B 195 18.52 -4.89 -7.27
N ASN B 196 19.74 -5.25 -6.89
CA ASN B 196 20.94 -4.78 -7.60
C ASN B 196 21.88 -5.91 -7.86
N ASP B 197 22.17 -6.17 -9.14
CA ASP B 197 23.08 -7.25 -9.49
C ASP B 197 24.40 -7.17 -8.74
N ASP B 198 24.98 -5.98 -8.64
CA ASP B 198 26.29 -5.88 -7.98
C ASP B 198 26.24 -5.93 -6.44
N ARG B 199 25.05 -6.12 -5.88
CA ARG B 199 24.91 -6.31 -4.44
C ARG B 199 24.49 -7.75 -4.13
N THR B 200 24.27 -8.54 -5.18
CA THR B 200 23.76 -9.91 -4.97
C THR B 200 24.63 -10.71 -4.00
N PHE B 201 25.93 -10.73 -4.28
CA PHE B 201 26.84 -11.50 -3.45
C PHE B 201 26.73 -11.11 -1.97
N TYR B 202 26.76 -9.80 -1.70
CA TYR B 202 26.72 -9.33 -0.32
C TYR B 202 25.36 -9.57 0.33
N LEU B 203 24.30 -9.51 -0.47
CA LEU B 203 22.97 -9.77 0.05
C LEU B 203 22.84 -11.25 0.44
N LEU B 204 23.48 -12.12 -0.33
CA LEU B 204 23.53 -13.54 0.00
C LEU B 204 24.28 -13.73 1.33
N CYS B 205 25.42 -13.05 1.46
CA CYS B 205 26.19 -13.09 2.70
C CYS B 205 25.35 -12.60 3.88
N ALA B 206 24.51 -11.60 3.62
CA ALA B 206 23.63 -11.05 4.65
C ALA B 206 22.53 -12.01 5.07
N GLY B 207 22.32 -13.07 4.30
CA GLY B 207 21.32 -14.07 4.64
C GLY B 207 20.15 -14.10 3.69
N GLY B 208 20.26 -13.39 2.57
CA GLY B 208 19.17 -13.29 1.60
C GLY B 208 19.02 -14.46 0.64
N ASP B 209 18.11 -14.33 -0.32
CA ASP B 209 17.62 -15.47 -1.11
C ASP B 209 17.94 -15.44 -2.60
N GLY B 210 18.67 -14.43 -3.06
CA GLY B 210 19.00 -14.37 -4.46
C GLY B 210 18.85 -12.96 -4.99
N VAL B 211 18.42 -12.85 -6.26
CA VAL B 211 18.41 -11.55 -6.94
C VAL B 211 17.30 -11.53 -7.98
N ILE B 212 16.64 -10.37 -8.10
CA ILE B 212 15.83 -10.11 -9.27
C ILE B 212 16.69 -9.22 -10.17
N SER B 213 17.12 -9.80 -11.29
CA SER B 213 18.32 -9.38 -12.01
C SER B 213 18.12 -8.71 -13.39
N VAL B 214 18.96 -7.72 -13.68
CA VAL B 214 19.06 -7.16 -15.03
C VAL B 214 20.09 -7.97 -15.83
N VAL B 215 21.26 -8.20 -15.23
CA VAL B 215 22.36 -8.86 -15.90
C VAL B 215 21.96 -10.23 -16.47
N SER B 216 21.03 -10.92 -15.81
CA SER B 216 20.67 -12.26 -16.28
C SER B 216 19.92 -12.22 -17.62
N ASN B 217 19.48 -11.06 -18.07
CA ASN B 217 18.92 -10.99 -19.44
C ASN B 217 19.96 -11.46 -20.45
N VAL B 218 21.22 -11.12 -20.20
CA VAL B 218 22.30 -11.44 -21.14
C VAL B 218 23.20 -12.57 -20.66
N ALA B 219 23.37 -12.69 -19.34
CA ALA B 219 24.26 -13.70 -18.76
C ALA B 219 23.54 -14.52 -17.69
N PRO B 220 22.44 -15.21 -18.08
CA PRO B 220 21.64 -15.96 -17.10
C PRO B 220 22.45 -17.05 -16.41
N LYS B 221 23.24 -17.78 -17.19
CA LYS B 221 23.96 -18.91 -16.63
C LYS B 221 24.96 -18.47 -15.56
N GLN B 222 25.63 -17.35 -15.80
CA GLN B 222 26.62 -16.85 -14.85
C GLN B 222 25.98 -16.31 -13.56
N MET B 223 24.83 -15.66 -13.67
CA MET B 223 24.17 -15.18 -12.47
C MET B 223 23.65 -16.35 -11.66
N VAL B 224 23.13 -17.36 -12.35
CA VAL B 224 22.70 -18.61 -11.69
C VAL B 224 23.88 -19.27 -10.97
N GLU B 225 25.04 -19.33 -11.63
CA GLU B 225 26.26 -19.86 -11.01
C GLU B 225 26.68 -19.10 -9.73
N LEU B 226 26.65 -17.78 -9.80
CA LEU B 226 26.96 -16.95 -8.62
C LEU B 226 26.15 -17.39 -7.39
N CYS B 227 24.83 -17.49 -7.58
CA CYS B 227 23.94 -17.90 -6.50
C CYS B 227 24.16 -19.35 -6.10
N ALA B 228 24.26 -20.23 -7.09
CA ALA B 228 24.41 -21.64 -6.79
C ALA B 228 25.70 -21.93 -6.02
N GLU B 229 26.82 -21.30 -6.41
CA GLU B 229 28.07 -21.49 -5.66
C GLU B 229 27.89 -21.08 -4.22
N TYR B 230 27.18 -19.97 -4.01
CA TYR B 230 26.94 -19.50 -2.65
C TYR B 230 26.09 -20.49 -1.83
N PHE B 231 24.94 -20.85 -2.38
CA PHE B 231 24.02 -21.73 -1.68
C PHE B 231 24.63 -23.09 -1.37
N SER B 232 25.60 -23.51 -2.18
CA SER B 232 26.20 -24.83 -1.96
C SER B 232 27.39 -24.76 -0.99
N GLY B 233 27.67 -23.58 -0.46
CA GLY B 233 28.69 -23.43 0.58
C GLY B 233 30.06 -23.07 0.02
N ASN B 234 30.09 -22.55 -1.21
CA ASN B 234 31.35 -22.20 -1.86
C ASN B 234 31.47 -20.70 -2.03
N LEU B 235 31.60 -20.01 -0.91
CA LEU B 235 31.56 -18.54 -0.90
C LEU B 235 32.64 -17.91 -1.79
N GLU B 236 33.86 -18.45 -1.73
CA GLU B 236 34.97 -17.90 -2.51
C GLU B 236 34.76 -18.07 -4.02
N LYS B 237 34.11 -19.15 -4.44
CA LYS B 237 33.80 -19.35 -5.85
C LYS B 237 32.70 -18.37 -6.30
N SER B 238 31.72 -18.16 -5.42
CA SER B 238 30.67 -17.17 -5.69
C SER B 238 31.31 -15.79 -5.90
N ALA B 239 32.23 -15.45 -5.00
CA ALA B 239 32.92 -14.17 -5.06
C ALA B 239 33.70 -13.99 -6.36
N GLU B 240 34.32 -15.08 -6.84
CA GLU B 240 35.04 -15.07 -8.11
C GLU B 240 34.09 -14.84 -9.29
N VAL B 241 32.95 -15.52 -9.29
CA VAL B 241 31.93 -15.31 -10.31
C VAL B 241 31.52 -13.85 -10.29
N HIS B 242 31.29 -13.33 -9.09
CA HIS B 242 30.93 -11.93 -8.89
C HIS B 242 31.99 -11.01 -9.51
N ALA B 243 33.26 -11.23 -9.19
CA ALA B 243 34.31 -10.35 -9.67
C ALA B 243 34.42 -10.39 -11.20
N LYS B 244 34.21 -11.56 -11.78
CA LYS B 244 34.26 -11.73 -13.23
C LYS B 244 33.11 -11.03 -13.94
N LEU B 245 31.95 -10.98 -13.28
CA LEU B 245 30.78 -10.32 -13.84
C LEU B 245 30.77 -8.80 -13.62
N ARG B 246 31.68 -8.30 -12.78
CA ARG B 246 31.57 -6.91 -12.34
C ARG B 246 31.57 -5.89 -13.50
N PRO B 247 32.46 -6.08 -14.48
CA PRO B 247 32.50 -5.16 -15.63
C PRO B 247 31.15 -5.09 -16.35
N LEU B 248 30.51 -6.25 -16.55
CA LEU B 248 29.22 -6.34 -17.21
C LEU B 248 28.15 -5.73 -16.31
N MET B 249 28.22 -6.00 -15.01
CA MET B 249 27.28 -5.41 -14.07
C MET B 249 27.34 -3.88 -14.12
N LYS B 250 28.55 -3.33 -14.18
CA LYS B 250 28.72 -1.88 -14.22
C LYS B 250 28.25 -1.31 -15.57
N ALA B 251 28.68 -1.94 -16.64
CA ALA B 251 28.36 -1.45 -17.99
C ALA B 251 26.84 -1.33 -18.24
N LEU B 252 26.07 -2.20 -17.61
CA LEU B 252 24.62 -2.24 -17.84
C LEU B 252 23.89 -1.09 -17.16
N PHE B 253 24.63 -0.25 -16.44
CA PHE B 253 24.02 0.92 -15.80
C PHE B 253 24.75 2.22 -16.09
N VAL B 254 25.61 2.23 -17.11
CA VAL B 254 26.28 3.48 -17.47
C VAL B 254 25.28 4.50 -18.02
N GLU B 255 24.16 4.01 -18.56
CA GLU B 255 22.99 4.84 -18.79
C GLU B 255 21.83 4.13 -18.11
N THR B 256 20.72 4.86 -17.92
CA THR B 256 19.57 4.32 -17.20
C THR B 256 19.10 2.97 -17.77
N ASN B 257 19.03 1.96 -16.92
CA ASN B 257 18.41 0.68 -17.28
C ASN B 257 16.94 0.90 -17.66
N PRO B 258 16.47 0.26 -18.75
CA PRO B 258 17.13 -0.76 -19.59
C PRO B 258 17.80 -0.27 -20.88
N ILE B 259 18.30 0.95 -20.93
CA ILE B 259 18.92 1.43 -22.17
C ILE B 259 20.15 0.58 -22.54
N PRO B 260 21.07 0.33 -21.59
CA PRO B 260 22.23 -0.48 -21.97
C PRO B 260 21.86 -1.94 -22.22
N VAL B 261 20.98 -2.52 -21.41
CA VAL B 261 20.70 -3.95 -21.60
C VAL B 261 20.02 -4.24 -22.95
N LYS B 262 19.19 -3.32 -23.43
CA LYS B 262 18.61 -3.49 -24.77
C LYS B 262 19.66 -3.38 -25.87
N ALA B 263 20.59 -2.43 -25.72
CA ALA B 263 21.68 -2.34 -26.70
C ALA B 263 22.52 -3.63 -26.70
N ALA B 264 22.76 -4.19 -25.51
CA ALA B 264 23.49 -5.44 -25.35
C ALA B 264 22.77 -6.62 -26.01
N LEU B 265 21.48 -6.79 -25.72
CA LEU B 265 20.71 -7.88 -26.31
C LEU B 265 20.64 -7.69 -27.83
N ASN B 266 20.64 -6.44 -28.30
CA ASN B 266 20.66 -6.22 -29.74
C ASN B 266 22.02 -6.62 -30.34
N LEU B 267 23.10 -6.30 -29.64
CA LEU B 267 24.43 -6.74 -30.09
C LEU B 267 24.50 -8.27 -30.21
N MET B 268 23.84 -8.95 -29.30
CA MET B 268 23.81 -10.41 -29.24
C MET B 268 22.78 -11.05 -30.18
N GLY B 269 22.01 -10.22 -30.88
CA GLY B 269 21.12 -10.71 -31.92
C GLY B 269 19.74 -11.12 -31.46
N PHE B 270 19.39 -10.77 -30.23
CA PHE B 270 18.09 -11.15 -29.66
C PHE B 270 16.92 -10.23 -29.98
N ILE B 271 17.16 -8.92 -30.02
CA ILE B 271 16.05 -7.95 -30.18
C ILE B 271 16.45 -6.78 -31.05
N GLU B 272 15.47 -5.96 -31.45
CA GLU B 272 15.79 -4.68 -32.05
C GLU B 272 16.14 -3.74 -30.92
N ASN B 273 17.07 -2.82 -31.16
CA ASN B 273 17.43 -1.84 -30.17
C ASN B 273 16.43 -0.69 -30.16
N GLU B 274 15.21 -0.95 -29.69
CA GLU B 274 14.16 0.06 -29.71
C GLU B 274 13.48 0.18 -28.37
N LEU B 275 13.26 1.42 -27.96
CA LEU B 275 12.62 1.73 -26.67
C LEU B 275 11.48 2.70 -26.90
N ARG B 276 10.73 3.03 -25.85
CA ARG B 276 9.66 4.02 -26.01
C ARG B 276 9.95 5.30 -25.23
N LEU B 277 9.65 6.45 -25.82
CA LEU B 277 9.87 7.73 -25.14
C LEU B 277 9.20 7.70 -23.76
N PRO B 278 9.85 8.29 -22.74
CA PRO B 278 11.06 9.13 -22.77
C PRO B 278 12.41 8.39 -22.85
N LEU B 279 12.40 7.07 -22.94
CA LEU B 279 13.67 6.38 -23.18
C LEU B 279 14.09 6.44 -24.65
N VAL B 280 15.41 6.43 -24.87
CA VAL B 280 15.99 6.44 -26.21
C VAL B 280 17.16 5.47 -26.26
N PRO B 281 17.57 5.03 -27.46
CA PRO B 281 18.68 4.07 -27.54
C PRO B 281 19.98 4.59 -26.93
N ALA B 282 20.84 3.64 -26.54
CA ALA B 282 22.16 3.94 -25.99
C ALA B 282 23.06 4.77 -26.92
N SER B 283 23.92 5.58 -26.33
CA SER B 283 24.90 6.35 -27.09
C SER B 283 25.94 5.41 -27.71
N GLU B 284 26.74 5.93 -28.64
CA GLU B 284 27.80 5.12 -29.25
C GLU B 284 28.83 4.68 -28.21
N LYS B 285 29.13 5.56 -27.26
CA LYS B 285 30.09 5.25 -26.20
C LYS B 285 29.61 4.05 -25.37
N THR B 286 28.34 4.03 -25.03
CA THR B 286 27.77 2.89 -24.32
C THR B 286 27.83 1.62 -25.15
N VAL B 287 27.42 1.70 -26.41
CA VAL B 287 27.42 0.53 -27.27
C VAL B 287 28.85 -0.03 -27.40
N GLU B 288 29.82 0.85 -27.60
CA GLU B 288 31.23 0.45 -27.70
C GLU B 288 31.72 -0.26 -26.42
N LEU B 289 31.32 0.26 -25.26
CA LEU B 289 31.69 -0.35 -23.98
C LEU B 289 31.10 -1.74 -23.88
N LEU B 290 29.82 -1.87 -24.22
CA LEU B 290 29.16 -3.17 -24.18
C LEU B 290 29.83 -4.17 -25.12
N ARG B 291 30.21 -3.71 -26.32
CA ARG B 291 30.92 -4.56 -27.27
CA ARG B 291 30.92 -4.57 -27.26
C ARG B 291 32.12 -5.20 -26.57
N ASN B 292 32.95 -4.35 -25.97
CA ASN B 292 34.17 -4.78 -25.32
C ASN B 292 33.90 -5.73 -24.16
N VAL B 293 33.02 -5.32 -23.25
CA VAL B 293 32.71 -6.11 -22.07
C VAL B 293 32.02 -7.44 -22.41
N LEU B 294 31.06 -7.42 -23.34
CA LEU B 294 30.42 -8.67 -23.78
C LEU B 294 31.44 -9.62 -24.40
N LYS B 295 32.38 -9.09 -25.17
CA LYS B 295 33.45 -9.91 -25.76
C LYS B 295 34.32 -10.52 -24.67
N GLU B 296 34.78 -9.70 -23.73
CA GLU B 296 35.60 -10.19 -22.62
C GLU B 296 34.90 -11.30 -21.84
N SER B 297 33.57 -11.22 -21.77
CA SER B 297 32.79 -12.16 -20.96
C SER B 297 32.46 -13.44 -21.70
N GLY B 298 32.85 -13.52 -22.97
CA GLY B 298 32.53 -14.69 -23.77
C GLY B 298 31.09 -14.71 -24.24
N LEU B 299 30.45 -13.54 -24.25
CA LEU B 299 29.06 -13.43 -24.68
C LEU B 299 28.91 -12.89 -26.09
N LEU B 300 30.00 -12.40 -26.66
CA LEU B 300 30.01 -11.94 -28.05
C LEU B 300 31.31 -12.45 -28.68
N PRO C 4 56.42 -9.35 7.65
CA PRO C 4 55.48 -10.47 7.77
C PRO C 4 54.80 -10.46 9.13
N PHE C 5 55.52 -10.01 10.15
CA PHE C 5 54.97 -9.86 11.49
C PHE C 5 53.89 -8.79 11.47
N THR C 6 54.03 -7.82 10.57
CA THR C 6 53.11 -6.70 10.47
C THR C 6 51.86 -7.09 9.68
N MET C 7 51.96 -8.18 8.93
CA MET C 7 50.87 -8.63 8.08
C MET C 7 49.90 -9.53 8.85
N PHE C 8 49.24 -8.95 9.84
CA PHE C 8 48.39 -9.74 10.74
C PHE C 8 47.03 -10.05 10.09
N ARG C 9 46.39 -11.13 10.54
CA ARG C 9 45.01 -11.40 10.17
C ARG C 9 44.15 -11.38 11.42
N GLY C 10 42.94 -10.85 11.31
CA GLY C 10 42.05 -10.79 12.46
C GLY C 10 41.88 -9.38 12.98
N VAL C 11 42.04 -9.22 14.30
CA VAL C 11 41.67 -7.98 14.97
C VAL C 11 42.88 -7.15 15.39
N GLY C 12 42.95 -5.93 14.90
CA GLY C 12 43.93 -4.99 15.39
C GLY C 12 43.16 -3.93 16.16
N THR C 13 43.41 -3.81 17.46
CA THR C 13 42.67 -2.85 18.26
C THR C 13 43.21 -1.43 18.12
N ALA C 14 42.36 -0.51 17.68
CA ALA C 14 42.69 0.90 17.73
C ALA C 14 42.46 1.34 19.15
N ILE C 15 43.47 1.14 20.00
CA ILE C 15 43.33 1.37 21.42
C ILE C 15 43.23 2.86 21.76
N VAL C 16 42.38 3.20 22.72
CA VAL C 16 42.28 4.58 23.21
C VAL C 16 43.54 5.00 23.96
N THR C 17 43.69 6.32 24.16
CA THR C 17 44.73 6.86 25.01
C THR C 17 44.13 7.43 26.29
N PRO C 18 44.27 6.71 27.41
CA PRO C 18 43.65 7.17 28.66
C PRO C 18 44.29 8.45 29.18
N PHE C 19 43.46 9.32 29.78
CA PHE C 19 43.96 10.51 30.47
C PHE C 19 43.42 10.52 31.90
N LYS C 20 44.18 11.13 32.79
CA LYS C 20 43.71 11.36 34.15
C LYS C 20 44.25 12.68 34.66
N ASN C 21 43.36 13.53 35.18
CA ASN C 21 43.71 14.89 35.58
C ASN C 21 44.59 15.61 34.56
N GLY C 22 44.32 15.38 33.28
CA GLY C 22 44.98 16.11 32.22
C GLY C 22 46.23 15.47 31.62
N GLU C 23 46.69 14.38 32.23
CA GLU C 23 47.92 13.73 31.79
C GLU C 23 47.65 12.33 31.29
N LEU C 24 48.60 11.73 30.59
CA LEU C 24 48.51 10.32 30.22
C LEU C 24 48.23 9.49 31.47
N ASP C 25 47.37 8.50 31.36
CA ASP C 25 47.13 7.58 32.46
C ASP C 25 47.69 6.21 32.05
N LEU C 26 49.01 6.06 32.16
CA LEU C 26 49.70 4.86 31.68
C LEU C 26 49.31 3.64 32.49
N GLU C 27 48.89 3.86 33.73
CA GLU C 27 48.51 2.75 34.60
C GLU C 27 47.22 2.11 34.09
N SER C 28 46.26 2.95 33.71
CA SER C 28 45.03 2.47 33.09
C SER C 28 45.31 1.93 31.69
N TYR C 29 46.19 2.60 30.97
CA TYR C 29 46.56 2.15 29.63
C TYR C 29 47.12 0.72 29.69
N GLU C 30 48.01 0.46 30.64
CA GLU C 30 48.61 -0.86 30.74
C GLU C 30 47.54 -1.92 31.02
N ARG C 31 46.56 -1.58 31.84
CA ARG C 31 45.46 -2.50 32.14
C ARG C 31 44.71 -2.85 30.87
N LEU C 32 44.53 -1.86 30.01
CA LEU C 32 43.79 -2.08 28.76
CA LEU C 32 43.81 -2.04 28.75
C LEU C 32 44.59 -2.90 27.76
N VAL C 33 45.88 -2.59 27.62
CA VAL C 33 46.76 -3.38 26.76
C VAL C 33 46.72 -4.86 27.22
N ARG C 34 46.76 -5.08 28.53
CA ARG C 34 46.73 -6.45 29.03
C ARG C 34 45.38 -7.14 28.73
N TYR C 35 44.30 -6.39 28.85
CA TYR C 35 42.96 -6.86 28.49
C TYR C 35 42.90 -7.28 27.02
N GLN C 36 43.55 -6.49 26.15
CA GLN C 36 43.65 -6.85 24.75
C GLN C 36 44.42 -8.16 24.49
N LEU C 37 45.63 -8.26 25.05
CA LEU C 37 46.49 -9.41 24.82
C LEU C 37 45.82 -10.69 25.33
N GLU C 38 45.19 -10.58 26.49
CA GLU C 38 44.61 -11.72 27.17
C GLU C 38 43.49 -12.31 26.32
N ASN C 39 42.84 -11.44 25.56
CA ASN C 39 41.67 -11.84 24.78
C ASN C 39 41.92 -12.17 23.31
N GLY C 40 43.18 -12.35 22.95
CA GLY C 40 43.54 -12.95 21.68
C GLY C 40 43.62 -12.02 20.49
N VAL C 41 43.68 -10.74 20.76
CA VAL C 41 43.80 -9.74 19.70
C VAL C 41 45.11 -9.93 18.95
N ASN C 42 45.11 -9.61 17.66
CA ASN C 42 46.23 -9.96 16.78
C ASN C 42 47.20 -8.81 16.48
N ALA C 43 46.83 -7.60 16.87
CA ALA C 43 47.67 -6.41 16.69
C ALA C 43 47.16 -5.25 17.55
N LEU C 44 48.00 -4.24 17.73
CA LEU C 44 47.59 -3.05 18.45
C LEU C 44 47.92 -1.85 17.59
N ILE C 45 46.94 -1.00 17.32
CA ILE C 45 47.19 0.27 16.63
C ILE C 45 47.14 1.36 17.66
N VAL C 46 48.26 2.05 17.84
CA VAL C 46 48.39 3.08 18.85
C VAL C 46 48.40 4.44 18.18
N LEU C 47 47.77 5.42 18.83
CA LEU C 47 47.69 6.77 18.28
C LEU C 47 46.96 6.82 16.94
N GLY C 48 45.88 6.05 16.85
CA GLY C 48 44.96 6.18 15.73
C GLY C 48 43.94 7.24 16.09
N THR C 49 42.92 7.42 15.24
CA THR C 49 41.83 8.34 15.55
C THR C 49 41.27 8.03 16.93
N THR C 50 41.07 6.75 17.20
CA THR C 50 40.49 6.33 18.46
C THR C 50 41.40 6.67 19.63
N GLY C 51 42.70 6.82 19.35
CA GLY C 51 43.68 7.14 20.37
C GLY C 51 43.88 8.63 20.53
N GLU C 52 42.98 9.40 19.91
CA GLU C 52 43.03 10.86 19.98
C GLU C 52 44.38 11.44 19.58
N SER C 53 44.92 10.97 18.46
CA SER C 53 46.25 11.41 18.02
C SER C 53 46.38 12.93 17.87
N PRO C 54 45.30 13.62 17.47
CA PRO C 54 45.42 15.09 17.29
C PRO C 54 45.82 15.83 18.56
N THR C 55 45.50 15.29 19.73
CA THR C 55 45.73 16.03 20.98
C THR C 55 46.78 15.40 21.89
N VAL C 56 47.50 14.39 21.39
CA VAL C 56 48.60 13.79 22.14
C VAL C 56 49.93 14.40 21.69
N ASN C 57 50.62 15.09 22.59
CA ASN C 57 51.85 15.78 22.21
C ASN C 57 53.03 14.83 21.96
N GLU C 58 54.06 15.35 21.29
CA GLU C 58 55.22 14.55 20.89
C GLU C 58 55.87 13.74 22.01
N ASP C 59 56.01 14.34 23.18
CA ASP C 59 56.62 13.64 24.30
C ASP C 59 55.75 12.49 24.79
N GLU C 60 54.45 12.73 24.82
CA GLU C 60 53.50 11.69 25.24
C GLU C 60 53.48 10.55 24.25
N ARG C 61 53.56 10.87 22.96
CA ARG C 61 53.58 9.84 21.92
C ARG C 61 54.68 8.82 22.23
N GLU C 62 55.87 9.34 22.48
CA GLU C 62 57.03 8.52 22.80
C GLU C 62 56.79 7.66 24.04
N LYS C 63 56.30 8.28 25.11
CA LYS C 63 56.02 7.54 26.34
C LYS C 63 54.97 6.46 26.12
N LEU C 64 53.96 6.77 25.30
CA LEU C 64 52.88 5.81 25.07
C LEU C 64 53.36 4.65 24.21
N VAL C 65 54.10 4.97 23.15
CA VAL C 65 54.61 3.95 22.25
C VAL C 65 55.61 3.03 22.98
N SER C 66 56.57 3.63 23.67
CA SER C 66 57.57 2.85 24.41
C SER C 66 56.93 1.90 25.42
N ARG C 67 55.99 2.42 26.19
CA ARG C 67 55.28 1.58 27.16
C ARG C 67 54.52 0.44 26.48
N THR C 68 53.94 0.71 25.32
CA THR C 68 53.19 -0.32 24.61
C THR C 68 54.11 -1.48 24.22
N LEU C 69 55.27 -1.15 23.67
CA LEU C 69 56.21 -2.18 23.24
C LEU C 69 56.73 -2.99 24.44
N GLU C 70 56.92 -2.31 25.58
CA GLU C 70 57.42 -2.98 26.78
C GLU C 70 56.44 -4.01 27.33
N ILE C 71 55.16 -3.66 27.33
CA ILE C 71 54.11 -4.57 27.79
C ILE C 71 53.91 -5.71 26.80
N VAL C 72 53.82 -5.36 25.51
CA VAL C 72 53.60 -6.33 24.44
C VAL C 72 54.80 -7.26 24.21
N ASP C 73 56.01 -6.71 24.33
CA ASP C 73 57.24 -7.50 24.19
C ASP C 73 57.21 -8.47 23.02
N GLY C 74 56.79 -7.99 21.86
CA GLY C 74 56.87 -8.76 20.63
C GLY C 74 55.83 -9.84 20.38
N LYS C 75 54.83 -9.95 21.25
CA LYS C 75 53.80 -10.99 21.10
C LYS C 75 52.95 -10.74 19.86
N ILE C 76 52.63 -9.48 19.62
CA ILE C 76 51.87 -9.09 18.43
C ILE C 76 52.41 -7.77 17.89
N PRO C 77 52.18 -7.50 16.60
CA PRO C 77 52.66 -6.26 15.98
C PRO C 77 52.07 -5.00 16.64
N VAL C 78 52.93 -4.03 16.88
CA VAL C 78 52.51 -2.73 17.35
C VAL C 78 52.66 -1.74 16.20
N ILE C 79 51.53 -1.23 15.75
CA ILE C 79 51.46 -0.34 14.60
C ILE C 79 51.06 1.07 15.06
N VAL C 80 51.88 2.05 14.72
CA VAL C 80 51.72 3.39 15.29
C VAL C 80 51.12 4.36 14.27
N GLY C 81 50.08 5.08 14.67
CA GLY C 81 49.48 6.08 13.81
C GLY C 81 50.46 7.24 13.64
N ALA C 82 50.90 7.48 12.41
CA ALA C 82 51.97 8.43 12.14
C ALA C 82 51.76 9.22 10.84
N GLY C 83 50.58 9.79 10.66
CA GLY C 83 50.32 10.53 9.44
C GLY C 83 49.67 11.88 9.66
N THR C 84 50.16 12.89 8.94
CA THR C 84 49.49 14.19 8.92
C THR C 84 49.15 14.56 7.47
N ASN C 85 48.70 15.79 7.25
CA ASN C 85 48.39 16.22 5.90
C ASN C 85 49.59 16.90 5.23
N SER C 86 50.76 16.80 5.87
CA SER C 86 52.00 17.29 5.28
C SER C 86 52.96 16.14 5.04
N THR C 87 53.38 15.96 3.79
CA THR C 87 54.23 14.83 3.45
C THR C 87 55.56 14.88 4.22
N GLU C 88 56.10 16.09 4.38
CA GLU C 88 57.36 16.30 5.08
C GLU C 88 57.24 15.94 6.55
N LYS C 89 56.18 16.44 7.19
CA LYS C 89 55.94 16.12 8.59
C LYS C 89 55.60 14.65 8.80
N THR C 90 54.81 14.07 7.90
CA THR C 90 54.47 12.66 8.02
C THR C 90 55.75 11.80 8.04
N LEU C 91 56.68 12.07 7.13
CA LEU C 91 57.93 11.33 7.09
C LEU C 91 58.63 11.38 8.45
N LYS C 92 58.62 12.56 9.06
CA LYS C 92 59.25 12.77 10.35
C LYS C 92 58.65 11.87 11.43
N LEU C 93 57.32 11.86 11.54
CA LEU C 93 56.64 11.01 12.52
C LEU C 93 56.87 9.54 12.24
N VAL C 94 56.86 9.18 10.97
CA VAL C 94 57.17 7.80 10.59
C VAL C 94 58.56 7.42 11.08
N LYS C 95 59.54 8.30 10.89
CA LYS C 95 60.89 8.02 11.35
C LYS C 95 60.95 7.94 12.87
N GLN C 96 60.22 8.81 13.56
CA GLN C 96 60.17 8.73 15.02
C GLN C 96 59.63 7.39 15.48
N ALA C 97 58.54 6.94 14.86
CA ALA C 97 57.95 5.64 15.22
C ALA C 97 58.94 4.50 14.98
N GLU C 98 59.66 4.58 13.87
CA GLU C 98 60.64 3.57 13.52
C GLU C 98 61.80 3.52 14.53
N LYS C 99 62.25 4.69 14.97
CA LYS C 99 63.34 4.75 15.93
C LYS C 99 62.91 4.18 17.28
N LEU C 100 61.64 4.33 17.61
CA LEU C 100 61.13 3.84 18.89
C LEU C 100 60.93 2.33 18.91
N GLY C 101 60.91 1.71 17.74
CA GLY C 101 60.73 0.28 17.65
C GLY C 101 59.34 -0.19 17.24
N ALA C 102 58.52 0.70 16.68
CA ALA C 102 57.22 0.30 16.15
C ALA C 102 57.41 -0.74 15.05
N ASN C 103 56.45 -1.66 14.93
CA ASN C 103 56.52 -2.70 13.92
C ASN C 103 56.00 -2.22 12.57
N GLY C 104 55.26 -1.12 12.60
CA GLY C 104 54.69 -0.56 11.39
C GLY C 104 54.07 0.79 11.70
N VAL C 105 53.64 1.48 10.65
CA VAL C 105 52.94 2.74 10.83
C VAL C 105 51.60 2.75 10.06
N LEU C 106 50.58 3.31 10.69
CA LEU C 106 49.30 3.53 10.03
C LEU C 106 49.29 4.98 9.57
N VAL C 107 49.19 5.19 8.26
CA VAL C 107 49.39 6.51 7.66
C VAL C 107 48.11 7.01 6.95
N VAL C 108 47.38 7.90 7.61
CA VAL C 108 46.10 8.38 7.06
C VAL C 108 46.34 9.19 5.78
N THR C 109 45.42 9.08 4.82
CA THR C 109 45.46 9.97 3.67
C THR C 109 45.44 11.40 4.21
N PRO C 110 46.29 12.28 3.68
CA PRO C 110 46.24 13.67 4.16
C PRO C 110 44.81 14.23 4.18
N TYR C 111 44.42 14.75 5.34
CA TYR C 111 43.09 15.29 5.57
C TYR C 111 43.07 16.81 5.32
N TYR C 112 41.87 17.34 5.03
CA TYR C 112 41.67 18.79 4.95
C TYR C 112 42.16 19.46 3.66
N ASN C 113 43.38 19.14 3.21
CA ASN C 113 43.87 19.73 1.95
C ASN C 113 43.45 19.00 0.65
N LYS C 114 42.71 17.90 0.80
CA LYS C 114 42.11 17.21 -0.35
C LYS C 114 43.06 16.99 -1.53
N PRO C 115 44.13 16.22 -1.32
CA PRO C 115 45.07 15.95 -2.41
C PRO C 115 44.45 15.16 -3.56
N THR C 116 45.00 15.32 -4.76
CA THR C 116 44.58 14.56 -5.93
C THR C 116 45.03 13.11 -5.79
N GLN C 117 44.52 12.25 -6.67
CA GLN C 117 44.88 10.84 -6.62
C GLN C 117 46.39 10.66 -6.83
N GLU C 118 46.94 11.41 -7.79
CA GLU C 118 48.37 11.42 -8.02
C GLU C 118 49.12 11.92 -6.79
N GLY C 119 48.57 12.93 -6.11
CA GLY C 119 49.18 13.45 -4.91
C GLY C 119 49.23 12.38 -3.82
N LEU C 120 48.14 11.62 -3.67
CA LEU C 120 48.11 10.57 -2.66
C LEU C 120 49.20 9.54 -2.97
N TYR C 121 49.33 9.23 -4.25
CA TYR C 121 50.32 8.24 -4.67
C TYR C 121 51.72 8.72 -4.37
N GLN C 122 52.00 9.99 -4.68
CA GLN C 122 53.33 10.54 -4.45
C GLN C 122 53.62 10.65 -2.95
N HIS C 123 52.57 10.90 -2.17
CA HIS C 123 52.67 10.98 -0.72
C HIS C 123 53.18 9.67 -0.14
N TYR C 124 52.51 8.57 -0.47
CA TYR C 124 52.94 7.25 -0.02
C TYR C 124 54.24 6.78 -0.70
N LYS C 125 54.48 7.15 -1.94
CA LYS C 125 55.74 6.77 -2.58
C LYS C 125 56.92 7.41 -1.84
N TYR C 126 56.71 8.66 -1.43
CA TYR C 126 57.76 9.44 -0.79
C TYR C 126 58.14 8.81 0.54
N ILE C 127 57.13 8.34 1.27
CA ILE C 127 57.37 7.71 2.54
C ILE C 127 57.94 6.31 2.36
N SER C 128 57.35 5.57 1.42
CA SER C 128 57.76 4.20 1.16
C SER C 128 59.28 4.10 0.91
N GLU C 129 59.79 4.99 0.08
CA GLU C 129 61.18 4.96 -0.35
C GLU C 129 62.13 5.42 0.74
N ARG C 130 61.59 5.91 1.85
CA ARG C 130 62.41 6.54 2.87
C ARG C 130 62.36 5.89 4.25
N THR C 131 61.72 4.74 4.35
CA THR C 131 61.69 3.98 5.60
C THR C 131 61.69 2.49 5.34
N ASP C 132 62.08 1.72 6.34
CA ASP C 132 62.07 0.26 6.25
C ASP C 132 60.78 -0.33 6.83
N LEU C 133 60.03 0.47 7.57
CA LEU C 133 58.80 0.00 8.22
C LEU C 133 57.70 -0.38 7.23
N GLY C 134 56.87 -1.34 7.60
CA GLY C 134 55.66 -1.61 6.84
C GLY C 134 54.67 -0.46 7.01
N ILE C 135 54.12 0.02 5.90
CA ILE C 135 53.13 1.09 5.93
C ILE C 135 51.72 0.60 5.68
N VAL C 136 50.77 1.08 6.49
CA VAL C 136 49.35 0.84 6.25
C VAL C 136 48.64 2.11 5.81
N VAL C 137 48.14 2.10 4.58
CA VAL C 137 47.32 3.21 4.07
C VAL C 137 46.01 3.22 4.86
N TYR C 138 45.57 4.39 5.30
CA TYR C 138 44.35 4.52 6.09
C TYR C 138 43.37 5.43 5.33
N ASN C 139 42.29 4.87 4.81
CA ASN C 139 41.34 5.63 4.01
C ASN C 139 40.08 5.88 4.84
N VAL C 140 39.75 7.15 5.06
CA VAL C 140 38.59 7.48 5.90
C VAL C 140 37.96 8.80 5.48
N PRO C 141 37.33 8.81 4.29
CA PRO C 141 36.83 10.04 3.63
C PRO C 141 35.86 10.86 4.49
N GLY C 142 35.05 10.19 5.29
CA GLY C 142 34.18 10.90 6.21
C GLY C 142 34.89 11.89 7.12
N ARG C 143 36.12 11.57 7.51
CA ARG C 143 36.90 12.47 8.39
C ARG C 143 37.88 13.35 7.60
N THR C 144 38.33 12.87 6.45
CA THR C 144 39.45 13.52 5.75
C THR C 144 39.05 14.46 4.61
N GLY C 145 37.89 14.20 4.00
CA GLY C 145 37.49 14.93 2.82
C GLY C 145 38.05 14.36 1.52
N VAL C 146 38.80 13.26 1.59
CA VAL C 146 39.38 12.65 0.40
C VAL C 146 39.18 11.13 0.42
N ASN C 147 38.92 10.55 -0.75
CA ASN C 147 38.75 9.10 -0.87
C ASN C 147 39.83 8.49 -1.79
N VAL C 148 40.59 7.53 -1.29
CA VAL C 148 41.51 6.82 -2.16
C VAL C 148 40.73 5.89 -3.08
N LEU C 149 40.85 6.11 -4.39
CA LEU C 149 40.18 5.23 -5.34
C LEU C 149 40.79 3.83 -5.22
N PRO C 150 39.95 2.79 -5.36
CA PRO C 150 40.47 1.43 -5.44
C PRO C 150 41.61 1.31 -6.46
N GLU C 151 41.49 1.97 -7.62
CA GLU C 151 42.55 1.93 -8.61
C GLU C 151 43.84 2.54 -8.07
N THR C 152 43.69 3.61 -7.28
CA THR C 152 44.87 4.26 -6.73
C THR C 152 45.53 3.34 -5.70
N ALA C 153 44.71 2.70 -4.87
CA ALA C 153 45.24 1.77 -3.87
C ALA C 153 45.93 0.58 -4.54
N ALA C 154 45.42 0.14 -5.67
CA ALA C 154 46.03 -0.97 -6.41
C ALA C 154 47.40 -0.58 -7.00
N ARG C 155 47.51 0.64 -7.52
CA ARG C 155 48.79 1.15 -8.00
C ARG C 155 49.81 1.16 -6.86
N ILE C 156 49.38 1.67 -5.71
CA ILE C 156 50.20 1.67 -4.50
C ILE C 156 50.69 0.26 -4.14
N ALA C 157 49.76 -0.70 -4.15
CA ALA C 157 50.08 -2.10 -3.87
C ALA C 157 51.14 -2.63 -4.84
N ALA C 158 50.92 -2.37 -6.13
CA ALA C 158 51.82 -2.84 -7.17
C ALA C 158 53.21 -2.25 -7.02
N ASP C 159 53.29 -0.97 -6.70
CA ASP C 159 54.55 -0.23 -6.82
C ASP C 159 55.38 -0.18 -5.54
N LEU C 160 54.73 -0.06 -4.40
CA LEU C 160 55.43 0.25 -3.17
C LEU C 160 55.42 -0.96 -2.25
N LYS C 161 56.43 -1.82 -2.42
CA LYS C 161 56.49 -3.12 -1.75
C LYS C 161 56.45 -2.96 -0.26
N ASN C 162 56.78 -1.74 0.17
CA ASN C 162 56.86 -1.35 1.55
C ASN C 162 55.47 -1.13 2.18
N VAL C 163 54.49 -0.81 1.35
CA VAL C 163 53.12 -0.63 1.83
C VAL C 163 52.50 -2.01 1.96
N VAL C 164 52.19 -2.40 3.19
CA VAL C 164 51.75 -3.76 3.48
C VAL C 164 50.25 -3.98 3.30
N GLY C 165 49.47 -2.91 3.40
CA GLY C 165 48.03 -3.06 3.31
C GLY C 165 47.28 -1.75 3.47
N ILE C 166 45.96 -1.87 3.62
CA ILE C 166 45.13 -0.69 3.77
C ILE C 166 44.01 -0.96 4.77
N LYS C 167 43.76 0.04 5.62
CA LYS C 167 42.60 0.06 6.51
C LYS C 167 41.51 0.83 5.77
N GLU C 168 40.47 0.13 5.35
CA GLU C 168 39.45 0.72 4.49
C GLU C 168 38.24 1.12 5.36
N ALA C 169 38.16 2.41 5.70
CA ALA C 169 37.05 2.91 6.50
C ALA C 169 36.02 3.71 5.69
N ASN C 170 36.10 3.64 4.36
CA ASN C 170 34.97 4.11 3.56
C ASN C 170 33.89 3.02 3.69
N PRO C 171 32.71 3.37 4.23
CA PRO C 171 31.71 2.33 4.49
C PRO C 171 30.94 1.82 3.24
N ASP C 172 31.16 2.43 2.08
CA ASP C 172 30.47 2.03 0.84
C ASP C 172 30.92 0.61 0.43
N ILE C 173 29.99 -0.33 0.33
CA ILE C 173 30.32 -1.74 0.02
C ILE C 173 30.96 -1.89 -1.37
N ASP C 174 30.63 -1.00 -2.29
CA ASP C 174 31.28 -0.97 -3.61
CA ASP C 174 31.29 -1.05 -3.59
C ASP C 174 32.78 -0.72 -3.48
N GLN C 175 33.12 0.26 -2.64
CA GLN C 175 34.50 0.60 -2.39
C GLN C 175 35.19 -0.57 -1.69
N ILE C 176 34.52 -1.10 -0.67
CA ILE C 176 35.09 -2.25 0.07
C ILE C 176 35.41 -3.38 -0.91
N ASP C 177 34.42 -3.74 -1.73
CA ASP C 177 34.51 -4.83 -2.68
C ASP C 177 35.70 -4.61 -3.64
N ARG C 178 35.74 -3.42 -4.24
CA ARG C 178 36.76 -3.14 -5.24
C ARG C 178 38.16 -2.91 -4.67
N THR C 179 38.27 -2.34 -3.48
CA THR C 179 39.59 -2.22 -2.83
C THR C 179 40.19 -3.61 -2.55
N VAL C 180 39.41 -4.51 -1.97
CA VAL C 180 39.88 -5.87 -1.77
C VAL C 180 40.26 -6.52 -3.11
N SER C 181 39.37 -6.43 -4.07
CA SER C 181 39.54 -7.08 -5.37
C SER C 181 40.77 -6.57 -6.15
N LEU C 182 40.84 -5.25 -6.34
CA LEU C 182 41.92 -4.67 -7.14
C LEU C 182 43.31 -4.71 -6.49
N THR C 183 43.40 -4.50 -5.18
CA THR C 183 44.72 -4.53 -4.54
C THR C 183 45.31 -5.93 -4.55
N LYS C 184 44.49 -6.93 -4.28
CA LYS C 184 44.98 -8.29 -4.23
C LYS C 184 45.31 -8.81 -5.64
N GLN C 185 44.64 -8.26 -6.65
CA GLN C 185 45.02 -8.54 -8.04
C GLN C 185 46.37 -7.94 -8.38
N ALA C 186 46.65 -6.77 -7.80
CA ALA C 186 47.93 -6.10 -8.03
C ALA C 186 49.05 -6.84 -7.29
N ARG C 187 48.72 -7.34 -6.10
CA ARG C 187 49.69 -8.02 -5.25
C ARG C 187 48.96 -8.94 -4.29
N SER C 188 49.13 -10.24 -4.49
CA SER C 188 48.29 -11.24 -3.84
C SER C 188 48.28 -11.16 -2.32
N ASP C 189 49.37 -10.70 -1.72
CA ASP C 189 49.47 -10.71 -0.26
C ASP C 189 49.25 -9.33 0.37
N PHE C 190 48.79 -8.37 -0.44
CA PHE C 190 48.41 -7.05 0.07
C PHE C 190 47.23 -7.18 1.04
N MET C 191 47.33 -6.58 2.22
CA MET C 191 46.32 -6.80 3.26
C MET C 191 45.22 -5.75 3.16
N VAL C 192 43.97 -6.16 3.39
CA VAL C 192 42.90 -5.18 3.47
C VAL C 192 42.10 -5.45 4.75
N TRP C 193 42.22 -4.53 5.70
CA TRP C 193 41.48 -4.62 6.95
C TRP C 193 40.34 -3.61 6.94
N SER C 194 39.20 -4.01 7.49
CA SER C 194 38.08 -3.09 7.63
C SER C 194 38.45 -1.97 8.58
N GLY C 195 38.02 -0.75 8.29
CA GLY C 195 38.17 0.35 9.24
C GLY C 195 36.82 0.72 9.87
N ASN C 196 35.81 -0.12 9.66
CA ASN C 196 34.53 -0.02 10.39
C ASN C 196 34.13 -1.36 10.96
N ASP C 197 33.93 -1.41 12.27
CA ASP C 197 33.49 -2.63 12.92
C ASP C 197 32.28 -3.27 12.23
N ASP C 198 31.26 -2.47 11.94
CA ASP C 198 30.06 -3.02 11.33
C ASP C 198 30.18 -3.37 9.83
N ARG C 199 31.38 -3.29 9.27
CA ARG C 199 31.60 -3.75 7.90
C ARG C 199 32.49 -5.00 7.88
N THR C 200 33.02 -5.36 9.04
CA THR C 200 33.98 -6.46 9.14
C THR C 200 33.51 -7.75 8.47
N PHE C 201 32.33 -8.22 8.86
CA PHE C 201 31.76 -9.43 8.29
C PHE C 201 31.71 -9.37 6.75
N TYR C 202 31.24 -8.25 6.19
CA TYR C 202 31.15 -8.13 4.75
C TYR C 202 32.51 -8.01 4.09
N LEU C 203 33.44 -7.31 4.73
CA LEU C 203 34.80 -7.23 4.20
C LEU C 203 35.50 -8.60 4.20
N LEU C 204 35.21 -9.42 5.20
CA LEU C 204 35.75 -10.78 5.24
C LEU C 204 35.17 -11.58 4.07
N CYS C 205 33.86 -11.48 3.86
CA CYS C 205 33.22 -12.15 2.74
C CYS C 205 33.82 -11.71 1.41
N ALA C 206 34.19 -10.43 1.32
CA ALA C 206 34.85 -9.86 0.15
C ALA C 206 36.22 -10.51 -0.11
N GLY C 207 36.80 -11.10 0.93
CA GLY C 207 38.13 -11.69 0.81
C GLY C 207 39.19 -10.94 1.61
N GLY C 208 38.76 -10.05 2.50
CA GLY C 208 39.67 -9.23 3.29
C GLY C 208 40.26 -9.94 4.50
N ASP C 209 40.94 -9.19 5.36
CA ASP C 209 41.87 -9.81 6.29
C ASP C 209 41.57 -9.60 7.76
N GLY C 210 40.44 -8.94 8.06
CA GLY C 210 40.09 -8.67 9.44
C GLY C 210 39.70 -7.21 9.63
N VAL C 211 40.05 -6.65 10.77
CA VAL C 211 39.53 -5.34 11.13
C VAL C 211 40.52 -4.61 12.03
N ILE C 212 40.63 -3.31 11.82
CA ILE C 212 41.28 -2.45 12.80
C ILE C 212 40.14 -1.79 13.57
N SER C 213 39.99 -2.15 14.84
CA SER C 213 38.69 -2.11 15.54
C SER C 213 38.58 -1.08 16.65
N VAL C 214 37.37 -0.55 16.81
CA VAL C 214 37.03 0.29 17.95
C VAL C 214 36.33 -0.56 19.02
N VAL C 215 35.36 -1.38 18.58
CA VAL C 215 34.60 -2.25 19.47
C VAL C 215 35.52 -3.19 20.30
N SER C 216 36.62 -3.63 19.71
CA SER C 216 37.51 -4.51 20.47
C SER C 216 38.08 -3.87 21.73
N ASN C 217 38.04 -2.53 21.84
CA ASN C 217 38.45 -1.90 23.10
C ASN C 217 37.68 -2.47 24.29
N VAL C 218 36.38 -2.68 24.10
CA VAL C 218 35.52 -3.18 25.18
C VAL C 218 35.14 -4.66 25.03
N ALA C 219 35.08 -5.15 23.80
CA ALA C 219 34.71 -6.54 23.53
C ALA C 219 35.77 -7.27 22.66
N PRO C 220 37.02 -7.30 23.12
CA PRO C 220 38.10 -7.93 22.35
C PRO C 220 37.77 -9.38 21.93
N LYS C 221 37.30 -10.19 22.88
CA LYS C 221 37.09 -11.60 22.60
C LYS C 221 36.02 -11.79 21.52
N GLN C 222 34.95 -11.01 21.63
CA GLN C 222 33.86 -11.08 20.67
C GLN C 222 34.29 -10.68 19.25
N MET C 223 35.08 -9.62 19.12
CA MET C 223 35.58 -9.26 17.81
C MET C 223 36.56 -10.31 17.27
N VAL C 224 37.39 -10.85 18.15
CA VAL C 224 38.28 -11.94 17.77
C VAL C 224 37.48 -13.15 17.24
N GLU C 225 36.40 -13.52 17.94
CA GLU C 225 35.56 -14.65 17.53
C GLU C 225 34.91 -14.42 16.17
N LEU C 226 34.48 -13.19 15.91
CA LEU C 226 33.86 -12.86 14.64
C LEU C 226 34.80 -13.21 13.48
N CYS C 227 36.04 -12.74 13.56
CA CYS C 227 37.04 -13.05 12.54
C CYS C 227 37.46 -14.50 12.57
N ALA C 228 37.73 -15.02 13.76
CA ALA C 228 38.23 -16.38 13.89
C ALA C 228 37.23 -17.40 13.35
N GLU C 229 35.95 -17.21 13.64
CA GLU C 229 34.91 -18.09 13.10
C GLU C 229 34.93 -18.03 11.56
N TYR C 230 35.04 -16.84 11.00
CA TYR C 230 35.09 -16.71 9.54
C TYR C 230 36.29 -17.47 8.97
N PHE C 231 37.49 -17.19 9.48
CA PHE C 231 38.71 -17.82 8.98
C PHE C 231 38.68 -19.34 9.11
N SER C 232 37.95 -19.85 10.10
CA SER C 232 37.88 -21.29 10.31
CA SER C 232 37.85 -21.29 10.33
C SER C 232 36.86 -21.93 9.38
N GLY C 233 36.20 -21.12 8.55
CA GLY C 233 35.20 -21.63 7.63
C GLY C 233 33.85 -21.84 8.30
N ASN C 234 33.60 -21.10 9.38
CA ASN C 234 32.35 -21.21 10.11
C ASN C 234 31.53 -19.97 9.85
N LEU C 235 30.97 -19.90 8.65
CA LEU C 235 30.31 -18.70 8.16
C LEU C 235 29.10 -18.34 9.01
N GLU C 236 28.23 -19.32 9.24
CA GLU C 236 27.04 -19.09 10.06
C GLU C 236 27.41 -18.58 11.46
N LYS C 237 28.42 -19.18 12.07
CA LYS C 237 28.85 -18.71 13.39
C LYS C 237 29.39 -17.27 13.34
N SER C 238 30.19 -16.98 12.31
CA SER C 238 30.68 -15.62 12.17
C SER C 238 29.50 -14.67 12.03
N ALA C 239 28.55 -15.04 11.18
CA ALA C 239 27.37 -14.21 10.95
C ALA C 239 26.59 -13.98 12.24
N GLU C 240 26.55 -15.01 13.10
CA GLU C 240 25.82 -14.89 14.37
C GLU C 240 26.52 -13.94 15.34
N VAL C 241 27.85 -14.01 15.40
CA VAL C 241 28.62 -13.05 16.19
C VAL C 241 28.37 -11.61 15.69
N HIS C 242 28.46 -11.41 14.37
CA HIS C 242 28.13 -10.14 13.74
C HIS C 242 26.76 -9.64 14.19
N ALA C 243 25.75 -10.50 14.13
CA ALA C 243 24.39 -10.08 14.49
C ALA C 243 24.30 -9.69 15.97
N LYS C 244 24.92 -10.49 16.83
CA LYS C 244 24.89 -10.24 18.27
C LYS C 244 25.64 -8.97 18.71
N LEU C 245 26.63 -8.57 17.92
CA LEU C 245 27.42 -7.38 18.22
C LEU C 245 26.79 -6.08 17.68
N ARG C 246 25.73 -6.22 16.89
CA ARG C 246 25.14 -5.04 16.25
C ARG C 246 24.85 -3.89 17.22
N PRO C 247 24.11 -4.17 18.31
CA PRO C 247 23.77 -3.13 19.27
C PRO C 247 24.99 -2.37 19.80
N LEU C 248 26.05 -3.10 20.16
CA LEU C 248 27.26 -2.46 20.67
C LEU C 248 27.97 -1.67 19.58
N MET C 249 28.06 -2.24 18.38
CA MET C 249 28.70 -1.55 17.25
C MET C 249 28.04 -0.20 16.97
N LYS C 250 26.71 -0.16 17.04
CA LYS C 250 26.00 1.08 16.75
C LYS C 250 26.14 2.07 17.91
N ALA C 251 26.02 1.57 19.13
CA ALA C 251 26.05 2.45 20.29
C ALA C 251 27.39 3.18 20.43
N LEU C 252 28.48 2.55 19.99
CA LEU C 252 29.79 3.18 20.10
C LEU C 252 30.04 4.34 19.12
N PHE C 253 29.05 4.63 18.28
CA PHE C 253 29.19 5.73 17.35
C PHE C 253 27.97 6.65 17.36
N VAL C 254 27.16 6.59 18.40
CA VAL C 254 26.06 7.56 18.52
C VAL C 254 26.60 8.99 18.70
N GLU C 255 27.82 9.09 19.20
CA GLU C 255 28.55 10.36 19.14
C GLU C 255 29.92 10.06 18.53
N THR C 256 30.65 11.08 18.12
CA THR C 256 31.94 10.85 17.49
C THR C 256 32.90 9.99 18.32
N ASN C 257 33.39 8.90 17.73
CA ASN C 257 34.46 8.09 18.29
C ASN C 257 35.71 8.95 18.49
N PRO C 258 36.38 8.85 19.66
CA PRO C 258 36.18 7.91 20.78
C PRO C 258 35.31 8.40 21.96
N ILE C 259 34.34 9.28 21.76
CA ILE C 259 33.53 9.75 22.89
C ILE C 259 32.74 8.60 23.57
N PRO C 260 32.02 7.80 22.78
CA PRO C 260 31.29 6.68 23.40
C PRO C 260 32.17 5.54 23.94
N VAL C 261 33.24 5.19 23.24
CA VAL C 261 34.07 4.09 23.71
C VAL C 261 34.81 4.44 25.01
N LYS C 262 35.17 5.71 25.19
CA LYS C 262 35.70 6.12 26.50
C LYS C 262 34.64 6.09 27.61
N ALA C 263 33.41 6.52 27.30
CA ALA C 263 32.36 6.43 28.31
C ALA C 263 32.19 4.95 28.71
N ALA C 264 32.20 4.07 27.72
CA ALA C 264 32.02 2.65 27.95
C ALA C 264 33.12 2.07 28.85
N LEU C 265 34.38 2.32 28.50
CA LEU C 265 35.50 1.80 29.28
C LEU C 265 35.46 2.35 30.70
N ASN C 266 34.96 3.59 30.85
CA ASN C 266 34.80 4.15 32.18
C ASN C 266 33.71 3.43 32.96
N LEU C 267 32.58 3.15 32.32
CA LEU C 267 31.54 2.33 32.93
C LEU C 267 32.06 0.96 33.33
N MET C 268 33.03 0.44 32.59
CA MET C 268 33.58 -0.88 32.87
C MET C 268 34.70 -0.81 33.92
N GLY C 269 35.08 0.41 34.29
CA GLY C 269 36.05 0.61 35.36
C GLY C 269 37.50 0.57 34.91
N PHE C 270 37.72 0.62 33.60
CA PHE C 270 39.07 0.59 33.04
C PHE C 270 39.79 1.93 33.10
N ILE C 271 39.06 3.01 32.87
CA ILE C 271 39.66 4.33 32.69
C ILE C 271 38.79 5.46 33.26
N GLU C 272 39.36 6.65 33.30
CA GLU C 272 38.60 7.85 33.59
C GLU C 272 37.94 8.29 32.30
N ASN C 273 36.72 8.81 32.40
CA ASN C 273 36.01 9.33 31.24
C ASN C 273 36.50 10.75 30.91
N GLU C 274 37.75 10.86 30.48
CA GLU C 274 38.33 12.16 30.18
C GLU C 274 38.89 12.21 28.76
N LEU C 275 38.53 13.25 28.03
CA LEU C 275 39.03 13.47 26.68
C LEU C 275 39.64 14.87 26.60
N ARG C 276 40.32 15.16 25.50
CA ARG C 276 40.90 16.49 25.32
C ARG C 276 40.15 17.28 24.24
N LEU C 277 39.91 18.56 24.53
CA LEU C 277 39.23 19.44 23.58
C LEU C 277 39.90 19.39 22.22
N PRO C 278 39.11 19.43 21.14
CA PRO C 278 37.67 19.75 21.13
C PRO C 278 36.71 18.59 21.46
N LEU C 279 37.21 17.43 21.84
CA LEU C 279 36.34 16.35 22.28
C LEU C 279 35.89 16.59 23.71
N VAL C 280 34.66 16.18 24.03
CA VAL C 280 34.14 16.28 25.39
C VAL C 280 33.42 15.00 25.74
N PRO C 281 33.17 14.76 27.03
CA PRO C 281 32.57 13.50 27.47
C PRO C 281 31.15 13.25 26.93
N ALA C 282 30.78 11.98 26.87
CA ALA C 282 29.49 11.56 26.32
C ALA C 282 28.31 12.15 27.08
N SER C 283 27.20 12.34 26.38
CA SER C 283 25.99 12.87 27.00
C SER C 283 25.37 11.81 27.89
N GLU C 284 24.45 12.22 28.76
CA GLU C 284 23.78 11.26 29.65
C GLU C 284 22.99 10.23 28.83
N LYS C 285 22.41 10.68 27.72
CA LYS C 285 21.67 9.79 26.82
C LYS C 285 22.58 8.67 26.30
N THR C 286 23.75 9.06 25.83
CA THR C 286 24.74 8.11 25.33
C THR C 286 25.21 7.17 26.43
N VAL C 287 25.47 7.73 27.62
CA VAL C 287 25.92 6.92 28.74
C VAL C 287 24.88 5.86 29.12
N GLU C 288 23.62 6.25 29.10
CA GLU C 288 22.56 5.33 29.48
C GLU C 288 22.39 4.22 28.45
N LEU C 289 22.57 4.54 27.18
CA LEU C 289 22.50 3.53 26.13
C LEU C 289 23.63 2.53 26.31
N LEU C 290 24.81 3.03 26.61
CA LEU C 290 25.98 2.16 26.72
C LEU C 290 25.82 1.20 27.87
N ARG C 291 25.28 1.71 28.98
CA ARG C 291 25.00 0.89 30.15
C ARG C 291 24.10 -0.29 29.79
N ASN C 292 22.95 0.00 29.19
CA ASN C 292 22.04 -1.05 28.76
C ASN C 292 22.68 -2.03 27.79
N VAL C 293 23.33 -1.49 26.76
CA VAL C 293 23.92 -2.34 25.73
C VAL C 293 25.04 -3.21 26.28
N LEU C 294 25.86 -2.64 27.16
CA LEU C 294 26.96 -3.39 27.77
C LEU C 294 26.46 -4.53 28.66
N LYS C 295 25.43 -4.26 29.47
CA LYS C 295 24.85 -5.32 30.30
C LYS C 295 24.24 -6.40 29.41
N GLU C 296 23.57 -5.96 28.35
CA GLU C 296 22.94 -6.90 27.42
C GLU C 296 24.01 -7.80 26.79
N SER C 297 25.20 -7.25 26.60
CA SER C 297 26.30 -7.97 25.97
C SER C 297 27.12 -8.75 26.99
N GLY C 298 26.71 -8.71 28.27
CA GLY C 298 27.46 -9.36 29.33
C GLY C 298 28.82 -8.74 29.62
N LEU C 299 28.95 -7.44 29.32
CA LEU C 299 30.21 -6.74 29.56
C LEU C 299 30.13 -5.86 30.80
N LEU C 300 28.98 -5.88 31.46
CA LEU C 300 28.72 -5.03 32.62
C LEU C 300 27.67 -5.70 33.50
N ASP D 3 -30.01 -31.32 -20.77
CA ASP D 3 -29.52 -32.69 -20.67
C ASP D 3 -29.73 -33.25 -19.27
N PRO D 4 -29.35 -34.51 -19.06
CA PRO D 4 -29.75 -35.26 -17.87
C PRO D 4 -28.99 -34.85 -16.60
N PHE D 5 -27.77 -34.37 -16.77
CA PHE D 5 -26.94 -34.03 -15.62
C PHE D 5 -27.59 -32.93 -14.79
N THR D 6 -28.37 -32.08 -15.45
CA THR D 6 -29.00 -30.93 -14.79
C THR D 6 -30.29 -31.33 -14.06
N MET D 7 -30.92 -32.41 -14.49
CA MET D 7 -32.17 -32.87 -13.90
C MET D 7 -31.96 -33.60 -12.56
N PHE D 8 -31.43 -32.90 -11.58
CA PHE D 8 -31.09 -33.50 -10.30
C PHE D 8 -32.33 -33.66 -9.42
N ARG D 9 -32.32 -34.65 -8.54
CA ARG D 9 -33.37 -34.80 -7.52
C ARG D 9 -32.74 -34.81 -6.13
N GLY D 10 -33.42 -34.16 -5.19
CA GLY D 10 -32.89 -34.00 -3.84
C GLY D 10 -32.55 -32.55 -3.58
N VAL D 11 -31.37 -32.31 -3.03
CA VAL D 11 -31.02 -30.96 -2.58
C VAL D 11 -30.04 -30.26 -3.54
N GLY D 12 -30.39 -29.06 -3.96
CA GLY D 12 -29.46 -28.17 -4.64
C GLY D 12 -29.26 -26.96 -3.74
N THR D 13 -28.02 -26.72 -3.31
CA THR D 13 -27.77 -25.66 -2.34
C THR D 13 -27.57 -24.33 -3.05
N ALA D 14 -28.39 -23.34 -2.68
CA ALA D 14 -28.17 -21.99 -3.12
C ALA D 14 -27.08 -21.46 -2.21
N ILE D 15 -25.84 -21.65 -2.65
CA ILE D 15 -24.69 -21.35 -1.83
C ILE D 15 -24.48 -19.82 -1.70
N VAL D 16 -24.12 -19.36 -0.50
CA VAL D 16 -23.82 -17.95 -0.32
C VAL D 16 -22.54 -17.60 -1.06
N THR D 17 -22.33 -16.32 -1.30
CA THR D 17 -21.08 -15.81 -1.84
C THR D 17 -20.32 -15.12 -0.71
N PRO D 18 -19.29 -15.77 -0.14
CA PRO D 18 -18.61 -15.14 1.00
C PRO D 18 -17.75 -13.95 0.60
N PHE D 19 -17.77 -12.88 1.40
CA PHE D 19 -16.93 -11.72 1.15
C PHE D 19 -15.96 -11.52 2.32
N LYS D 20 -14.86 -10.84 2.04
CA LYS D 20 -13.92 -10.46 3.08
C LYS D 20 -13.11 -9.26 2.63
N ASN D 21 -13.19 -8.18 3.41
CA ASN D 21 -12.53 -6.93 3.07
C ASN D 21 -13.02 -6.37 1.74
N GLY D 22 -14.31 -6.58 1.49
CA GLY D 22 -14.95 -6.07 0.30
C GLY D 22 -14.74 -6.90 -0.97
N GLU D 23 -14.01 -8.01 -0.88
CA GLU D 23 -13.71 -8.83 -2.05
C GLU D 23 -14.27 -10.24 -1.89
N LEU D 24 -14.38 -10.98 -2.99
CA LEU D 24 -14.75 -12.38 -2.87
C LEU D 24 -13.76 -13.06 -1.94
N ASP D 25 -14.27 -13.97 -1.12
CA ASP D 25 -13.44 -14.76 -0.23
C ASP D 25 -13.51 -16.21 -0.70
N LEU D 26 -12.67 -16.58 -1.66
CA LEU D 26 -12.73 -17.91 -2.25
C LEU D 26 -12.20 -19.03 -1.35
N GLU D 27 -11.39 -18.67 -0.36
CA GLU D 27 -10.88 -19.68 0.57
C GLU D 27 -12.00 -20.22 1.45
N SER D 28 -12.80 -19.31 1.99
CA SER D 28 -13.96 -19.68 2.78
C SER D 28 -14.99 -20.35 1.88
N TYR D 29 -15.03 -19.92 0.63
CA TYR D 29 -15.99 -20.46 -0.32
C TYR D 29 -15.71 -21.93 -0.62
N GLU D 30 -14.45 -22.26 -0.86
CA GLU D 30 -14.09 -23.64 -1.17
C GLU D 30 -14.38 -24.57 0.00
N ARG D 31 -14.16 -24.09 1.22
CA ARG D 31 -14.49 -24.88 2.41
C ARG D 31 -15.98 -25.16 2.48
N LEU D 32 -16.78 -24.15 2.15
CA LEU D 32 -18.23 -24.29 2.11
C LEU D 32 -18.65 -25.27 1.01
N VAL D 33 -18.05 -25.15 -0.16
CA VAL D 33 -18.38 -26.04 -1.26
C VAL D 33 -18.09 -27.49 -0.90
N ARG D 34 -16.96 -27.73 -0.24
CA ARG D 34 -16.58 -29.08 0.16
C ARG D 34 -17.47 -29.60 1.29
N TYR D 35 -17.92 -28.69 2.14
CA TYR D 35 -18.89 -29.03 3.19
C TYR D 35 -20.13 -29.61 2.53
N GLN D 36 -20.53 -29.02 1.41
CA GLN D 36 -21.71 -29.49 0.67
C GLN D 36 -21.45 -30.84 0.00
N LEU D 37 -20.33 -30.93 -0.71
CA LEU D 37 -20.00 -32.15 -1.45
C LEU D 37 -19.87 -33.33 -0.51
N GLU D 38 -19.23 -33.13 0.64
CA GLU D 38 -18.98 -34.22 1.58
C GLU D 38 -20.25 -34.68 2.28
N ASN D 39 -21.30 -33.88 2.18
CA ASN D 39 -22.57 -34.20 2.83
C ASN D 39 -23.68 -34.62 1.89
N GLY D 40 -23.31 -34.96 0.66
CA GLY D 40 -24.23 -35.58 -0.29
C GLY D 40 -25.24 -34.70 -1.00
N VAL D 41 -24.98 -33.41 -1.11
CA VAL D 41 -25.91 -32.56 -1.85
C VAL D 41 -25.88 -32.90 -3.35
N ASN D 42 -27.00 -32.66 -4.03
CA ASN D 42 -27.18 -33.14 -5.40
C ASN D 42 -26.88 -32.13 -6.50
N ALA D 43 -26.73 -30.88 -6.10
CA ALA D 43 -26.41 -29.80 -7.05
C ALA D 43 -25.97 -28.56 -6.29
N LEU D 44 -25.33 -27.65 -7.01
CA LEU D 44 -25.00 -26.33 -6.48
C LEU D 44 -25.64 -25.25 -7.34
N ILE D 45 -26.29 -24.29 -6.68
CA ILE D 45 -26.84 -23.11 -7.36
C ILE D 45 -26.05 -21.90 -6.94
N VAL D 46 -25.24 -21.40 -7.87
CA VAL D 46 -24.33 -20.31 -7.62
C VAL D 46 -24.93 -19.01 -8.11
N LEU D 47 -24.76 -17.96 -7.32
CA LEU D 47 -25.24 -16.63 -7.71
C LEU D 47 -26.76 -16.55 -7.78
N GLY D 48 -27.42 -17.21 -6.83
CA GLY D 48 -28.85 -17.01 -6.66
C GLY D 48 -29.05 -15.85 -5.70
N THR D 49 -30.29 -15.65 -5.27
CA THR D 49 -30.61 -14.59 -4.30
C THR D 49 -29.74 -14.77 -3.06
N THR D 50 -29.61 -16.02 -2.61
CA THR D 50 -28.79 -16.34 -1.45
C THR D 50 -27.33 -15.99 -1.69
N GLY D 51 -26.91 -15.98 -2.95
CA GLY D 51 -25.53 -15.67 -3.29
C GLY D 51 -25.31 -14.21 -3.60
N GLU D 52 -26.30 -13.37 -3.24
CA GLU D 52 -26.22 -11.93 -3.44
C GLU D 52 -25.86 -11.51 -4.87
N SER D 53 -26.47 -12.16 -5.86
CA SER D 53 -26.22 -11.84 -7.26
C SER D 53 -26.35 -10.33 -7.60
N PRO D 54 -27.26 -9.60 -6.93
CA PRO D 54 -27.40 -8.17 -7.26
C PRO D 54 -26.13 -7.35 -7.07
N THR D 55 -25.25 -7.80 -6.18
CA THR D 55 -24.09 -6.99 -5.83
C THR D 55 -22.75 -7.63 -6.22
N VAL D 56 -22.79 -8.68 -7.03
CA VAL D 56 -21.57 -9.36 -7.44
C VAL D 56 -21.24 -8.99 -8.89
N ASN D 57 -20.09 -8.38 -9.11
CA ASN D 57 -19.80 -7.81 -10.43
C ASN D 57 -19.41 -8.88 -11.46
N GLU D 58 -19.31 -8.48 -12.73
CA GLU D 58 -19.10 -9.45 -13.82
C GLU D 58 -17.79 -10.25 -13.67
N ASP D 59 -16.69 -9.57 -13.32
CA ASP D 59 -15.42 -10.25 -13.11
C ASP D 59 -15.51 -11.24 -11.97
N GLU D 60 -16.18 -10.84 -10.90
CA GLU D 60 -16.38 -11.69 -9.73
C GLU D 60 -17.23 -12.91 -10.06
N ARG D 61 -18.24 -12.71 -10.90
CA ARG D 61 -19.10 -13.82 -11.35
C ARG D 61 -18.29 -14.91 -12.06
N GLU D 62 -17.41 -14.49 -12.96
CA GLU D 62 -16.57 -15.40 -13.71
C GLU D 62 -15.62 -16.16 -12.78
N LYS D 63 -15.01 -15.42 -11.86
CA LYS D 63 -14.08 -16.02 -10.90
C LYS D 63 -14.80 -17.08 -10.07
N LEU D 64 -15.95 -16.71 -9.52
CA LEU D 64 -16.67 -17.59 -8.62
C LEU D 64 -17.16 -18.86 -9.32
N VAL D 65 -17.71 -18.71 -10.52
CA VAL D 65 -18.22 -19.85 -11.29
C VAL D 65 -17.09 -20.80 -11.69
N SER D 66 -16.00 -20.26 -12.23
CA SER D 66 -14.85 -21.09 -12.59
C SER D 66 -14.27 -21.84 -11.39
N ARG D 67 -14.19 -21.17 -10.25
CA ARG D 67 -13.64 -21.80 -9.06
C ARG D 67 -14.58 -22.91 -8.58
N THR D 68 -15.88 -22.66 -8.66
CA THR D 68 -16.86 -23.65 -8.28
C THR D 68 -16.67 -24.88 -9.14
N LEU D 69 -16.54 -24.67 -10.44
CA LEU D 69 -16.43 -25.78 -11.39
C LEU D 69 -15.15 -26.59 -11.18
N GLU D 70 -14.05 -25.91 -10.90
CA GLU D 70 -12.79 -26.60 -10.62
C GLU D 70 -12.92 -27.51 -9.39
N ILE D 71 -13.53 -27.00 -8.33
CA ILE D 71 -13.69 -27.75 -7.08
C ILE D 71 -14.63 -28.94 -7.23
N VAL D 72 -15.77 -28.71 -7.87
CA VAL D 72 -16.80 -29.74 -7.99
C VAL D 72 -16.38 -30.80 -8.99
N ASP D 73 -15.40 -30.46 -9.81
CA ASP D 73 -14.81 -31.40 -10.78
C ASP D 73 -15.83 -32.39 -11.35
N GLY D 74 -16.99 -31.88 -11.77
CA GLY D 74 -17.99 -32.67 -12.44
C GLY D 74 -18.81 -33.63 -11.59
N LYS D 75 -18.66 -33.53 -10.27
CA LYS D 75 -19.34 -34.45 -9.36
C LYS D 75 -20.85 -34.22 -9.32
N ILE D 76 -21.26 -32.96 -9.33
CA ILE D 76 -22.67 -32.61 -9.35
C ILE D 76 -22.84 -31.41 -10.28
N PRO D 77 -24.06 -31.18 -10.77
CA PRO D 77 -24.31 -30.02 -11.65
C PRO D 77 -24.18 -28.67 -10.94
N VAL D 78 -23.49 -27.75 -11.62
CA VAL D 78 -23.36 -26.37 -11.16
C VAL D 78 -24.26 -25.47 -11.98
N ILE D 79 -25.31 -24.95 -11.33
CA ILE D 79 -26.33 -24.16 -12.00
C ILE D 79 -26.21 -22.69 -11.57
N VAL D 80 -26.11 -21.80 -12.55
CA VAL D 80 -25.75 -20.40 -12.31
C VAL D 80 -26.94 -19.47 -12.47
N GLY D 81 -27.17 -18.62 -11.47
CA GLY D 81 -28.21 -17.62 -11.57
C GLY D 81 -27.78 -16.61 -12.61
N ALA D 82 -28.66 -16.36 -13.58
CA ALA D 82 -28.28 -15.55 -14.73
C ALA D 82 -29.44 -14.80 -15.37
N GLY D 83 -30.31 -14.21 -14.56
CA GLY D 83 -31.46 -13.50 -15.12
C GLY D 83 -31.61 -12.10 -14.58
N THR D 84 -32.03 -11.18 -15.44
CA THR D 84 -32.42 -9.83 -15.01
C THR D 84 -33.84 -9.54 -15.48
N ASN D 85 -34.27 -8.29 -15.34
CA ASN D 85 -35.60 -7.90 -15.80
C ASN D 85 -35.56 -7.32 -17.22
N SER D 86 -34.43 -7.51 -17.90
CA SER D 86 -34.30 -7.21 -19.33
C SER D 86 -34.08 -8.51 -20.09
N THR D 87 -34.90 -8.76 -21.11
CA THR D 87 -34.77 -9.99 -21.88
C THR D 87 -33.44 -10.02 -22.62
N GLU D 88 -33.07 -8.88 -23.20
CA GLU D 88 -31.82 -8.77 -23.95
C GLU D 88 -30.60 -9.00 -23.05
N LYS D 89 -30.58 -8.36 -21.89
CA LYS D 89 -29.47 -8.52 -20.96
C LYS D 89 -29.43 -9.94 -20.38
N THR D 90 -30.58 -10.50 -20.10
CA THR D 90 -30.65 -11.88 -19.62
C THR D 90 -29.98 -12.84 -20.59
N LEU D 91 -30.27 -12.72 -21.88
CA LEU D 91 -29.64 -13.57 -22.88
C LEU D 91 -28.12 -13.46 -22.82
N LYS D 92 -27.63 -12.24 -22.66
CA LYS D 92 -26.18 -12.01 -22.56
C LYS D 92 -25.59 -12.76 -21.37
N LEU D 93 -26.26 -12.70 -20.22
CA LEU D 93 -25.76 -13.35 -19.01
C LEU D 93 -25.77 -14.88 -19.14
N VAL D 94 -26.84 -15.40 -19.73
CA VAL D 94 -26.94 -16.83 -20.00
C VAL D 94 -25.80 -17.31 -20.89
N LYS D 95 -25.51 -16.56 -21.94
CA LYS D 95 -24.38 -16.89 -22.82
C LYS D 95 -23.03 -16.82 -22.11
N GLN D 96 -22.86 -15.83 -21.24
CA GLN D 96 -21.64 -15.79 -20.44
C GLN D 96 -21.52 -17.04 -19.57
N ALA D 97 -22.63 -17.49 -18.99
CA ALA D 97 -22.63 -18.65 -18.11
C ALA D 97 -22.28 -19.90 -18.93
N GLU D 98 -22.89 -20.02 -20.08
CA GLU D 98 -22.61 -21.13 -20.99
C GLU D 98 -21.11 -21.19 -21.29
N LYS D 99 -20.54 -20.04 -21.62
CA LYS D 99 -19.14 -19.94 -21.99
C LYS D 99 -18.21 -20.27 -20.82
N LEU D 100 -18.68 -20.05 -19.60
CA LEU D 100 -17.88 -20.37 -18.41
C LEU D 100 -17.90 -21.87 -18.08
N GLY D 101 -18.83 -22.60 -18.67
CA GLY D 101 -18.94 -24.03 -18.40
C GLY D 101 -20.05 -24.41 -17.44
N ALA D 102 -20.99 -23.50 -17.19
CA ALA D 102 -22.15 -23.82 -16.36
C ALA D 102 -22.93 -25.01 -16.91
N ASN D 103 -23.38 -25.90 -16.03
CA ASN D 103 -24.21 -27.02 -16.45
C ASN D 103 -25.64 -26.57 -16.79
N GLY D 104 -26.07 -25.45 -16.22
CA GLY D 104 -27.38 -24.89 -16.48
C GLY D 104 -27.50 -23.52 -15.83
N VAL D 105 -28.61 -22.84 -16.08
CA VAL D 105 -28.84 -21.51 -15.52
C VAL D 105 -30.18 -21.45 -14.79
N LEU D 106 -30.21 -20.72 -13.68
CA LEU D 106 -31.45 -20.39 -12.98
C LEU D 106 -31.85 -18.98 -13.41
N VAL D 107 -33.03 -18.84 -14.01
CA VAL D 107 -33.45 -17.58 -14.59
C VAL D 107 -34.74 -17.09 -13.93
N VAL D 108 -34.59 -16.07 -13.09
CA VAL D 108 -35.73 -15.48 -12.35
C VAL D 108 -36.68 -14.74 -13.29
N THR D 109 -37.97 -14.80 -12.99
CA THR D 109 -38.95 -13.97 -13.70
C THR D 109 -38.50 -12.51 -13.51
N PRO D 110 -38.55 -11.71 -14.59
CA PRO D 110 -38.16 -10.30 -14.47
C PRO D 110 -38.89 -9.63 -13.30
N TYR D 111 -38.11 -8.99 -12.44
CA TYR D 111 -38.61 -8.31 -11.24
C TYR D 111 -38.86 -6.85 -11.57
N TYR D 112 -39.70 -6.23 -10.76
CA TYR D 112 -39.88 -4.79 -10.80
C TYR D 112 -40.69 -4.24 -11.97
N ASN D 113 -40.48 -4.75 -13.18
CA ASN D 113 -41.30 -4.29 -14.30
C ASN D 113 -42.61 -5.06 -14.52
N LYS D 114 -42.84 -6.09 -13.70
CA LYS D 114 -44.14 -6.76 -13.63
C LYS D 114 -44.72 -7.13 -15.00
N PRO D 115 -43.98 -7.96 -15.74
CA PRO D 115 -44.41 -8.42 -17.07
C PRO D 115 -45.72 -9.22 -17.02
N THR D 116 -46.50 -9.15 -18.09
CA THR D 116 -47.71 -9.93 -18.22
C THR D 116 -47.31 -11.38 -18.37
N GLN D 117 -48.29 -12.29 -18.23
CA GLN D 117 -48.02 -13.71 -18.41
C GLN D 117 -47.47 -13.99 -19.81
N GLU D 118 -48.03 -13.33 -20.81
CA GLU D 118 -47.53 -13.51 -22.18
C GLU D 118 -46.10 -12.98 -22.33
N GLY D 119 -45.79 -11.88 -21.64
CA GLY D 119 -44.44 -11.34 -21.64
C GLY D 119 -43.46 -12.31 -21.01
N LEU D 120 -43.89 -12.92 -19.91
CA LEU D 120 -43.11 -13.95 -19.25
C LEU D 120 -42.85 -15.10 -20.23
N TYR D 121 -43.91 -15.59 -20.89
CA TYR D 121 -43.72 -16.67 -21.86
C TYR D 121 -42.71 -16.25 -22.93
N GLN D 122 -42.83 -15.04 -23.45
CA GLN D 122 -41.93 -14.60 -24.52
C GLN D 122 -40.49 -14.44 -24.03
N HIS D 123 -40.35 -14.00 -22.78
CA HIS D 123 -39.05 -13.86 -22.15
C HIS D 123 -38.30 -15.18 -22.18
N TYR D 124 -38.94 -16.24 -21.67
CA TYR D 124 -38.30 -17.54 -21.66
C TYR D 124 -38.16 -18.15 -23.06
N LYS D 125 -39.11 -17.84 -23.94
CA LYS D 125 -39.04 -18.37 -25.29
C LYS D 125 -37.85 -17.79 -26.04
N TYR D 126 -37.67 -16.48 -25.89
CA TYR D 126 -36.56 -15.81 -26.54
C TYR D 126 -35.22 -16.37 -26.06
N ILE D 127 -35.08 -16.54 -24.75
CA ILE D 127 -33.84 -17.06 -24.17
C ILE D 127 -33.63 -18.52 -24.53
N SER D 128 -34.68 -19.32 -24.36
CA SER D 128 -34.65 -20.74 -24.64
C SER D 128 -34.20 -21.06 -26.07
N GLU D 129 -34.67 -20.27 -27.03
CA GLU D 129 -34.38 -20.55 -28.43
C GLU D 129 -32.96 -20.17 -28.82
N ARG D 130 -32.24 -19.48 -27.93
CA ARG D 130 -30.95 -18.90 -28.25
C ARG D 130 -29.81 -19.39 -27.37
N THR D 131 -30.01 -20.53 -26.70
CA THR D 131 -28.97 -21.12 -25.87
C THR D 131 -29.07 -22.65 -25.86
N ASP D 132 -27.96 -23.30 -25.53
CA ASP D 132 -27.90 -24.75 -25.51
C ASP D 132 -27.99 -25.32 -24.10
N LEU D 133 -28.03 -24.46 -23.09
CA LEU D 133 -28.06 -24.92 -21.70
C LEU D 133 -29.46 -25.19 -21.20
N GLY D 134 -29.60 -26.10 -20.24
CA GLY D 134 -30.85 -26.29 -19.56
C GLY D 134 -31.16 -25.06 -18.72
N ILE D 135 -32.43 -24.66 -18.71
CA ILE D 135 -32.86 -23.47 -18.00
C ILE D 135 -33.89 -23.81 -16.93
N VAL D 136 -33.74 -23.19 -15.76
CA VAL D 136 -34.70 -23.36 -14.69
C VAL D 136 -35.41 -22.04 -14.44
N VAL D 137 -36.72 -22.00 -14.66
CA VAL D 137 -37.54 -20.85 -14.31
C VAL D 137 -37.56 -20.66 -12.79
N TYR D 138 -37.41 -19.43 -12.33
CA TYR D 138 -37.41 -19.15 -10.89
C TYR D 138 -38.56 -18.19 -10.56
N ASN D 139 -39.57 -18.72 -9.87
CA ASN D 139 -40.74 -17.95 -9.50
C ASN D 139 -40.63 -17.59 -8.02
N VAL D 140 -40.64 -16.29 -7.73
CA VAL D 140 -40.52 -15.81 -6.35
C VAL D 140 -41.26 -14.47 -6.22
N PRO D 141 -42.59 -14.53 -6.25
CA PRO D 141 -43.53 -13.39 -6.31
C PRO D 141 -43.23 -12.33 -5.26
N GLY D 142 -42.90 -12.75 -4.04
CA GLY D 142 -42.64 -11.81 -2.96
C GLY D 142 -41.48 -10.85 -3.20
N ARG D 143 -40.53 -11.27 -4.02
CA ARG D 143 -39.36 -10.44 -4.32
C ARG D 143 -39.50 -9.71 -5.66
N THR D 144 -40.24 -10.31 -6.58
CA THR D 144 -40.26 -9.83 -7.96
C THR D 144 -41.44 -8.94 -8.28
N GLY D 145 -42.55 -9.14 -7.56
CA GLY D 145 -43.78 -8.42 -7.85
C GLY D 145 -44.61 -9.10 -8.93
N VAL D 146 -44.17 -10.28 -9.37
CA VAL D 146 -44.92 -11.03 -10.38
C VAL D 146 -44.99 -12.54 -10.05
N ASN D 147 -46.11 -13.16 -10.42
CA ASN D 147 -46.29 -14.60 -10.20
C ASN D 147 -46.51 -15.32 -11.53
N VAL D 148 -45.72 -16.35 -11.80
CA VAL D 148 -45.94 -17.19 -12.97
C VAL D 148 -47.15 -18.07 -12.67
N LEU D 149 -48.21 -17.97 -13.45
CA LEU D 149 -49.38 -18.82 -13.21
C LEU D 149 -49.02 -20.26 -13.56
N PRO D 150 -49.54 -21.23 -12.79
CA PRO D 150 -49.25 -22.65 -13.09
C PRO D 150 -49.47 -22.96 -14.56
N GLU D 151 -50.52 -22.37 -15.14
CA GLU D 151 -50.83 -22.57 -16.54
C GLU D 151 -49.72 -22.05 -17.46
N THR D 152 -49.21 -20.86 -17.16
CA THR D 152 -48.11 -20.29 -17.93
C THR D 152 -46.89 -21.19 -17.85
N ALA D 153 -46.62 -21.70 -16.66
CA ALA D 153 -45.49 -22.59 -16.46
C ALA D 153 -45.67 -23.88 -17.26
N ALA D 154 -46.92 -24.33 -17.37
CA ALA D 154 -47.23 -25.55 -18.12
C ALA D 154 -47.00 -25.32 -19.62
N ARG D 155 -47.35 -24.14 -20.09
CA ARG D 155 -47.13 -23.76 -21.47
C ARG D 155 -45.63 -23.68 -21.80
N ILE D 156 -44.84 -23.27 -20.82
CA ILE D 156 -43.38 -23.24 -20.95
C ILE D 156 -42.83 -24.67 -21.04
N ALA D 157 -43.33 -25.53 -20.17
CA ALA D 157 -42.92 -26.93 -20.14
C ALA D 157 -43.26 -27.60 -21.47
N ALA D 158 -44.43 -27.26 -22.01
CA ALA D 158 -44.91 -27.89 -23.23
C ALA D 158 -44.18 -27.44 -24.49
N ASP D 159 -43.71 -26.19 -24.50
CA ASP D 159 -43.16 -25.58 -25.71
C ASP D 159 -41.63 -25.46 -25.74
N LEU D 160 -41.03 -25.21 -24.58
CA LEU D 160 -39.62 -24.83 -24.51
C LEU D 160 -38.76 -25.98 -24.00
N LYS D 161 -38.28 -26.82 -24.92
CA LYS D 161 -37.63 -28.08 -24.56
C LYS D 161 -36.40 -27.88 -23.70
N ASN D 162 -35.75 -26.73 -23.86
CA ASN D 162 -34.56 -26.35 -23.09
C ASN D 162 -34.83 -25.98 -21.64
N VAL D 163 -36.10 -25.69 -21.33
CA VAL D 163 -36.44 -25.37 -19.95
C VAL D 163 -36.64 -26.67 -19.19
N VAL D 164 -35.74 -26.94 -18.25
CA VAL D 164 -35.69 -28.26 -17.61
C VAL D 164 -36.61 -28.37 -16.39
N GLY D 165 -36.97 -27.26 -15.79
CA GLY D 165 -37.86 -27.29 -14.64
C GLY D 165 -38.13 -25.91 -14.09
N ILE D 166 -38.69 -25.87 -12.88
CA ILE D 166 -39.05 -24.60 -12.24
C ILE D 166 -38.74 -24.65 -10.75
N LYS D 167 -38.14 -23.57 -10.24
CA LYS D 167 -37.92 -23.40 -8.81
C LYS D 167 -39.07 -22.58 -8.28
N GLU D 168 -39.95 -23.22 -7.52
CA GLU D 168 -41.21 -22.63 -7.12
C GLU D 168 -41.12 -22.06 -5.71
N ALA D 169 -40.93 -20.76 -5.62
CA ALA D 169 -40.80 -20.07 -4.32
C ALA D 169 -42.07 -19.33 -3.90
N ASN D 170 -43.14 -19.48 -4.67
CA ASN D 170 -44.44 -19.01 -4.21
C ASN D 170 -44.88 -19.99 -3.12
N PRO D 171 -45.24 -19.47 -1.93
CA PRO D 171 -45.54 -20.32 -0.76
C PRO D 171 -46.96 -20.86 -0.71
N ASP D 172 -47.83 -20.38 -1.58
CA ASP D 172 -49.20 -20.85 -1.62
C ASP D 172 -49.25 -22.34 -1.98
N ILE D 173 -49.78 -23.18 -1.07
CA ILE D 173 -49.79 -24.62 -1.30
C ILE D 173 -50.61 -24.95 -2.54
N ASP D 174 -51.54 -24.04 -2.87
CA ASP D 174 -52.39 -24.18 -4.04
C ASP D 174 -51.58 -23.97 -5.32
N GLN D 175 -50.63 -23.04 -5.29
CA GLN D 175 -49.74 -22.84 -6.41
C GLN D 175 -48.80 -24.04 -6.53
N ILE D 176 -48.25 -24.46 -5.39
CA ILE D 176 -47.33 -25.58 -5.36
C ILE D 176 -47.99 -26.82 -5.95
N ASP D 177 -49.18 -27.13 -5.45
CA ASP D 177 -49.98 -28.24 -5.97
C ASP D 177 -50.14 -28.15 -7.48
N ARG D 178 -50.63 -27.01 -7.96
CA ARG D 178 -50.97 -26.83 -9.36
C ARG D 178 -49.75 -26.73 -10.29
N THR D 179 -48.62 -26.22 -9.79
CA THR D 179 -47.42 -26.12 -10.62
C THR D 179 -46.84 -27.50 -10.87
N VAL D 180 -46.74 -28.31 -9.81
CA VAL D 180 -46.24 -29.67 -9.96
C VAL D 180 -47.15 -30.40 -10.93
N SER D 181 -48.45 -30.22 -10.75
CA SER D 181 -49.46 -30.96 -11.51
C SER D 181 -49.54 -30.58 -12.99
N LEU D 182 -49.59 -29.28 -13.29
CA LEU D 182 -49.73 -28.85 -14.67
C LEU D 182 -48.45 -29.05 -15.49
N THR D 183 -47.30 -28.71 -14.92
CA THR D 183 -46.05 -28.87 -15.67
C THR D 183 -45.80 -30.32 -16.04
N LYS D 184 -45.86 -31.21 -15.06
CA LYS D 184 -45.57 -32.63 -15.28
C LYS D 184 -46.60 -33.27 -16.21
N GLN D 185 -47.82 -32.73 -16.21
CA GLN D 185 -48.83 -33.17 -17.16
C GLN D 185 -48.46 -32.71 -18.56
N ALA D 186 -47.78 -31.58 -18.66
CA ALA D 186 -47.29 -31.08 -19.94
C ALA D 186 -46.06 -31.86 -20.42
N ARG D 187 -45.15 -32.17 -19.49
CA ARG D 187 -43.95 -32.94 -19.81
C ARG D 187 -43.55 -33.74 -18.58
N SER D 188 -43.60 -35.07 -18.71
CA SER D 188 -43.51 -35.93 -17.53
C SER D 188 -42.19 -35.77 -16.76
N ASP D 189 -41.11 -35.45 -17.47
CA ASP D 189 -39.83 -35.26 -16.78
C ASP D 189 -39.49 -33.80 -16.48
N PHE D 190 -40.47 -32.90 -16.59
CA PHE D 190 -40.27 -31.50 -16.20
C PHE D 190 -40.05 -31.44 -14.69
N MET D 191 -38.99 -30.77 -14.26
CA MET D 191 -38.60 -30.82 -12.85
C MET D 191 -39.23 -29.70 -12.03
N VAL D 192 -39.73 -30.04 -10.84
CA VAL D 192 -40.23 -29.01 -9.92
C VAL D 192 -39.56 -29.12 -8.57
N TRP D 193 -38.77 -28.10 -8.25
CA TRP D 193 -38.06 -28.03 -6.98
C TRP D 193 -38.66 -26.93 -6.12
N SER D 194 -38.74 -27.16 -4.81
CA SER D 194 -39.22 -26.12 -3.91
C SER D 194 -38.19 -24.99 -3.80
N GLY D 195 -38.67 -23.76 -3.72
CA GLY D 195 -37.82 -22.61 -3.48
C GLY D 195 -37.93 -22.16 -2.03
N ASN D 196 -38.66 -22.94 -1.24
CA ASN D 196 -38.81 -22.65 0.19
C ASN D 196 -38.48 -23.88 1.03
N ASP D 197 -37.50 -23.77 1.92
CA ASP D 197 -37.11 -24.92 2.72
C ASP D 197 -38.29 -25.54 3.46
N ASP D 198 -39.08 -24.70 4.13
CA ASP D 198 -40.19 -25.22 4.92
C ASP D 198 -41.38 -25.66 4.07
N ARG D 199 -41.25 -25.58 2.75
CA ARG D 199 -42.29 -26.09 1.86
C ARG D 199 -41.88 -27.39 1.19
N THR D 200 -40.62 -27.78 1.40
CA THR D 200 -40.05 -28.94 0.71
C THR D 200 -40.84 -30.24 0.94
N PHE D 201 -41.15 -30.54 2.19
CA PHE D 201 -41.85 -31.77 2.49
C PHE D 201 -43.16 -31.90 1.72
N TYR D 202 -43.93 -30.80 1.69
CA TYR D 202 -45.23 -30.82 1.03
C TYR D 202 -45.11 -30.87 -0.48
N LEU D 203 -44.12 -30.18 -1.04
CA LEU D 203 -43.92 -30.19 -2.48
C LEU D 203 -43.54 -31.60 -2.95
N LEU D 204 -42.81 -32.31 -2.09
CA LEU D 204 -42.52 -33.72 -2.35
C LEU D 204 -43.81 -34.55 -2.35
N CYS D 205 -44.69 -34.28 -1.38
CA CYS D 205 -45.96 -34.97 -1.31
C CYS D 205 -46.80 -34.66 -2.54
N ALA D 206 -46.61 -33.46 -3.08
CA ALA D 206 -47.32 -33.04 -4.29
C ALA D 206 -46.74 -33.73 -5.53
N GLY D 207 -45.58 -34.38 -5.37
CA GLY D 207 -44.93 -35.09 -6.46
C GLY D 207 -43.68 -34.43 -7.01
N GLY D 208 -43.21 -33.38 -6.32
CA GLY D 208 -42.04 -32.63 -6.77
C GLY D 208 -40.73 -33.40 -6.66
N ASP D 209 -39.62 -32.69 -6.87
CA ASP D 209 -38.33 -33.33 -7.11
C ASP D 209 -37.26 -32.96 -6.08
N GLY D 210 -37.64 -32.14 -5.10
CA GLY D 210 -36.74 -31.77 -4.04
C GLY D 210 -36.73 -30.27 -3.82
N VAL D 211 -35.55 -29.73 -3.53
CA VAL D 211 -35.47 -28.35 -3.11
C VAL D 211 -34.17 -27.67 -3.52
N ILE D 212 -34.28 -26.40 -3.88
CA ILE D 212 -33.12 -25.54 -4.01
C ILE D 212 -33.11 -24.70 -2.75
N SER D 213 -32.19 -25.01 -1.84
CA SER D 213 -32.39 -24.64 -0.45
C SER D 213 -31.38 -23.64 0.12
N VAL D 214 -31.81 -22.98 1.19
CA VAL D 214 -30.97 -22.05 1.93
C VAL D 214 -30.39 -22.79 3.13
N VAL D 215 -31.24 -23.58 3.79
CA VAL D 215 -30.87 -24.34 4.99
C VAL D 215 -29.64 -25.22 4.76
N SER D 216 -29.55 -25.85 3.60
CA SER D 216 -28.47 -26.78 3.32
C SER D 216 -27.10 -26.11 3.38
N ASN D 217 -27.07 -24.79 3.27
CA ASN D 217 -25.84 -24.06 3.53
C ASN D 217 -25.23 -24.46 4.87
N VAL D 218 -26.06 -24.63 5.89
CA VAL D 218 -25.57 -24.96 7.22
C VAL D 218 -25.83 -26.40 7.66
N ALA D 219 -26.92 -26.98 7.15
CA ALA D 219 -27.31 -28.34 7.53
C ALA D 219 -27.57 -29.17 6.29
N PRO D 220 -26.53 -29.38 5.48
CA PRO D 220 -26.64 -30.08 4.20
C PRO D 220 -27.08 -31.54 4.41
N LYS D 221 -26.36 -32.25 5.27
CA LYS D 221 -26.66 -33.66 5.53
C LYS D 221 -28.13 -33.85 5.87
N GLN D 222 -28.66 -32.95 6.69
CA GLN D 222 -30.05 -33.05 7.16
C GLN D 222 -31.09 -32.81 6.07
N MET D 223 -30.91 -31.77 5.24
CA MET D 223 -31.84 -31.52 4.15
C MET D 223 -31.81 -32.67 3.16
N VAL D 224 -30.63 -33.25 2.96
CA VAL D 224 -30.48 -34.39 2.07
C VAL D 224 -31.21 -35.60 2.63
N GLU D 225 -31.04 -35.85 3.93
CA GLU D 225 -31.70 -36.98 4.58
C GLU D 225 -33.21 -36.81 4.54
N LEU D 226 -33.67 -35.56 4.52
CA LEU D 226 -35.09 -35.27 4.42
C LEU D 226 -35.65 -35.79 3.10
N CYS D 227 -35.01 -35.43 1.99
CA CYS D 227 -35.45 -35.89 0.67
C CYS D 227 -35.15 -37.36 0.49
N ALA D 228 -34.01 -37.80 1.01
CA ALA D 228 -33.61 -39.19 0.90
C ALA D 228 -34.67 -40.10 1.50
N GLU D 229 -35.05 -39.81 2.75
CA GLU D 229 -36.09 -40.57 3.44
C GLU D 229 -37.35 -40.67 2.60
N TYR D 230 -37.75 -39.54 2.03
CA TYR D 230 -38.95 -39.51 1.20
C TYR D 230 -38.78 -40.41 -0.03
N PHE D 231 -37.69 -40.21 -0.76
CA PHE D 231 -37.42 -41.00 -1.95
C PHE D 231 -37.31 -42.49 -1.64
N SER D 232 -36.98 -42.83 -0.40
CA SER D 232 -36.83 -44.23 0.01
C SER D 232 -38.16 -44.87 0.41
N GLY D 233 -39.17 -44.04 0.66
CA GLY D 233 -40.48 -44.53 1.03
C GLY D 233 -40.80 -44.26 2.48
N ASN D 234 -39.79 -43.86 3.24
CA ASN D 234 -39.98 -43.55 4.65
C ASN D 234 -40.62 -42.19 4.85
N LEU D 235 -41.93 -42.10 4.63
CA LEU D 235 -42.61 -40.81 4.69
C LEU D 235 -42.60 -40.22 6.10
N GLU D 236 -43.03 -41.01 7.08
CA GLU D 236 -43.05 -40.55 8.46
C GLU D 236 -41.66 -40.12 8.92
N LYS D 237 -40.64 -40.89 8.52
CA LYS D 237 -39.28 -40.62 8.96
C LYS D 237 -38.73 -39.35 8.31
N SER D 238 -39.29 -38.99 7.15
CA SER D 238 -38.92 -37.76 6.47
C SER D 238 -39.52 -36.57 7.22
N ALA D 239 -40.75 -36.74 7.69
CA ALA D 239 -41.41 -35.71 8.48
C ALA D 239 -40.66 -35.51 9.79
N GLU D 240 -40.09 -36.59 10.33
CA GLU D 240 -39.26 -36.53 11.52
C GLU D 240 -38.14 -35.50 11.32
N VAL D 241 -37.40 -35.65 10.23
CA VAL D 241 -36.31 -34.75 9.91
C VAL D 241 -36.85 -33.35 9.69
N HIS D 242 -38.00 -33.27 9.04
CA HIS D 242 -38.66 -32.00 8.75
C HIS D 242 -38.97 -31.28 10.05
N ALA D 243 -39.61 -32.00 10.97
CA ALA D 243 -39.95 -31.46 12.28
C ALA D 243 -38.70 -31.00 13.03
N LYS D 244 -37.64 -31.79 12.95
CA LYS D 244 -36.40 -31.45 13.65
C LYS D 244 -35.80 -30.15 13.11
N LEU D 245 -36.10 -29.86 11.86
CA LEU D 245 -35.47 -28.76 11.13
C LEU D 245 -36.23 -27.44 11.20
N ARG D 246 -37.49 -27.50 11.60
CA ARG D 246 -38.34 -26.31 11.57
C ARG D 246 -37.74 -25.08 12.25
N PRO D 247 -37.23 -25.23 13.48
CA PRO D 247 -36.68 -24.05 14.17
C PRO D 247 -35.60 -23.37 13.31
N LEU D 248 -34.76 -24.18 12.69
CA LEU D 248 -33.68 -23.64 11.87
C LEU D 248 -34.26 -23.01 10.58
N MET D 249 -35.30 -23.62 10.03
CA MET D 249 -35.90 -23.11 8.79
C MET D 249 -36.54 -21.74 8.97
N LYS D 250 -37.23 -21.54 10.08
CA LYS D 250 -37.87 -20.25 10.34
C LYS D 250 -36.85 -19.16 10.71
N ALA D 251 -35.83 -19.55 11.47
CA ALA D 251 -34.86 -18.59 11.99
C ALA D 251 -33.97 -18.03 10.87
N LEU D 252 -33.87 -18.78 9.77
CA LEU D 252 -33.03 -18.34 8.67
C LEU D 252 -33.73 -17.24 7.87
N PHE D 253 -34.95 -16.88 8.26
CA PHE D 253 -35.67 -15.85 7.53
C PHE D 253 -36.23 -14.73 8.40
N VAL D 254 -35.76 -14.64 9.64
CA VAL D 254 -36.21 -13.61 10.57
C VAL D 254 -35.85 -12.23 10.04
N GLU D 255 -34.79 -12.18 9.24
CA GLU D 255 -34.47 -11.02 8.43
C GLU D 255 -34.25 -11.52 7.01
N THR D 256 -34.21 -10.62 6.04
CA THR D 256 -34.09 -11.00 4.64
C THR D 256 -32.87 -11.90 4.40
N ASN D 257 -33.12 -13.07 3.83
CA ASN D 257 -32.07 -13.97 3.36
C ASN D 257 -31.26 -13.27 2.27
N PRO D 258 -29.92 -13.38 2.33
CA PRO D 258 -29.14 -14.27 3.20
C PRO D 258 -28.54 -13.61 4.44
N ILE D 259 -29.17 -12.60 5.02
CA ILE D 259 -28.61 -11.98 6.22
C ILE D 259 -28.45 -12.98 7.37
N PRO D 260 -29.52 -13.71 7.73
CA PRO D 260 -29.40 -14.69 8.83
C PRO D 260 -28.45 -15.85 8.50
N VAL D 261 -28.52 -16.38 7.28
CA VAL D 261 -27.68 -17.53 6.94
C VAL D 261 -26.17 -17.22 6.97
N LYS D 262 -25.77 -16.02 6.56
CA LYS D 262 -24.37 -15.65 6.67
C LYS D 262 -23.96 -15.48 8.14
N ALA D 263 -24.87 -14.92 8.95
CA ALA D 263 -24.64 -14.80 10.38
C ALA D 263 -24.39 -16.18 10.96
N ALA D 264 -25.20 -17.14 10.55
CA ALA D 264 -25.07 -18.51 11.02
C ALA D 264 -23.76 -19.17 10.60
N LEU D 265 -23.43 -19.06 9.31
CA LEU D 265 -22.20 -19.66 8.80
C LEU D 265 -20.99 -19.02 9.49
N ASN D 266 -21.13 -17.73 9.81
CA ASN D 266 -20.09 -17.03 10.55
C ASN D 266 -19.92 -17.59 11.98
N LEU D 267 -21.04 -17.91 12.64
CA LEU D 267 -20.99 -18.52 13.97
C LEU D 267 -20.35 -19.89 13.92
N MET D 268 -20.49 -20.54 12.77
CA MET D 268 -19.96 -21.88 12.57
C MET D 268 -18.53 -21.88 12.05
N GLY D 269 -17.97 -20.67 11.89
CA GLY D 269 -16.58 -20.53 11.52
C GLY D 269 -16.24 -20.78 10.06
N PHE D 270 -17.24 -20.72 9.20
CA PHE D 270 -17.01 -20.94 7.76
C PHE D 270 -16.62 -19.67 7.02
N ILE D 271 -17.22 -18.55 7.40
CA ILE D 271 -17.06 -17.31 6.63
C ILE D 271 -17.01 -16.08 7.53
N GLU D 272 -16.66 -14.95 6.93
CA GLU D 272 -16.77 -13.66 7.59
C GLU D 272 -18.20 -13.16 7.47
N ASN D 273 -18.73 -12.53 8.52
CA ASN D 273 -20.09 -12.04 8.47
C ASN D 273 -20.19 -10.73 7.69
N GLU D 274 -19.96 -10.80 6.39
CA GLU D 274 -19.87 -9.59 5.57
C GLU D 274 -20.81 -9.64 4.38
N LEU D 275 -21.62 -8.59 4.23
CA LEU D 275 -22.55 -8.51 3.11
C LEU D 275 -22.33 -7.20 2.38
N ARG D 276 -23.01 -7.03 1.25
CA ARG D 276 -22.89 -5.80 0.48
C ARG D 276 -24.17 -4.98 0.47
N LEU D 277 -24.04 -3.67 0.69
CA LEU D 277 -25.17 -2.76 0.67
C LEU D 277 -25.95 -2.97 -0.61
N PRO D 278 -27.29 -2.93 -0.54
CA PRO D 278 -28.08 -2.41 0.58
C PRO D 278 -28.28 -3.39 1.75
N LEU D 279 -27.66 -4.56 1.70
CA LEU D 279 -27.77 -5.51 2.81
C LEU D 279 -26.76 -5.23 3.91
N VAL D 280 -27.14 -5.50 5.15
CA VAL D 280 -26.26 -5.30 6.29
C VAL D 280 -26.29 -6.55 7.17
N PRO D 281 -25.33 -6.66 8.11
CA PRO D 281 -25.22 -7.82 9.01
C PRO D 281 -26.44 -7.96 9.91
N ALA D 282 -26.76 -9.20 10.30
CA ALA D 282 -27.92 -9.48 11.12
C ALA D 282 -27.84 -8.77 12.48
N SER D 283 -29.00 -8.52 13.07
CA SER D 283 -29.10 -7.85 14.36
C SER D 283 -28.68 -8.80 15.46
N GLU D 284 -28.40 -8.24 16.65
CA GLU D 284 -28.07 -9.07 17.80
C GLU D 284 -29.16 -10.08 18.13
N LYS D 285 -30.42 -9.64 18.10
CA LYS D 285 -31.53 -10.55 18.35
C LYS D 285 -31.49 -11.76 17.43
N THR D 286 -31.19 -11.51 16.15
CA THR D 286 -31.14 -12.58 15.17
C THR D 286 -29.99 -13.54 15.45
N VAL D 287 -28.83 -12.99 15.78
CA VAL D 287 -27.65 -13.79 16.09
C VAL D 287 -27.86 -14.62 17.34
N GLU D 288 -28.52 -14.03 18.33
CA GLU D 288 -28.86 -14.73 19.55
C GLU D 288 -29.76 -15.93 19.24
N LEU D 289 -30.75 -15.71 18.38
CA LEU D 289 -31.69 -16.77 18.02
C LEU D 289 -30.99 -17.87 17.26
N LEU D 290 -30.15 -17.48 16.30
CA LEU D 290 -29.38 -18.46 15.53
C LEU D 290 -28.50 -19.28 16.44
N ARG D 291 -27.78 -18.61 17.33
CA ARG D 291 -26.88 -19.28 18.25
C ARG D 291 -27.61 -20.40 19.00
N ASN D 292 -28.78 -20.08 19.56
CA ASN D 292 -29.56 -21.06 20.29
C ASN D 292 -30.09 -22.19 19.39
N VAL D 293 -30.70 -21.82 18.27
CA VAL D 293 -31.27 -22.81 17.36
C VAL D 293 -30.20 -23.72 16.77
N LEU D 294 -29.08 -23.14 16.35
CA LEU D 294 -27.95 -23.92 15.92
C LEU D 294 -27.52 -24.90 17.01
N LYS D 295 -27.40 -24.40 18.24
CA LYS D 295 -26.92 -25.23 19.34
C LYS D 295 -27.82 -26.45 19.59
N GLU D 296 -29.13 -26.26 19.52
CA GLU D 296 -30.07 -27.36 19.72
C GLU D 296 -29.89 -28.43 18.64
N SER D 297 -29.67 -27.97 17.41
CA SER D 297 -29.60 -28.87 16.25
C SER D 297 -28.29 -29.66 16.22
N GLY D 298 -27.40 -29.37 17.16
CA GLY D 298 -26.09 -30.02 17.16
C GLY D 298 -25.20 -29.46 16.08
N LEU D 299 -25.54 -28.26 15.59
CA LEU D 299 -24.76 -27.62 14.55
C LEU D 299 -23.78 -26.60 15.15
N LEU D 300 -23.85 -26.41 16.46
CA LEU D 300 -22.95 -25.49 17.13
C LEU D 300 -22.73 -25.95 18.58
N PHE E 5 38.84 46.94 13.96
CA PHE E 5 38.27 47.12 12.63
C PHE E 5 38.49 45.90 11.75
N THR E 6 38.84 44.77 12.33
CA THR E 6 38.91 43.53 11.55
C THR E 6 37.52 43.21 11.00
N MET E 7 36.55 44.06 11.35
CA MET E 7 35.19 43.94 10.87
C MET E 7 35.06 44.50 9.45
N PHE E 8 35.83 43.94 8.52
CA PHE E 8 35.84 44.46 7.15
C PHE E 8 34.59 44.09 6.35
N ARG E 9 34.20 44.96 5.42
CA ARG E 9 33.11 44.66 4.49
C ARG E 9 33.68 44.58 3.09
N GLY E 10 33.25 43.58 2.33
CA GLY E 10 33.71 43.43 0.96
C GLY E 10 34.60 42.22 0.76
N VAL E 11 35.75 42.45 0.12
CA VAL E 11 36.63 41.37 -0.29
C VAL E 11 37.85 41.21 0.62
N GLY E 12 38.00 40.04 1.22
CA GLY E 12 39.23 39.70 1.92
C GLY E 12 39.92 38.57 1.18
N THR E 13 41.09 38.85 0.61
CA THR E 13 41.76 37.85 -0.22
C THR E 13 42.50 36.80 0.58
N ALA E 14 42.13 35.54 0.38
CA ALA E 14 42.91 34.42 0.90
C ALA E 14 44.11 34.20 -0.03
N ILE E 15 45.22 34.88 0.25
CA ILE E 15 46.37 34.86 -0.65
C ILE E 15 47.15 33.53 -0.62
N VAL E 16 47.72 33.16 -1.77
CA VAL E 16 48.52 31.95 -1.88
C VAL E 16 49.89 32.17 -1.25
N THR E 17 50.55 31.10 -0.85
CA THR E 17 51.92 31.20 -0.35
C THR E 17 52.89 30.74 -1.44
N PRO E 18 53.50 31.69 -2.15
CA PRO E 18 54.40 31.39 -3.28
C PRO E 18 55.67 30.66 -2.83
N PHE E 19 56.08 29.65 -3.59
CA PHE E 19 57.31 28.92 -3.29
C PHE E 19 58.22 28.99 -4.52
N LYS E 20 59.54 28.86 -4.32
CA LYS E 20 60.46 28.63 -5.43
C LYS E 20 61.69 27.86 -4.98
N ASN E 21 62.08 26.86 -5.78
CA ASN E 21 63.19 25.98 -5.43
C ASN E 21 62.97 25.40 -4.03
N GLY E 22 61.71 25.07 -3.74
CA GLY E 22 61.37 24.42 -2.50
C GLY E 22 61.45 25.32 -1.27
N GLU E 23 61.64 26.61 -1.50
CA GLU E 23 61.68 27.58 -0.42
C GLU E 23 60.63 28.66 -0.62
N LEU E 24 60.33 29.38 0.45
CA LEU E 24 59.39 30.49 0.40
C LEU E 24 59.82 31.49 -0.67
N ASP E 25 58.89 31.91 -1.52
CA ASP E 25 59.19 32.91 -2.54
C ASP E 25 58.68 34.29 -2.12
N LEU E 26 59.45 34.95 -1.25
CA LEU E 26 59.00 36.17 -0.63
C LEU E 26 59.01 37.34 -1.63
N GLU E 27 59.79 37.19 -2.69
CA GLU E 27 59.86 38.19 -3.75
C GLU E 27 58.54 38.24 -4.53
N SER E 28 58.16 37.10 -5.09
CA SER E 28 56.90 36.99 -5.82
C SER E 28 55.73 37.41 -4.94
N TYR E 29 55.81 37.00 -3.67
CA TYR E 29 54.73 37.27 -2.72
C TYR E 29 54.40 38.74 -2.62
N GLU E 30 55.41 39.56 -2.34
CA GLU E 30 55.20 40.99 -2.15
C GLU E 30 54.49 41.64 -3.34
N ARG E 31 54.83 41.18 -4.55
CA ARG E 31 54.18 41.71 -5.75
C ARG E 31 52.69 41.44 -5.66
N LEU E 32 52.35 40.21 -5.29
CA LEU E 32 50.97 39.78 -5.20
C LEU E 32 50.20 40.60 -4.17
N VAL E 33 50.86 40.94 -3.07
CA VAL E 33 50.21 41.73 -2.02
C VAL E 33 49.88 43.11 -2.55
N ARG E 34 50.81 43.67 -3.32
CA ARG E 34 50.62 44.97 -3.96
C ARG E 34 49.49 44.91 -4.99
N TYR E 35 49.51 43.86 -5.80
CA TYR E 35 48.44 43.60 -6.77
C TYR E 35 47.09 43.64 -6.06
N GLN E 36 47.06 43.07 -4.86
CA GLN E 36 45.86 43.10 -4.03
C GLN E 36 45.51 44.52 -3.52
N LEU E 37 46.50 45.19 -2.94
CA LEU E 37 46.27 46.50 -2.34
C LEU E 37 45.89 47.56 -3.39
N GLU E 38 46.41 47.40 -4.60
CA GLU E 38 46.14 48.34 -5.69
C GLU E 38 44.69 48.31 -6.16
N ASN E 39 44.03 47.17 -5.98
CA ASN E 39 42.70 47.00 -6.54
C ASN E 39 41.56 47.02 -5.51
N GLY E 40 41.84 47.59 -4.35
CA GLY E 40 40.81 47.91 -3.39
C GLY E 40 40.34 46.76 -2.54
N VAL E 41 41.17 45.72 -2.42
CA VAL E 41 40.82 44.60 -1.55
C VAL E 41 40.76 45.15 -0.12
N ASN E 42 39.78 44.66 0.64
CA ASN E 42 39.48 45.25 1.94
C ASN E 42 40.15 44.53 3.11
N ALA E 43 40.82 43.42 2.83
CA ALA E 43 41.49 42.64 3.87
C ALA E 43 42.38 41.57 3.23
N LEU E 44 43.30 41.03 4.02
CA LEU E 44 44.14 39.93 3.58
C LEU E 44 44.08 38.79 4.57
N ILE E 45 43.84 37.60 4.06
CA ILE E 45 43.92 36.39 4.88
C ILE E 45 45.17 35.61 4.48
N VAL E 46 46.10 35.48 5.42
CA VAL E 46 47.36 34.80 5.15
C VAL E 46 47.37 33.41 5.75
N LEU E 47 47.97 32.47 5.03
CA LEU E 47 48.06 31.09 5.50
C LEU E 47 46.69 30.48 5.74
N GLY E 48 45.78 30.68 4.79
CA GLY E 48 44.52 29.97 4.81
C GLY E 48 44.73 28.66 4.09
N THR E 49 43.63 27.98 3.75
CA THR E 49 43.73 26.78 2.93
C THR E 49 44.45 27.12 1.64
N THR E 50 44.08 28.25 1.07
CA THR E 50 44.64 28.69 -0.20
C THR E 50 46.12 29.04 -0.05
N GLY E 51 46.56 29.33 1.17
CA GLY E 51 47.96 29.64 1.43
C GLY E 51 48.75 28.41 1.86
N GLU E 52 48.16 27.24 1.69
CA GLU E 52 48.83 25.99 2.04
C GLU E 52 49.34 25.95 3.50
N SER E 53 48.50 26.41 4.43
CA SER E 53 48.83 26.36 5.86
C SER E 53 49.36 25.00 6.34
N PRO E 54 48.85 23.89 5.78
CA PRO E 54 49.36 22.59 6.25
C PRO E 54 50.85 22.34 5.99
N THR E 55 51.41 22.91 4.93
CA THR E 55 52.80 22.61 4.58
C THR E 55 53.79 23.77 4.80
N VAL E 56 53.37 24.77 5.57
CA VAL E 56 54.23 25.90 5.87
C VAL E 56 54.70 25.83 7.32
N ASN E 57 56.00 25.70 7.52
CA ASN E 57 56.55 25.55 8.86
C ASN E 57 56.47 26.85 9.68
N GLU E 58 56.75 26.76 10.98
CA GLU E 58 56.55 27.90 11.89
C GLU E 58 57.45 29.10 11.58
N ASP E 59 58.69 28.85 11.16
CA ASP E 59 59.59 29.93 10.81
C ASP E 59 59.10 30.64 9.56
N GLU E 60 58.75 29.86 8.55
CA GLU E 60 58.15 30.39 7.32
C GLU E 60 56.89 31.20 7.66
N ARG E 61 56.06 30.65 8.54
CA ARG E 61 54.86 31.35 9.00
C ARG E 61 55.24 32.73 9.47
N GLU E 62 56.14 32.79 10.46
CA GLU E 62 56.61 34.05 11.00
C GLU E 62 57.15 34.98 9.92
N LYS E 63 58.06 34.47 9.09
CA LYS E 63 58.66 35.31 8.05
C LYS E 63 57.61 35.81 7.08
N LEU E 64 56.63 34.96 6.79
CA LEU E 64 55.57 35.31 5.86
C LEU E 64 54.62 36.37 6.44
N VAL E 65 54.22 36.20 7.70
CA VAL E 65 53.27 37.12 8.32
C VAL E 65 53.90 38.49 8.55
N SER E 66 55.17 38.52 8.93
CA SER E 66 55.86 39.80 9.16
C SER E 66 56.03 40.58 7.86
N ARG E 67 56.49 39.90 6.82
CA ARG E 67 56.66 40.54 5.53
C ARG E 67 55.34 41.11 5.03
N THR E 68 54.26 40.38 5.25
CA THR E 68 52.93 40.86 4.90
C THR E 68 52.61 42.15 5.65
N LEU E 69 52.82 42.14 6.96
CA LEU E 69 52.46 43.28 7.81
C LEU E 69 53.25 44.52 7.45
N GLU E 70 54.50 44.34 7.05
CA GLU E 70 55.37 45.45 6.66
C GLU E 70 54.89 46.10 5.36
N ILE E 71 54.45 45.27 4.42
CA ILE E 71 53.98 45.74 3.12
C ILE E 71 52.64 46.48 3.23
N VAL E 72 51.70 45.87 3.95
CA VAL E 72 50.38 46.47 4.12
C VAL E 72 50.44 47.80 4.86
N ASP E 73 51.40 47.93 5.78
CA ASP E 73 51.61 49.18 6.50
C ASP E 73 50.31 49.70 7.08
N GLY E 74 49.47 48.79 7.56
CA GLY E 74 48.23 49.17 8.24
C GLY E 74 47.10 49.63 7.34
N LYS E 75 47.24 49.46 6.04
CA LYS E 75 46.21 49.89 5.10
C LYS E 75 44.92 49.08 5.22
N ILE E 76 45.08 47.77 5.38
CA ILE E 76 43.95 46.85 5.57
C ILE E 76 44.31 45.77 6.57
N PRO E 77 43.29 45.16 7.19
CA PRO E 77 43.46 44.10 8.19
C PRO E 77 44.27 42.91 7.67
N VAL E 78 45.17 42.39 8.49
CA VAL E 78 45.86 41.14 8.16
C VAL E 78 45.42 40.05 9.14
N ILE E 79 44.61 39.13 8.62
CA ILE E 79 44.02 38.04 9.38
C ILE E 79 44.73 36.74 9.03
N VAL E 80 45.26 36.06 10.03
CA VAL E 80 46.15 34.93 9.81
C VAL E 80 45.46 33.62 10.15
N GLY E 81 45.55 32.64 9.25
CA GLY E 81 45.03 31.32 9.51
C GLY E 81 45.81 30.69 10.65
N ALA E 82 45.13 30.39 11.75
CA ALA E 82 45.78 29.83 12.93
C ALA E 82 44.89 28.80 13.62
N GLY E 83 44.62 27.70 12.94
CA GLY E 83 43.76 26.70 13.53
C GLY E 83 44.22 25.30 13.23
N THR E 84 44.22 24.45 14.25
CA THR E 84 44.39 23.02 14.04
C THR E 84 43.23 22.30 14.70
N ASN E 85 43.30 20.96 14.72
CA ASN E 85 42.24 20.19 15.36
C ASN E 85 42.54 19.91 16.84
N SER E 86 43.60 20.51 17.35
CA SER E 86 43.87 20.51 18.80
C SER E 86 43.63 21.89 19.42
N THR E 87 42.74 21.95 20.42
CA THR E 87 42.41 23.23 21.05
C THR E 87 43.65 23.88 21.67
N GLU E 88 44.52 23.08 22.24
CA GLU E 88 45.72 23.59 22.91
C GLU E 88 46.75 24.12 21.92
N LYS E 89 46.97 23.39 20.84
CA LYS E 89 47.90 23.78 19.79
C LYS E 89 47.37 25.03 19.08
N THR E 90 46.07 25.05 18.82
CA THR E 90 45.44 26.22 18.20
C THR E 90 45.77 27.48 19.01
N LEU E 91 45.67 27.37 20.33
CA LEU E 91 45.95 28.53 21.19
C LEU E 91 47.38 29.02 20.99
N LYS E 92 48.33 28.09 21.01
CA LYS E 92 49.73 28.39 20.73
C LYS E 92 49.89 29.15 19.41
N LEU E 93 49.25 28.66 18.36
CA LEU E 93 49.29 29.32 17.06
C LEU E 93 48.68 30.71 17.10
N VAL E 94 47.57 30.84 17.82
CA VAL E 94 46.86 32.12 17.91
C VAL E 94 47.65 33.17 18.68
N LYS E 95 48.33 32.75 19.74
CA LYS E 95 49.17 33.68 20.50
C LYS E 95 50.36 34.12 19.67
N GLN E 96 50.95 33.19 18.92
CA GLN E 96 52.05 33.53 18.01
C GLN E 96 51.59 34.60 17.02
N ALA E 97 50.45 34.37 16.38
CA ALA E 97 49.86 35.37 15.50
C ALA E 97 49.76 36.72 16.20
N GLU E 98 49.22 36.69 17.42
CA GLU E 98 48.99 37.91 18.20
C GLU E 98 50.29 38.66 18.46
N LYS E 99 51.37 37.92 18.68
CA LYS E 99 52.66 38.51 18.98
C LYS E 99 53.31 39.17 17.76
N LEU E 100 53.22 38.50 16.61
CA LEU E 100 53.78 39.06 15.38
C LEU E 100 53.07 40.34 14.97
N GLY E 101 51.92 40.60 15.60
CA GLY E 101 51.14 41.79 15.28
C GLY E 101 50.04 41.56 14.24
N ALA E 102 49.41 40.40 14.25
CA ALA E 102 48.26 40.15 13.38
C ALA E 102 47.03 40.92 13.88
N ASN E 103 46.17 41.33 12.95
CA ASN E 103 44.95 42.05 13.28
C ASN E 103 43.82 41.13 13.74
N GLY E 104 43.87 39.88 13.29
CA GLY E 104 42.88 38.88 13.64
C GLY E 104 43.36 37.51 13.22
N VAL E 105 42.61 36.48 13.62
CA VAL E 105 42.94 35.11 13.25
C VAL E 105 41.74 34.40 12.64
N LEU E 106 42.01 33.62 11.60
CA LEU E 106 40.99 32.77 10.99
C LEU E 106 41.15 31.38 11.58
N VAL E 107 40.17 30.92 12.35
CA VAL E 107 40.28 29.66 13.08
C VAL E 107 39.32 28.58 12.56
N VAL E 108 39.85 27.64 11.79
CA VAL E 108 39.01 26.61 11.18
C VAL E 108 38.46 25.67 12.27
N THR E 109 37.24 25.21 12.09
CA THR E 109 36.71 24.19 12.97
C THR E 109 37.64 22.98 12.90
N PRO E 110 38.02 22.46 14.08
CA PRO E 110 38.84 21.24 14.09
C PRO E 110 38.41 20.22 13.02
N TYR E 111 39.34 19.89 12.14
CA TYR E 111 39.09 18.95 11.06
C TYR E 111 39.45 17.55 11.55
N TYR E 112 38.90 16.54 10.88
CA TYR E 112 39.33 15.17 11.10
C TYR E 112 38.81 14.51 12.38
N ASN E 113 38.87 15.21 13.53
CA ASN E 113 38.34 14.58 14.76
C ASN E 113 36.84 14.77 15.03
N LYS E 114 36.15 15.49 14.13
CA LYS E 114 34.68 15.63 14.15
C LYS E 114 34.07 15.94 15.51
N PRO E 115 34.45 17.07 16.11
CA PRO E 115 33.93 17.36 17.44
C PRO E 115 32.42 17.65 17.44
N THR E 116 31.80 17.46 18.59
CA THR E 116 30.39 17.78 18.76
C THR E 116 30.17 19.30 18.73
N GLN E 117 28.91 19.70 18.65
CA GLN E 117 28.59 21.13 18.65
C GLN E 117 29.01 21.79 19.97
N GLU E 118 28.82 21.08 21.07
CA GLU E 118 29.31 21.55 22.37
C GLU E 118 30.85 21.64 22.34
N GLY E 119 31.49 20.62 21.79
CA GLY E 119 32.93 20.66 21.57
C GLY E 119 33.42 21.86 20.77
N LEU E 120 32.70 22.22 19.70
CA LEU E 120 33.06 23.40 18.90
C LEU E 120 32.88 24.69 19.68
N TYR E 121 31.84 24.75 20.50
CA TYR E 121 31.60 25.93 21.32
C TYR E 121 32.71 26.08 22.36
N GLN E 122 33.04 24.99 23.05
CA GLN E 122 34.10 25.03 24.06
C GLN E 122 35.48 25.30 23.44
N HIS E 123 35.67 24.84 22.20
CA HIS E 123 36.92 25.09 21.46
C HIS E 123 37.15 26.58 21.28
N TYR E 124 36.18 27.27 20.66
CA TYR E 124 36.29 28.72 20.46
C TYR E 124 36.23 29.51 21.78
N LYS E 125 35.49 28.98 22.75
CA LYS E 125 35.42 29.63 24.06
C LYS E 125 36.79 29.64 24.75
N TYR E 126 37.47 28.49 24.75
CA TYR E 126 38.77 28.39 25.38
C TYR E 126 39.80 29.36 24.78
N ILE E 127 39.85 29.39 23.45
CA ILE E 127 40.76 30.27 22.73
C ILE E 127 40.34 31.72 22.94
N SER E 128 39.05 31.98 22.79
CA SER E 128 38.52 33.33 22.89
C SER E 128 38.87 33.98 24.23
N GLU E 129 38.88 33.18 25.30
CA GLU E 129 39.12 33.69 26.64
C GLU E 129 40.60 33.91 26.96
N ARG E 130 41.48 33.38 26.11
CA ARG E 130 42.92 33.50 26.34
C ARG E 130 43.63 34.34 25.25
N THR E 131 42.86 35.18 24.58
CA THR E 131 43.42 36.11 23.60
C THR E 131 42.64 37.42 23.56
N ASP E 132 43.26 38.47 23.02
CA ASP E 132 42.58 39.75 22.80
C ASP E 132 42.68 40.12 21.33
N LEU E 133 42.56 39.11 20.49
CA LEU E 133 42.66 39.25 19.04
C LEU E 133 41.30 38.85 18.47
N GLY E 134 40.84 39.55 17.43
CA GLY E 134 39.58 39.22 16.80
C GLY E 134 39.62 37.85 16.17
N ILE E 135 38.58 37.04 16.40
CA ILE E 135 38.55 35.67 15.89
C ILE E 135 37.44 35.47 14.85
N VAL E 136 37.79 34.82 13.74
CA VAL E 136 36.83 34.46 12.71
C VAL E 136 36.61 32.96 12.65
N VAL E 137 35.41 32.50 13.03
CA VAL E 137 35.08 31.10 12.85
C VAL E 137 35.12 30.82 11.36
N TYR E 138 35.61 29.64 11.01
CA TYR E 138 35.72 29.24 9.62
C TYR E 138 35.12 27.85 9.43
N ASN E 139 33.98 27.82 8.76
CA ASN E 139 33.22 26.58 8.57
C ASN E 139 33.34 26.11 7.13
N VAL E 140 33.83 24.88 6.93
CA VAL E 140 34.07 24.33 5.60
C VAL E 140 33.98 22.81 5.67
N PRO E 141 32.74 22.30 5.86
CA PRO E 141 32.53 20.86 6.15
C PRO E 141 33.13 19.94 5.09
N GLY E 142 33.14 20.37 3.83
CA GLY E 142 33.68 19.52 2.76
C GLY E 142 35.12 19.09 3.01
N ARG E 143 35.86 19.91 3.73
CA ARG E 143 37.27 19.65 4.05
C ARG E 143 37.50 19.10 5.46
N THR E 144 36.61 19.41 6.40
CA THR E 144 36.88 19.12 7.81
C THR E 144 36.09 17.93 8.35
N GLY E 145 34.96 17.62 7.72
CA GLY E 145 34.09 16.56 8.18
C GLY E 145 33.14 16.98 9.28
N VAL E 146 33.07 18.28 9.56
CA VAL E 146 32.13 18.81 10.55
C VAL E 146 31.52 20.13 10.07
N ASN E 147 30.25 20.35 10.40
CA ASN E 147 29.54 21.56 10.01
C ASN E 147 29.07 22.29 11.26
N VAL E 148 29.38 23.59 11.37
CA VAL E 148 28.87 24.37 12.49
C VAL E 148 27.41 24.68 12.23
N LEU E 149 26.53 24.22 13.11
CA LEU E 149 25.11 24.48 12.93
C LEU E 149 24.91 25.99 13.11
N PRO E 150 24.00 26.58 12.34
CA PRO E 150 23.74 28.01 12.52
C PRO E 150 23.41 28.36 13.97
N GLU E 151 22.69 27.47 14.66
CA GLU E 151 22.35 27.70 16.07
C GLU E 151 23.61 27.69 16.93
N THR E 152 24.57 26.85 16.58
CA THR E 152 25.85 26.86 17.29
C THR E 152 26.62 28.15 16.98
N ALA E 153 26.61 28.56 15.71
CA ALA E 153 27.25 29.81 15.32
C ALA E 153 26.65 30.98 16.10
N ALA E 154 25.33 30.98 16.25
CA ALA E 154 24.63 32.04 16.96
C ALA E 154 24.94 32.03 18.46
N ARG E 155 25.22 30.84 19.01
CA ARG E 155 25.57 30.76 20.42
C ARG E 155 26.97 31.32 20.66
N ILE E 156 27.86 31.02 19.72
CA ILE E 156 29.19 31.64 19.70
C ILE E 156 29.05 33.16 19.64
N ALA E 157 28.32 33.64 18.63
CA ALA E 157 28.02 35.07 18.48
C ALA E 157 27.58 35.75 19.79
N ALA E 158 26.58 35.17 20.45
CA ALA E 158 26.02 35.76 21.66
C ALA E 158 26.96 35.73 22.87
N ASP E 159 27.64 34.60 23.08
CA ASP E 159 28.43 34.39 24.28
C ASP E 159 29.88 34.88 24.21
N LEU E 160 30.50 34.78 23.05
CA LEU E 160 31.95 35.03 22.94
C LEU E 160 32.26 36.36 22.25
N LYS E 161 32.37 37.42 23.04
CA LYS E 161 32.53 38.77 22.46
C LYS E 161 33.75 38.93 21.55
N ASN E 162 34.77 38.10 21.77
CA ASN E 162 36.00 38.12 20.97
C ASN E 162 35.82 37.56 19.55
N VAL E 163 34.79 36.74 19.36
CA VAL E 163 34.54 36.16 18.05
C VAL E 163 33.83 37.21 17.19
N VAL E 164 34.52 37.71 16.17
CA VAL E 164 34.00 38.84 15.40
C VAL E 164 33.12 38.43 14.21
N GLY E 165 33.26 37.20 13.76
CA GLY E 165 32.45 36.75 12.64
C GLY E 165 32.74 35.36 12.15
N ILE E 166 32.15 35.02 11.01
CA ILE E 166 32.28 33.67 10.48
C ILE E 166 32.48 33.65 8.97
N LYS E 167 33.46 32.87 8.52
CA LYS E 167 33.64 32.54 7.12
C LYS E 167 32.85 31.27 6.80
N GLU E 168 31.76 31.44 6.06
CA GLU E 168 30.81 30.35 5.83
C GLU E 168 31.02 29.71 4.45
N ALA E 169 31.74 28.60 4.43
CA ALA E 169 32.05 27.92 3.17
C ALA E 169 31.22 26.65 2.97
N ASN E 170 30.19 26.47 3.79
CA ASN E 170 29.16 25.50 3.47
C ASN E 170 28.34 26.12 2.34
N PRO E 171 28.30 25.47 1.18
CA PRO E 171 27.71 26.07 -0.02
C PRO E 171 26.18 25.97 -0.04
N ASP E 172 25.59 25.30 0.94
CA ASP E 172 24.13 25.12 0.98
C ASP E 172 23.45 26.45 1.29
N ILE E 173 22.56 26.91 0.41
CA ILE E 173 21.88 28.19 0.59
C ILE E 173 21.06 28.23 1.89
N ASP E 174 20.48 27.10 2.26
CA ASP E 174 19.79 26.98 3.55
C ASP E 174 20.68 27.34 4.74
N GLN E 175 21.90 26.81 4.76
CA GLN E 175 22.85 27.12 5.82
C GLN E 175 23.24 28.60 5.74
N ILE E 176 23.63 29.05 4.55
CA ILE E 176 24.03 30.43 4.37
C ILE E 176 22.93 31.35 4.90
N ASP E 177 21.69 31.06 4.51
CA ASP E 177 20.55 31.88 4.91
C ASP E 177 20.42 31.92 6.44
N ARG E 178 20.44 30.75 7.07
CA ARG E 178 20.28 30.64 8.52
C ARG E 178 21.47 31.14 9.33
N THR E 179 22.69 30.90 8.85
CA THR E 179 23.87 31.43 9.52
C THR E 179 23.78 32.96 9.62
N VAL E 180 23.55 33.64 8.50
CA VAL E 180 23.46 35.10 8.49
C VAL E 180 22.38 35.53 9.46
N SER E 181 21.19 34.93 9.32
CA SER E 181 20.01 35.37 10.04
C SER E 181 20.10 35.16 11.56
N LEU E 182 20.61 34.01 11.99
CA LEU E 182 20.65 33.69 13.42
C LEU E 182 21.75 34.43 14.17
N THR E 183 22.93 34.52 13.55
CA THR E 183 24.07 35.18 14.21
C THR E 183 23.83 36.67 14.35
N LYS E 184 23.13 37.26 13.39
CA LYS E 184 22.86 38.69 13.46
C LYS E 184 21.71 39.02 14.40
N GLN E 185 20.82 38.04 14.61
CA GLN E 185 19.82 38.17 15.66
C GLN E 185 20.50 38.04 17.03
N ALA E 186 21.44 37.10 17.12
CA ALA E 186 22.19 36.92 18.36
C ALA E 186 23.00 38.18 18.67
N ARG E 187 23.66 38.72 17.65
CA ARG E 187 24.53 39.87 17.82
C ARG E 187 24.56 40.70 16.53
N SER E 188 23.90 41.86 16.56
CA SER E 188 23.66 42.65 15.35
C SER E 188 24.89 42.87 14.49
N ASP E 189 26.05 43.04 15.13
CA ASP E 189 27.28 43.40 14.43
C ASP E 189 28.15 42.20 14.03
N PHE E 190 27.67 40.99 14.29
CA PHE E 190 28.43 39.79 13.96
C PHE E 190 28.55 39.69 12.43
N MET E 191 29.78 39.51 11.93
CA MET E 191 30.01 39.51 10.49
C MET E 191 29.93 38.12 9.88
N VAL E 192 29.34 38.03 8.70
CA VAL E 192 29.30 36.76 7.97
C VAL E 192 29.83 36.97 6.56
N TRP E 193 30.99 36.37 6.28
CA TRP E 193 31.61 36.46 4.95
C TRP E 193 31.49 35.11 4.25
N SER E 194 31.36 35.16 2.93
CA SER E 194 31.31 33.96 2.14
C SER E 194 32.69 33.31 2.05
N GLY E 195 32.72 31.98 2.14
CA GLY E 195 33.93 31.23 1.91
C GLY E 195 33.91 30.51 0.57
N ASN E 196 32.92 30.84 -0.27
CA ASN E 196 32.85 30.33 -1.62
C ASN E 196 32.61 31.48 -2.58
N ASP E 197 33.52 31.69 -3.52
CA ASP E 197 33.36 32.79 -4.46
C ASP E 197 31.99 32.77 -5.16
N ASP E 198 31.53 31.60 -5.58
CA ASP E 198 30.28 31.51 -6.34
C ASP E 198 29.03 31.54 -5.45
N ARG E 199 29.22 31.82 -4.17
CA ARG E 199 28.09 32.04 -3.27
C ARG E 199 28.01 33.48 -2.81
N THR E 200 29.02 34.27 -3.18
CA THR E 200 29.14 35.63 -2.67
C THR E 200 27.88 36.46 -2.91
N PHE E 201 27.42 36.50 -4.16
CA PHE E 201 26.24 37.27 -4.51
C PHE E 201 25.03 36.91 -3.64
N TYR E 202 24.77 35.60 -3.53
CA TYR E 202 23.63 35.11 -2.76
C TYR E 202 23.82 35.38 -1.26
N LEU E 203 25.05 35.30 -0.79
CA LEU E 203 25.32 35.55 0.61
C LEU E 203 25.08 37.03 0.91
N LEU E 204 25.42 37.89 -0.04
CA LEU E 204 25.13 39.31 0.09
C LEU E 204 23.62 39.53 0.13
N CYS E 205 22.92 38.86 -0.77
CA CYS E 205 21.46 38.94 -0.79
C CYS E 205 20.88 38.46 0.53
N ALA E 206 21.56 37.51 1.17
CA ALA E 206 21.12 36.94 2.44
C ALA E 206 21.38 37.87 3.62
N GLY E 207 22.04 38.99 3.37
CA GLY E 207 22.34 39.94 4.44
C GLY E 207 23.77 39.90 4.92
N GLY E 208 24.63 39.18 4.19
CA GLY E 208 26.03 39.03 4.56
C GLY E 208 26.89 40.25 4.32
N ASP E 209 28.20 40.09 4.49
CA ASP E 209 29.12 41.22 4.57
C ASP E 209 30.24 41.21 3.53
N GLY E 210 30.31 40.15 2.71
CA GLY E 210 31.33 40.06 1.69
C GLY E 210 31.85 38.65 1.48
N VAL E 211 33.14 38.55 1.16
CA VAL E 211 33.73 37.25 0.85
C VAL E 211 35.20 37.22 1.19
N ILE E 212 35.65 36.08 1.73
CA ILE E 212 37.05 35.76 1.83
C ILE E 212 37.34 34.86 0.64
N SER E 213 38.09 35.41 -0.31
CA SER E 213 38.06 34.96 -1.71
C SER E 213 39.30 34.22 -2.21
N VAL E 214 39.09 33.31 -3.16
CA VAL E 214 40.19 32.69 -3.91
C VAL E 214 40.36 33.39 -5.26
N VAL E 215 39.24 33.63 -5.93
CA VAL E 215 39.24 34.31 -7.24
C VAL E 215 39.99 35.65 -7.17
N SER E 216 39.90 36.34 -6.04
CA SER E 216 40.51 37.67 -5.94
C SER E 216 42.03 37.63 -6.07
N ASN E 217 42.64 36.47 -5.80
CA ASN E 217 44.06 36.32 -6.08
C ASN E 217 44.40 36.79 -7.49
N VAL E 218 43.53 36.46 -8.44
CA VAL E 218 43.79 36.75 -9.86
C VAL E 218 42.95 37.92 -10.40
N ALA E 219 41.77 38.14 -9.82
CA ALA E 219 40.87 39.19 -10.30
C ALA E 219 40.26 40.00 -9.15
N PRO E 220 41.11 40.75 -8.42
CA PRO E 220 40.67 41.45 -7.22
C PRO E 220 39.70 42.61 -7.50
N LYS E 221 39.87 43.32 -8.61
CA LYS E 221 39.02 44.47 -8.90
C LYS E 221 37.58 44.04 -9.16
N GLN E 222 37.43 42.94 -9.87
CA GLN E 222 36.11 42.41 -10.21
C GLN E 222 35.35 41.97 -8.95
N MET E 223 36.03 41.26 -8.06
CA MET E 223 35.37 40.78 -6.83
C MET E 223 34.94 41.96 -5.95
N VAL E 224 35.82 42.95 -5.83
CA VAL E 224 35.49 44.19 -5.12
C VAL E 224 34.27 44.85 -5.76
N GLU E 225 34.27 44.92 -7.09
CA GLU E 225 33.16 45.50 -7.83
C GLU E 225 31.85 44.76 -7.57
N LEU E 226 31.93 43.43 -7.57
CA LEU E 226 30.74 42.62 -7.35
C LEU E 226 30.08 43.07 -6.05
N CYS E 227 30.90 43.22 -5.01
CA CYS E 227 30.41 43.66 -3.70
C CYS E 227 29.96 45.12 -3.69
N ALA E 228 30.74 45.99 -4.32
CA ALA E 228 30.48 47.43 -4.27
C ALA E 228 29.15 47.79 -4.95
N GLU E 229 28.89 47.16 -6.09
CA GLU E 229 27.60 47.34 -6.76
C GLU E 229 26.48 46.91 -5.81
N TYR E 230 26.68 45.80 -5.11
CA TYR E 230 25.64 45.33 -4.20
C TYR E 230 25.39 46.34 -3.06
N PHE E 231 26.47 46.69 -2.36
CA PHE E 231 26.40 47.67 -1.27
C PHE E 231 25.83 49.03 -1.66
N SER E 232 26.07 49.43 -2.91
N SER E 232 26.07 49.44 -2.92
CA SER E 232 25.57 50.72 -3.39
CA SER E 232 25.58 50.73 -3.39
C SER E 232 24.08 50.68 -3.67
C SER E 232 24.09 50.68 -3.71
N GLY E 233 23.54 49.47 -3.78
CA GLY E 233 22.13 49.28 -4.04
C GLY E 233 21.79 48.87 -5.46
N ASN E 234 22.82 48.47 -6.21
CA ASN E 234 22.59 48.02 -7.59
CA ASN E 234 22.62 48.03 -7.59
C ASN E 234 22.67 46.50 -7.70
N LEU E 235 21.62 45.84 -7.23
CA LEU E 235 21.58 44.39 -7.21
C LEU E 235 21.84 43.75 -8.58
N GLU E 236 21.27 44.34 -9.63
CA GLU E 236 21.35 43.76 -10.97
C GLU E 236 22.75 43.81 -11.57
N LYS E 237 23.43 44.94 -11.41
CA LYS E 237 24.80 45.06 -11.85
C LYS E 237 25.66 44.03 -11.12
N SER E 238 25.45 43.92 -9.81
CA SER E 238 26.20 42.95 -9.02
C SER E 238 26.01 41.53 -9.56
N ALA E 239 24.76 41.14 -9.81
CA ALA E 239 24.49 39.83 -10.39
C ALA E 239 25.21 39.63 -11.72
N GLU E 240 25.32 40.71 -12.50
CA GLU E 240 26.00 40.64 -13.78
C GLU E 240 27.51 40.45 -13.62
N VAL E 241 28.12 41.17 -12.69
CA VAL E 241 29.51 40.91 -12.37
C VAL E 241 29.67 39.44 -11.97
N HIS E 242 28.71 38.93 -11.21
CA HIS E 242 28.74 37.54 -10.76
C HIS E 242 28.67 36.56 -11.93
N ALA E 243 27.80 36.85 -12.90
CA ALA E 243 27.65 35.95 -14.06
C ALA E 243 28.89 36.00 -14.95
N LYS E 244 29.41 37.20 -15.16
CA LYS E 244 30.64 37.39 -15.93
C LYS E 244 31.83 36.65 -15.30
N LEU E 245 31.84 36.56 -13.97
CA LEU E 245 32.95 35.90 -13.29
C LEU E 245 32.77 34.38 -13.17
N ARG E 246 31.61 33.88 -13.57
CA ARG E 246 31.29 32.47 -13.37
C ARG E 246 32.30 31.49 -13.96
N PRO E 247 32.73 31.71 -15.21
CA PRO E 247 33.75 30.84 -15.80
C PRO E 247 35.01 30.73 -14.93
N LEU E 248 35.52 31.86 -14.47
CA LEU E 248 36.72 31.88 -13.65
C LEU E 248 36.49 31.23 -12.29
N MET E 249 35.36 31.55 -11.65
CA MET E 249 35.01 30.93 -10.36
C MET E 249 35.03 29.42 -10.44
N LYS E 250 34.52 28.88 -11.55
CA LYS E 250 34.45 27.42 -11.70
C LYS E 250 35.81 26.84 -12.03
N ALA E 251 36.53 27.53 -12.93
CA ALA E 251 37.81 27.03 -13.43
C ALA E 251 38.83 26.87 -12.29
N LEU E 252 38.70 27.71 -11.26
CA LEU E 252 39.65 27.69 -10.15
C LEU E 252 39.40 26.54 -9.17
N PHE E 253 38.39 25.71 -9.45
CA PHE E 253 38.12 24.58 -8.57
C PHE E 253 37.97 23.27 -9.31
N VAL E 254 38.39 23.25 -10.58
CA VAL E 254 38.37 22.03 -11.37
CA VAL E 254 38.35 22.02 -11.35
C VAL E 254 39.29 20.98 -10.76
N GLU E 255 40.26 21.46 -9.98
CA GLU E 255 41.07 20.60 -9.11
C GLU E 255 41.13 21.28 -7.75
N THR E 256 41.55 20.53 -6.74
CA THR E 256 41.61 21.07 -5.38
C THR E 256 42.38 22.39 -5.29
N ASN E 257 41.69 23.42 -4.80
CA ASN E 257 42.32 24.69 -4.48
C ASN E 257 43.41 24.49 -3.42
N PRO E 258 44.58 25.15 -3.59
CA PRO E 258 44.93 26.14 -4.61
C PRO E 258 45.66 25.61 -5.84
N ILE E 259 45.46 24.35 -6.23
CA ILE E 259 46.18 23.84 -7.41
C ILE E 259 45.91 24.66 -8.69
N PRO E 260 44.63 24.97 -8.97
CA PRO E 260 44.30 25.80 -10.15
C PRO E 260 44.76 27.27 -10.04
N VAL E 261 44.51 27.89 -8.90
CA VAL E 261 44.85 29.31 -8.74
C VAL E 261 46.36 29.54 -8.83
N LYS E 262 47.17 28.63 -8.29
CA LYS E 262 48.61 28.78 -8.45
C LYS E 262 49.00 28.67 -9.92
N ALA E 263 48.43 27.70 -10.61
CA ALA E 263 48.68 27.56 -12.03
C ALA E 263 48.31 28.86 -12.75
N ALA E 264 47.22 29.47 -12.33
CA ALA E 264 46.73 30.71 -12.94
C ALA E 264 47.66 31.89 -12.65
N LEU E 265 48.16 31.96 -11.42
CA LEU E 265 49.06 33.03 -11.05
C LEU E 265 50.39 32.87 -11.76
N ASN E 266 50.73 31.63 -12.12
CA ASN E 266 51.92 31.37 -12.90
C ASN E 266 51.73 31.79 -14.35
N LEU E 267 50.58 31.47 -14.93
CA LEU E 267 50.26 31.91 -16.28
C LEU E 267 50.37 33.44 -16.37
N MET E 268 49.93 34.12 -15.33
CA MET E 268 49.91 35.58 -15.30
C MET E 268 51.27 36.19 -14.92
N GLY E 269 52.24 35.33 -14.65
CA GLY E 269 53.61 35.75 -14.39
C GLY E 269 53.91 36.20 -12.97
N PHE E 270 53.03 35.92 -12.03
CA PHE E 270 53.22 36.35 -10.64
C PHE E 270 54.11 35.40 -9.83
N ILE E 271 53.90 34.10 -9.99
CA ILE E 271 54.64 33.13 -9.19
C ILE E 271 55.17 31.96 -10.02
N GLU E 272 56.00 31.14 -9.40
CA GLU E 272 56.36 29.84 -9.94
C GLU E 272 55.24 28.86 -9.56
N ASN E 273 54.93 27.94 -10.46
CA ASN E 273 53.86 26.97 -10.23
C ASN E 273 54.35 25.79 -9.41
N GLU E 274 54.62 26.05 -8.12
CA GLU E 274 55.14 25.03 -7.22
C GLU E 274 54.32 24.94 -5.95
N LEU E 275 53.90 23.71 -5.61
CA LEU E 275 53.19 23.43 -4.37
C LEU E 275 53.98 22.42 -3.54
N ARG E 276 53.52 22.14 -2.34
CA ARG E 276 54.20 21.14 -1.52
C ARG E 276 53.33 19.90 -1.36
N LEU E 277 53.98 18.74 -1.39
CA LEU E 277 53.26 17.48 -1.22
C LEU E 277 52.43 17.56 0.05
N PRO E 278 51.19 17.02 0.02
CA PRO E 278 50.71 16.11 -1.02
C PRO E 278 50.04 16.76 -2.22
N LEU E 279 50.14 18.08 -2.36
CA LEU E 279 49.64 18.76 -3.54
C LEU E 279 50.64 18.65 -4.67
N VAL E 280 50.15 18.54 -5.90
CA VAL E 280 50.99 18.58 -7.09
C VAL E 280 50.43 19.62 -8.06
N PRO E 281 51.25 20.05 -9.04
CA PRO E 281 50.84 21.05 -10.02
C PRO E 281 49.67 20.58 -10.89
N ALA E 282 48.89 21.54 -11.38
CA ALA E 282 47.71 21.30 -12.20
C ALA E 282 48.01 20.42 -13.41
N SER E 283 47.00 19.68 -13.86
CA SER E 283 47.12 18.90 -15.08
C SER E 283 47.14 19.83 -16.29
N GLU E 284 47.56 19.30 -17.45
CA GLU E 284 47.57 20.06 -18.69
C GLU E 284 46.16 20.55 -19.04
N LYS E 285 45.16 19.70 -18.79
CA LYS E 285 43.77 20.06 -19.06
C LYS E 285 43.39 21.29 -18.25
N THR E 286 43.69 21.25 -16.96
CA THR E 286 43.41 22.38 -16.08
C THR E 286 44.09 23.65 -16.60
N VAL E 287 45.38 23.54 -16.94
CA VAL E 287 46.14 24.67 -17.44
C VAL E 287 45.55 25.25 -18.73
N GLU E 288 45.10 24.39 -19.63
CA GLU E 288 44.56 24.86 -20.91
C GLU E 288 43.23 25.57 -20.69
N LEU E 289 42.38 24.99 -19.85
CA LEU E 289 41.15 25.64 -19.42
C LEU E 289 41.44 27.03 -18.86
N LEU E 290 42.36 27.10 -17.91
CA LEU E 290 42.71 28.35 -17.26
C LEU E 290 43.19 29.39 -18.26
N ARG E 291 44.04 28.96 -19.19
CA ARG E 291 44.52 29.87 -20.22
C ARG E 291 43.36 30.50 -21.00
N ASN E 292 42.36 29.70 -21.36
CA ASN E 292 41.21 30.21 -22.10
C ASN E 292 40.34 31.15 -21.27
N VAL E 293 40.00 30.72 -20.06
CA VAL E 293 39.15 31.52 -19.18
C VAL E 293 39.81 32.82 -18.80
N LEU E 294 41.11 32.78 -18.52
CA LEU E 294 41.86 33.97 -18.16
C LEU E 294 41.85 34.98 -19.30
N LYS E 295 42.07 34.49 -20.52
CA LYS E 295 42.01 35.33 -21.70
C LYS E 295 40.63 35.96 -21.87
N GLU E 296 39.61 35.11 -22.00
CA GLU E 296 38.23 35.58 -22.10
C GLU E 296 37.96 36.62 -21.02
N SER E 297 38.65 36.47 -19.89
CA SER E 297 38.43 37.31 -18.72
C SER E 297 39.20 38.62 -18.81
N GLY E 298 40.12 38.71 -19.76
CA GLY E 298 40.94 39.90 -19.93
C GLY E 298 42.10 39.98 -18.96
N LEU E 299 42.46 38.85 -18.37
CA LEU E 299 43.51 38.79 -17.36
C LEU E 299 44.76 38.13 -17.93
N LEU E 300 44.72 37.82 -19.22
CA LEU E 300 45.83 37.18 -19.90
C LEU E 300 45.73 37.39 -21.41
N THR F 6 -61.85 -38.88 20.88
CA THR F 6 -61.06 -39.67 19.94
C THR F 6 -61.97 -40.30 18.88
N MET F 7 -62.72 -39.45 18.18
CA MET F 7 -63.71 -39.89 17.20
CA MET F 7 -63.71 -39.97 17.23
C MET F 7 -63.11 -40.39 15.88
N PHE F 8 -63.91 -40.27 14.82
CA PHE F 8 -63.62 -40.83 13.51
C PHE F 8 -62.32 -40.38 12.81
N ARG F 9 -61.77 -41.28 12.02
CA ARG F 9 -60.77 -40.95 11.00
C ARG F 9 -61.47 -41.00 9.66
N GLY F 10 -61.03 -40.18 8.70
CA GLY F 10 -61.62 -40.20 7.38
C GLY F 10 -62.56 -39.05 7.10
N VAL F 11 -63.72 -39.36 6.52
CA VAL F 11 -64.63 -38.33 6.03
C VAL F 11 -65.84 -38.10 6.94
N GLY F 12 -66.20 -36.83 7.09
CA GLY F 12 -67.43 -36.45 7.76
C GLY F 12 -68.11 -35.36 6.96
N THR F 13 -69.40 -35.54 6.64
CA THR F 13 -70.07 -34.63 5.72
C THR F 13 -70.76 -33.45 6.40
N ALA F 14 -70.47 -32.24 5.94
CA ALA F 14 -71.23 -31.06 6.38
C ALA F 14 -72.44 -30.88 5.47
N ILE F 15 -73.57 -31.40 5.91
CA ILE F 15 -74.77 -31.52 5.07
C ILE F 15 -75.61 -30.24 5.00
N VAL F 16 -76.22 -30.03 3.84
CA VAL F 16 -77.10 -28.89 3.60
C VAL F 16 -78.42 -29.05 4.37
N THR F 17 -79.21 -27.98 4.41
CA THR F 17 -80.55 -28.01 5.01
C THR F 17 -81.57 -27.62 3.94
N PRO F 18 -82.26 -28.60 3.35
CA PRO F 18 -83.12 -28.32 2.20
C PRO F 18 -84.39 -27.55 2.56
N PHE F 19 -84.80 -26.62 1.72
CA PHE F 19 -86.07 -25.92 1.91
C PHE F 19 -87.01 -26.13 0.72
N LYS F 20 -88.29 -25.84 0.91
CA LYS F 20 -89.27 -25.81 -0.17
C LYS F 20 -90.47 -24.95 0.20
N ASN F 21 -90.73 -23.95 -0.63
CA ASN F 21 -91.81 -23.00 -0.37
C ASN F 21 -91.70 -22.35 1.00
N GLY F 22 -90.47 -22.06 1.41
CA GLY F 22 -90.22 -21.35 2.65
C GLY F 22 -89.88 -22.22 3.85
N GLU F 23 -90.36 -23.46 3.84
CA GLU F 23 -90.21 -24.34 5.00
C GLU F 23 -89.18 -25.46 4.76
N LEU F 24 -88.82 -26.16 5.83
CA LEU F 24 -87.88 -27.27 5.76
C LEU F 24 -88.35 -28.37 4.80
N ASP F 25 -87.41 -29.11 4.24
CA ASP F 25 -87.75 -30.33 3.50
C ASP F 25 -87.11 -31.58 4.12
N LEU F 26 -87.75 -32.10 5.15
CA LEU F 26 -87.26 -33.31 5.80
C LEU F 26 -87.28 -34.48 4.83
N GLU F 27 -88.26 -34.49 3.94
CA GLU F 27 -88.36 -35.55 2.94
C GLU F 27 -87.08 -35.60 2.11
N SER F 28 -86.65 -34.46 1.61
CA SER F 28 -85.47 -34.40 0.76
C SER F 28 -84.21 -34.69 1.56
N TYR F 29 -84.22 -34.24 2.82
CA TYR F 29 -83.06 -34.40 3.69
C TYR F 29 -82.75 -35.86 3.96
N GLU F 30 -83.78 -36.65 4.22
CA GLU F 30 -83.60 -38.05 4.55
C GLU F 30 -82.94 -38.84 3.42
N ARG F 31 -83.22 -38.45 2.18
CA ARG F 31 -82.65 -39.14 1.04
C ARG F 31 -81.17 -38.79 0.86
N LEU F 32 -80.78 -37.60 1.32
CA LEU F 32 -79.38 -37.21 1.27
C LEU F 32 -78.60 -37.94 2.35
N VAL F 33 -79.22 -38.14 3.51
CA VAL F 33 -78.57 -38.82 4.62
C VAL F 33 -78.23 -40.27 4.27
N ARG F 34 -79.21 -41.00 3.75
CA ARG F 34 -78.98 -42.36 3.27
C ARG F 34 -77.95 -42.35 2.13
N TYR F 35 -78.03 -41.32 1.29
CA TYR F 35 -77.08 -41.13 0.19
C TYR F 35 -75.65 -41.12 0.72
N GLN F 36 -75.48 -40.56 1.92
CA GLN F 36 -74.17 -40.50 2.56
C GLN F 36 -73.78 -41.83 3.20
N LEU F 37 -74.72 -42.43 3.91
CA LEU F 37 -74.47 -43.68 4.61
C LEU F 37 -74.14 -44.81 3.65
N GLU F 38 -74.69 -44.74 2.44
CA GLU F 38 -74.43 -45.75 1.41
C GLU F 38 -72.97 -45.73 0.98
N ASN F 39 -72.38 -44.55 0.98
CA ASN F 39 -71.09 -44.36 0.33
C ASN F 39 -69.90 -44.30 1.28
N GLY F 40 -70.10 -44.78 2.50
CA GLY F 40 -69.02 -44.96 3.44
C GLY F 40 -68.60 -43.73 4.22
N VAL F 41 -69.41 -42.67 4.20
CA VAL F 41 -69.09 -41.49 4.97
C VAL F 41 -68.96 -41.84 6.45
N ASN F 42 -67.87 -41.41 7.07
CA ASN F 42 -67.52 -41.84 8.41
C ASN F 42 -68.23 -41.09 9.54
N ALA F 43 -68.83 -39.95 9.20
CA ALA F 43 -69.45 -39.11 10.21
C ALA F 43 -70.34 -38.05 9.56
N LEU F 44 -71.25 -37.48 10.34
CA LEU F 44 -72.16 -36.47 9.80
C LEU F 44 -72.18 -35.20 10.67
N ILE F 45 -71.87 -34.07 10.06
CA ILE F 45 -71.93 -32.77 10.72
C ILE F 45 -73.20 -32.04 10.26
N VAL F 46 -74.07 -31.72 11.21
CA VAL F 46 -75.35 -31.08 10.91
C VAL F 46 -75.37 -29.62 11.39
N LEU F 47 -76.00 -28.75 10.60
CA LEU F 47 -76.15 -27.35 10.98
C LEU F 47 -74.83 -26.56 10.99
N GLY F 48 -73.99 -26.83 9.99
CA GLY F 48 -72.77 -26.05 9.83
C GLY F 48 -73.05 -24.81 9.00
N THR F 49 -71.99 -24.18 8.49
CA THR F 49 -72.15 -23.07 7.57
C THR F 49 -72.88 -23.58 6.33
N THR F 50 -72.52 -24.80 5.91
CA THR F 50 -73.11 -25.39 4.72
C THR F 50 -74.61 -25.64 4.90
N GLY F 51 -75.05 -25.70 6.15
CA GLY F 51 -76.44 -25.94 6.46
C GLY F 51 -77.20 -24.66 6.76
N GLU F 52 -76.58 -23.51 6.49
CA GLU F 52 -77.22 -22.22 6.69
C GLU F 52 -77.71 -22.09 8.13
N SER F 53 -76.85 -22.45 9.09
CA SER F 53 -77.17 -22.35 10.51
C SER F 53 -77.68 -20.96 10.86
N PRO F 54 -77.10 -19.92 10.26
CA PRO F 54 -77.54 -18.54 10.51
C PRO F 54 -79.05 -18.33 10.32
N THR F 55 -79.68 -19.09 9.43
CA THR F 55 -81.08 -18.79 9.09
C THR F 55 -82.08 -19.94 9.34
N VAL F 56 -81.71 -20.89 10.18
CA VAL F 56 -82.63 -21.95 10.58
C VAL F 56 -83.00 -21.79 12.06
N ASN F 57 -84.29 -21.71 12.36
CA ASN F 57 -84.77 -21.43 13.72
C ASN F 57 -84.63 -22.62 14.68
N GLU F 58 -84.87 -22.37 15.97
CA GLU F 58 -84.64 -23.36 17.01
C GLU F 58 -85.56 -24.59 16.92
N ASP F 59 -86.84 -24.37 16.65
CA ASP F 59 -87.78 -25.45 16.41
C ASP F 59 -87.27 -26.32 15.26
N GLU F 60 -86.75 -25.69 14.22
CA GLU F 60 -86.26 -26.40 13.04
C GLU F 60 -84.96 -27.15 13.33
N ARG F 61 -84.07 -26.53 14.10
CA ARG F 61 -82.83 -27.17 14.53
C ARG F 61 -83.11 -28.49 15.25
N GLU F 62 -84.16 -28.48 16.07
CA GLU F 62 -84.58 -29.68 16.81
C GLU F 62 -85.09 -30.76 15.86
N LYS F 63 -85.89 -30.35 14.87
CA LYS F 63 -86.43 -31.29 13.88
C LYS F 63 -85.34 -32.02 13.11
N LEU F 64 -84.35 -31.27 12.65
CA LEU F 64 -83.29 -31.84 11.80
C LEU F 64 -82.41 -32.81 12.57
N VAL F 65 -82.01 -32.44 13.78
CA VAL F 65 -81.15 -33.29 14.60
C VAL F 65 -81.84 -34.60 14.97
N SER F 66 -83.04 -34.51 15.51
CA SER F 66 -83.83 -35.70 15.83
C SER F 66 -83.89 -36.62 14.62
N ARG F 67 -84.42 -36.10 13.52
CA ARG F 67 -84.51 -36.85 12.28
C ARG F 67 -83.18 -37.51 11.95
N THR F 68 -82.13 -36.69 11.84
CA THR F 68 -80.80 -37.18 11.52
C THR F 68 -80.44 -38.40 12.38
N LEU F 69 -80.49 -38.23 13.69
CA LEU F 69 -80.21 -39.31 14.62
C LEU F 69 -81.04 -40.57 14.33
N GLU F 70 -82.34 -40.37 14.15
CA GLU F 70 -83.24 -41.50 13.87
C GLU F 70 -82.74 -42.32 12.69
N ILE F 71 -82.52 -41.65 11.56
CA ILE F 71 -82.08 -42.32 10.34
C ILE F 71 -80.72 -42.98 10.52
N VAL F 72 -79.72 -42.19 10.91
CA VAL F 72 -78.37 -42.71 11.11
C VAL F 72 -78.37 -43.92 12.04
N ASP F 73 -79.16 -43.83 13.10
CA ASP F 73 -79.36 -44.96 14.01
C ASP F 73 -78.04 -45.45 14.61
N GLY F 74 -77.21 -44.52 15.05
CA GLY F 74 -75.96 -44.85 15.71
C GLY F 74 -74.89 -45.42 14.79
N LYS F 75 -75.20 -45.54 13.50
CA LYS F 75 -74.24 -46.10 12.54
C LYS F 75 -72.92 -45.33 12.52
N ILE F 76 -73.02 -43.99 12.49
CA ILE F 76 -71.83 -43.15 12.52
C ILE F 76 -72.06 -41.96 13.44
N PRO F 77 -70.97 -41.28 13.85
CA PRO F 77 -71.09 -40.14 14.76
C PRO F 77 -71.92 -39.03 14.13
N VAL F 78 -72.79 -38.42 14.94
CA VAL F 78 -73.56 -37.26 14.49
C VAL F 78 -73.15 -36.03 15.31
N ILE F 79 -72.55 -35.06 14.61
CA ILE F 79 -72.01 -33.88 15.25
C ILE F 79 -72.78 -32.64 14.80
N VAL F 80 -73.21 -31.83 15.76
CA VAL F 80 -74.12 -30.72 15.48
C VAL F 80 -73.44 -29.36 15.64
N GLY F 81 -73.54 -28.54 14.60
CA GLY F 81 -73.07 -27.17 14.68
C GLY F 81 -73.83 -26.44 15.77
N ALA F 82 -73.10 -25.88 16.72
CA ALA F 82 -73.71 -25.26 17.89
C ALA F 82 -72.78 -24.19 18.45
N GLY F 83 -72.60 -23.11 17.70
CA GLY F 83 -71.67 -22.07 18.07
C GLY F 83 -72.16 -20.69 17.72
N THR F 84 -71.90 -19.74 18.63
CA THR F 84 -72.29 -18.36 18.42
C THR F 84 -71.10 -17.47 18.78
N ASN F 85 -71.24 -16.16 18.61
CA ASN F 85 -70.20 -15.24 19.07
C ASN F 85 -70.44 -14.78 20.51
N SER F 86 -71.30 -15.53 21.21
CA SER F 86 -71.56 -15.33 22.62
C SER F 86 -71.28 -16.61 23.40
N THR F 87 -70.48 -16.51 24.46
CA THR F 87 -70.06 -17.69 25.20
C THR F 87 -71.20 -18.36 25.99
N GLU F 88 -72.04 -17.55 26.63
CA GLU F 88 -73.15 -18.12 27.37
C GLU F 88 -74.17 -18.69 26.39
N LYS F 89 -74.41 -17.97 25.31
CA LYS F 89 -75.37 -18.42 24.30
C LYS F 89 -74.89 -19.70 23.62
N THR F 90 -73.57 -19.83 23.46
CA THR F 90 -72.98 -21.06 22.93
C THR F 90 -73.26 -22.26 23.83
N LEU F 91 -73.09 -22.10 25.13
CA LEU F 91 -73.36 -23.19 26.07
C LEU F 91 -74.81 -23.64 25.95
N LYS F 92 -75.71 -22.67 25.77
CA LYS F 92 -77.13 -22.96 25.58
C LYS F 92 -77.35 -23.91 24.42
N LEU F 93 -76.79 -23.57 23.26
CA LEU F 93 -76.93 -24.38 22.06
C LEU F 93 -76.29 -25.75 22.24
N VAL F 94 -75.09 -25.77 22.84
CA VAL F 94 -74.39 -27.02 23.10
C VAL F 94 -75.20 -27.99 23.98
N LYS F 95 -75.83 -27.47 25.02
CA LYS F 95 -76.63 -28.31 25.92
C LYS F 95 -77.90 -28.80 25.25
N GLN F 96 -78.53 -27.93 24.45
CA GLN F 96 -79.71 -28.31 23.69
C GLN F 96 -79.39 -29.49 22.76
N ALA F 97 -78.19 -29.50 22.21
CA ALA F 97 -77.75 -30.59 21.34
C ALA F 97 -77.48 -31.84 22.17
N GLU F 98 -76.88 -31.65 23.34
CA GLU F 98 -76.54 -32.75 24.23
C GLU F 98 -77.80 -33.49 24.69
N LYS F 99 -78.83 -32.74 25.06
CA LYS F 99 -80.07 -33.33 25.52
C LYS F 99 -80.78 -34.07 24.38
N LEU F 100 -80.57 -33.59 23.16
CA LEU F 100 -81.15 -34.24 21.98
C LEU F 100 -80.40 -35.50 21.59
N GLY F 101 -79.29 -35.76 22.29
CA GLY F 101 -78.55 -36.98 22.09
C GLY F 101 -77.54 -36.93 20.95
N ALA F 102 -77.06 -35.72 20.65
CA ALA F 102 -76.00 -35.56 19.66
C ALA F 102 -74.76 -36.31 20.14
N ASN F 103 -73.96 -36.78 19.20
CA ASN F 103 -72.75 -37.50 19.54
C ASN F 103 -71.61 -36.57 19.93
N GLY F 104 -71.69 -35.33 19.46
CA GLY F 104 -70.71 -34.31 19.78
C GLY F 104 -71.12 -32.97 19.19
N VAL F 105 -70.36 -31.92 19.50
CA VAL F 105 -70.66 -30.61 18.92
C VAL F 105 -69.48 -29.97 18.19
N LEU F 106 -69.80 -29.27 17.11
CA LEU F 106 -68.81 -28.49 16.38
C LEU F 106 -69.07 -27.03 16.68
N VAL F 107 -68.15 -26.40 17.43
CA VAL F 107 -68.31 -25.01 17.84
C VAL F 107 -67.27 -24.12 17.19
N VAL F 108 -67.73 -23.21 16.34
CA VAL F 108 -66.85 -22.32 15.61
C VAL F 108 -66.28 -21.27 16.56
N THR F 109 -65.17 -20.67 16.19
CA THR F 109 -64.64 -19.55 16.95
C THR F 109 -65.62 -18.40 16.81
N PRO F 110 -65.93 -17.72 17.92
CA PRO F 110 -66.85 -16.57 17.83
C PRO F 110 -66.48 -15.68 16.66
N TYR F 111 -67.48 -15.26 15.90
CA TYR F 111 -67.27 -14.44 14.71
C TYR F 111 -67.62 -12.99 14.99
N TYR F 112 -67.07 -12.08 14.18
CA TYR F 112 -67.47 -10.69 14.19
C TYR F 112 -66.86 -9.87 15.33
N ASN F 113 -66.75 -10.45 16.53
CA ASN F 113 -66.19 -9.70 17.66
C ASN F 113 -64.71 -9.99 17.95
N LYS F 114 -64.09 -10.80 17.10
CA LYS F 114 -62.63 -10.95 17.06
C LYS F 114 -61.94 -11.08 18.42
N PRO F 115 -62.28 -12.13 19.17
CA PRO F 115 -61.73 -12.37 20.52
C PRO F 115 -60.22 -12.66 20.55
N THR F 116 -59.62 -12.44 21.71
CA THR F 116 -58.20 -12.69 21.94
C THR F 116 -57.93 -14.19 22.09
N GLN F 117 -56.67 -14.58 21.93
CA GLN F 117 -56.30 -15.98 22.08
C GLN F 117 -56.66 -16.52 23.47
N GLU F 118 -56.48 -15.70 24.50
CA GLU F 118 -56.87 -16.09 25.85
C GLU F 118 -58.39 -16.20 25.94
N GLY F 119 -59.08 -15.28 25.27
CA GLY F 119 -60.53 -15.32 25.17
C GLY F 119 -61.02 -16.59 24.49
N LEU F 120 -60.42 -16.94 23.37
CA LEU F 120 -60.75 -18.17 22.67
C LEU F 120 -60.56 -19.36 23.61
N TYR F 121 -59.41 -19.41 24.28
CA TYR F 121 -59.15 -20.44 25.27
C TYR F 121 -60.27 -20.47 26.31
N GLN F 122 -60.63 -19.30 26.83
CA GLN F 122 -61.66 -19.16 27.84
C GLN F 122 -63.02 -19.62 27.33
N HIS F 123 -63.32 -19.26 26.08
CA HIS F 123 -64.55 -19.67 25.41
C HIS F 123 -64.71 -21.17 25.52
N TYR F 124 -63.70 -21.90 25.04
CA TYR F 124 -63.75 -23.35 25.00
C TYR F 124 -63.59 -24.02 26.38
N LYS F 125 -62.92 -23.36 27.30
CA LYS F 125 -62.78 -23.88 28.66
C LYS F 125 -64.14 -23.86 29.37
N TYR F 126 -64.82 -22.73 29.28
CA TYR F 126 -66.15 -22.57 29.85
C TYR F 126 -67.07 -23.69 29.38
N ILE F 127 -67.08 -23.93 28.08
CA ILE F 127 -67.99 -24.90 27.51
C ILE F 127 -67.59 -26.32 27.87
N SER F 128 -66.30 -26.61 27.77
CA SER F 128 -65.76 -27.93 28.08
C SER F 128 -66.20 -28.42 29.46
N GLU F 129 -65.97 -27.61 30.48
CA GLU F 129 -66.22 -28.00 31.86
C GLU F 129 -67.71 -28.17 32.19
N ARG F 130 -68.57 -27.88 31.22
CA ARG F 130 -70.02 -27.84 31.47
C ARG F 130 -70.83 -28.70 30.51
N THR F 131 -70.15 -29.49 29.69
CA THR F 131 -70.83 -30.50 28.88
C THR F 131 -70.05 -31.80 28.95
N ASP F 132 -70.74 -32.91 28.83
CA ASP F 132 -70.08 -34.21 28.77
C ASP F 132 -69.84 -34.67 27.33
N LEU F 133 -70.29 -33.88 26.36
CA LEU F 133 -70.07 -34.22 24.94
C LEU F 133 -68.64 -33.91 24.51
N GLY F 134 -68.13 -34.69 23.57
CA GLY F 134 -66.88 -34.36 22.93
C GLY F 134 -67.13 -33.17 22.01
N ILE F 135 -66.20 -32.23 21.97
CA ILE F 135 -66.37 -31.05 21.14
C ILE F 135 -65.22 -30.88 20.18
N VAL F 136 -65.52 -30.30 19.02
CA VAL F 136 -64.53 -30.03 18.00
C VAL F 136 -64.40 -28.52 17.75
N VAL F 137 -63.20 -28.00 17.95
CA VAL F 137 -62.94 -26.59 17.67
C VAL F 137 -63.03 -26.32 16.17
N TYR F 138 -63.65 -25.20 15.80
CA TYR F 138 -63.82 -24.87 14.39
C TYR F 138 -63.14 -23.53 14.03
N ASN F 139 -62.11 -23.60 13.20
CA ASN F 139 -61.36 -22.41 12.80
C ASN F 139 -61.58 -22.07 11.32
N VAL F 140 -62.18 -20.91 11.06
CA VAL F 140 -62.41 -20.46 9.69
C VAL F 140 -62.27 -18.94 9.56
N PRO F 141 -61.01 -18.44 9.58
CA PRO F 141 -60.66 -17.02 9.59
C PRO F 141 -61.41 -16.20 8.52
N GLY F 142 -61.43 -16.72 7.29
CA GLY F 142 -62.12 -16.05 6.20
C GLY F 142 -63.58 -15.73 6.45
N ARG F 143 -64.20 -16.43 7.39
CA ARG F 143 -65.59 -16.13 7.71
C ARG F 143 -65.74 -15.41 9.04
N THR F 144 -64.85 -15.71 9.97
CA THR F 144 -64.98 -15.27 11.36
C THR F 144 -64.23 -13.99 11.67
N GLY F 145 -63.01 -13.87 11.14
CA GLY F 145 -62.19 -12.72 11.40
C GLY F 145 -61.17 -12.98 12.49
N VAL F 146 -61.04 -14.24 12.87
CA VAL F 146 -60.08 -14.64 13.90
C VAL F 146 -59.47 -16.01 13.59
N ASN F 147 -58.23 -16.21 14.01
CA ASN F 147 -57.52 -17.46 13.79
C ASN F 147 -56.97 -18.03 15.08
N VAL F 148 -57.19 -19.33 15.28
CA VAL F 148 -56.64 -20.02 16.45
C VAL F 148 -55.16 -20.34 16.21
N LEU F 149 -54.27 -19.64 16.89
CA LEU F 149 -52.85 -19.98 16.85
C LEU F 149 -52.69 -21.45 17.19
N PRO F 150 -51.77 -22.15 16.50
CA PRO F 150 -51.62 -23.58 16.81
C PRO F 150 -51.18 -23.77 18.27
N GLU F 151 -50.44 -22.79 18.80
CA GLU F 151 -50.02 -22.83 20.19
C GLU F 151 -51.24 -22.85 21.10
N THR F 152 -52.27 -22.12 20.71
CA THR F 152 -53.52 -22.08 21.45
C THR F 152 -54.22 -23.43 21.35
N ALA F 153 -54.31 -23.96 20.14
CA ALA F 153 -54.89 -25.29 19.92
C ALA F 153 -54.18 -26.32 20.80
N ALA F 154 -52.85 -26.23 20.86
CA ALA F 154 -52.06 -27.12 21.71
C ALA F 154 -52.57 -27.11 23.15
N ARG F 155 -52.53 -25.93 23.76
CA ARG F 155 -52.95 -25.76 25.15
C ARG F 155 -54.35 -26.32 25.36
N ILE F 156 -55.23 -26.06 24.41
CA ILE F 156 -56.59 -26.55 24.49
C ILE F 156 -56.58 -28.07 24.57
N ALA F 157 -55.86 -28.70 23.65
CA ALA F 157 -55.75 -30.15 23.61
C ALA F 157 -55.20 -30.72 24.92
N ALA F 158 -54.22 -30.02 25.49
CA ALA F 158 -53.57 -30.50 26.70
C ALA F 158 -54.44 -30.36 27.96
N ASP F 159 -55.27 -29.33 27.99
CA ASP F 159 -56.06 -29.03 29.18
C ASP F 159 -57.51 -29.56 29.13
N LEU F 160 -58.17 -29.33 28.01
CA LEU F 160 -59.58 -29.67 27.88
C LEU F 160 -59.76 -31.07 27.29
N LYS F 161 -59.93 -32.05 28.17
CA LYS F 161 -60.09 -33.44 27.73
C LYS F 161 -61.36 -33.62 26.92
N ASN F 162 -62.29 -32.68 27.07
CA ASN F 162 -63.54 -32.69 26.33
C ASN F 162 -63.32 -32.58 24.83
N VAL F 163 -62.64 -31.51 24.42
CA VAL F 163 -62.38 -31.24 23.02
C VAL F 163 -61.60 -32.38 22.37
N VAL F 164 -62.24 -33.07 21.43
CA VAL F 164 -61.66 -34.24 20.79
C VAL F 164 -60.74 -33.90 19.62
N GLY F 165 -60.85 -32.68 19.13
CA GLY F 165 -60.02 -32.27 18.02
C GLY F 165 -60.42 -30.94 17.40
N ILE F 166 -59.83 -30.65 16.24
CA ILE F 166 -60.08 -29.40 15.54
C ILE F 166 -60.43 -29.61 14.07
N LYS F 167 -61.41 -28.85 13.60
CA LYS F 167 -61.66 -28.73 12.16
C LYS F 167 -60.88 -27.51 11.69
N GLU F 168 -59.82 -27.74 10.94
CA GLU F 168 -58.92 -26.67 10.53
C GLU F 168 -59.24 -26.14 9.14
N ALA F 169 -59.94 -25.02 9.08
CA ALA F 169 -60.37 -24.45 7.80
C ALA F 169 -59.51 -23.26 7.35
N ASN F 170 -58.45 -22.96 8.08
CA ASN F 170 -57.44 -22.01 7.58
C ASN F 170 -56.63 -22.69 6.48
N PRO F 171 -56.67 -22.12 5.26
CA PRO F 171 -56.06 -22.68 4.04
C PRO F 171 -54.54 -22.61 3.99
N ASP F 172 -53.92 -21.87 4.92
CA ASP F 172 -52.47 -21.73 4.94
C ASP F 172 -51.76 -23.00 5.39
N ILE F 173 -50.90 -23.53 4.51
CA ILE F 173 -50.23 -24.81 4.78
C ILE F 173 -49.36 -24.76 6.03
N ASP F 174 -48.79 -23.58 6.30
CA ASP F 174 -48.03 -23.38 7.52
C ASP F 174 -48.93 -23.57 8.74
N GLN F 175 -50.15 -23.06 8.65
CA GLN F 175 -51.11 -23.24 9.74
C GLN F 175 -51.46 -24.72 9.91
N ILE F 176 -51.74 -25.42 8.80
CA ILE F 176 -52.06 -26.85 8.84
C ILE F 176 -50.95 -27.65 9.52
N ASP F 177 -49.73 -27.45 9.04
CA ASP F 177 -48.56 -28.16 9.55
C ASP F 177 -48.41 -28.05 11.07
N ARG F 178 -48.42 -26.82 11.58
CA ARG F 178 -48.12 -26.58 12.99
C ARG F 178 -49.28 -26.95 13.91
N THR F 179 -50.50 -26.85 13.39
CA THR F 179 -51.68 -27.24 14.16
C THR F 179 -51.63 -28.74 14.44
N VAL F 180 -51.38 -29.52 13.40
CA VAL F 180 -51.22 -30.96 13.55
C VAL F 180 -50.08 -31.27 14.52
N SER F 181 -48.92 -30.66 14.28
CA SER F 181 -47.73 -30.93 15.09
C SER F 181 -47.89 -30.62 16.59
N LEU F 182 -48.28 -29.40 16.92
CA LEU F 182 -48.33 -28.98 18.32
C LEU F 182 -49.39 -29.70 19.16
N THR F 183 -50.54 -30.01 18.56
CA THR F 183 -51.63 -30.66 19.31
C THR F 183 -51.30 -32.10 19.69
N LYS F 184 -50.94 -32.91 18.70
CA LYS F 184 -50.61 -34.32 18.94
C LYS F 184 -49.38 -34.46 19.81
N GLN F 185 -48.58 -33.41 19.88
CA GLN F 185 -47.43 -33.36 20.77
C GLN F 185 -47.93 -33.11 22.21
N ALA F 186 -48.89 -32.19 22.34
CA ALA F 186 -49.47 -31.88 23.63
C ALA F 186 -50.39 -33.01 24.09
N ARG F 187 -51.13 -33.58 23.15
CA ARG F 187 -52.04 -34.68 23.45
C ARG F 187 -52.00 -35.69 22.31
N SER F 188 -51.36 -36.82 22.56
CA SER F 188 -51.07 -37.81 21.53
C SER F 188 -52.29 -38.23 20.71
N ASP F 189 -53.47 -38.12 21.32
CA ASP F 189 -54.71 -38.66 20.76
C ASP F 189 -55.55 -37.62 20.03
N PHE F 190 -55.21 -36.35 20.19
CA PHE F 190 -55.97 -35.25 19.60
C PHE F 190 -56.12 -35.41 18.08
N MET F 191 -57.34 -35.23 17.60
CA MET F 191 -57.66 -35.41 16.18
C MET F 191 -57.67 -34.07 15.44
N VAL F 192 -57.08 -34.05 14.24
CA VAL F 192 -57.11 -32.86 13.41
C VAL F 192 -57.69 -33.17 12.02
N TRP F 193 -58.85 -32.60 11.74
CA TRP F 193 -59.53 -32.80 10.47
C TRP F 193 -59.48 -31.54 9.62
N SER F 194 -59.49 -31.72 8.30
CA SER F 194 -59.41 -30.60 7.38
C SER F 194 -60.75 -29.89 7.23
N GLY F 195 -60.71 -28.56 7.11
CA GLY F 195 -61.91 -27.77 6.91
C GLY F 195 -62.06 -27.31 5.48
N ASN F 196 -61.07 -27.61 4.65
CA ASN F 196 -61.12 -27.35 3.22
C ASN F 196 -60.90 -28.64 2.45
N ASP F 197 -61.83 -28.97 1.54
CA ASP F 197 -61.72 -30.18 0.76
C ASP F 197 -60.40 -30.21 -0.01
N ASP F 198 -60.09 -29.11 -0.69
CA ASP F 198 -58.89 -29.07 -1.52
C ASP F 198 -57.60 -29.14 -0.69
N ARG F 199 -57.75 -29.14 0.63
CA ARG F 199 -56.60 -29.19 1.53
C ARG F 199 -56.45 -30.57 2.18
N THR F 200 -57.42 -31.44 1.96
CA THR F 200 -57.47 -32.72 2.64
C THR F 200 -56.19 -33.56 2.46
N PHE F 201 -55.73 -33.70 1.22
CA PHE F 201 -54.57 -34.53 0.95
C PHE F 201 -53.31 -34.07 1.70
N TYR F 202 -53.09 -32.77 1.74
CA TYR F 202 -51.89 -32.24 2.38
C TYR F 202 -52.00 -32.27 3.90
N LEU F 203 -53.22 -32.15 4.42
CA LEU F 203 -53.45 -32.26 5.86
C LEU F 203 -53.19 -33.69 6.29
N LEU F 204 -53.52 -34.64 5.43
CA LEU F 204 -53.20 -36.05 5.69
C LEU F 204 -51.69 -36.26 5.71
N CYS F 205 -50.99 -35.67 4.74
CA CYS F 205 -49.53 -35.72 4.70
C CYS F 205 -48.96 -35.05 5.94
N ALA F 206 -49.66 -34.05 6.43
CA ALA F 206 -49.26 -33.35 7.65
C ALA F 206 -49.51 -34.20 8.89
N GLY F 207 -50.10 -35.38 8.71
CA GLY F 207 -50.42 -36.26 9.81
C GLY F 207 -51.84 -36.10 10.33
N GLY F 208 -52.67 -35.42 9.53
CA GLY F 208 -54.05 -35.17 9.88
C GLY F 208 -54.84 -36.45 10.04
N ASP F 209 -56.15 -36.31 10.24
CA ASP F 209 -57.01 -37.46 10.51
C ASP F 209 -58.18 -37.58 9.52
N GLY F 210 -58.27 -36.65 8.57
CA GLY F 210 -59.33 -36.70 7.59
C GLY F 210 -59.89 -35.33 7.26
N VAL F 211 -61.18 -35.29 6.92
CA VAL F 211 -61.82 -34.04 6.51
C VAL F 211 -63.29 -33.96 6.92
N ILE F 212 -63.71 -32.78 7.33
CA ILE F 212 -65.13 -32.45 7.41
C ILE F 212 -65.47 -31.70 6.12
N SER F 213 -66.23 -32.36 5.25
CA SER F 213 -66.28 -32.01 3.82
C SER F 213 -67.57 -31.35 3.33
N VAL F 214 -67.42 -30.52 2.30
CA VAL F 214 -68.54 -29.91 1.59
C VAL F 214 -68.86 -30.73 0.35
N VAL F 215 -67.82 -31.10 -0.40
CA VAL F 215 -67.99 -31.89 -1.61
C VAL F 215 -68.54 -33.27 -1.27
N SER F 216 -68.27 -33.70 -0.04
CA SER F 216 -68.87 -34.92 0.53
C SER F 216 -70.34 -35.04 0.13
N ASN F 217 -71.02 -33.90 0.06
CA ASN F 217 -72.44 -33.86 -0.25
C ASN F 217 -72.79 -34.50 -1.58
N VAL F 218 -72.06 -34.14 -2.63
CA VAL F 218 -72.36 -34.63 -3.97
C VAL F 218 -71.55 -35.85 -4.38
N ALA F 219 -70.33 -35.97 -3.84
CA ALA F 219 -69.43 -37.05 -4.22
C ALA F 219 -68.90 -37.85 -3.02
N PRO F 220 -69.82 -38.43 -2.23
CA PRO F 220 -69.47 -39.14 -0.98
C PRO F 220 -68.31 -40.13 -1.14
N LYS F 221 -68.56 -41.26 -1.81
CA LYS F 221 -67.55 -42.30 -1.95
C LYS F 221 -66.23 -41.75 -2.50
N GLN F 222 -66.32 -40.66 -3.24
CA GLN F 222 -65.16 -40.00 -3.82
C GLN F 222 -64.19 -39.53 -2.74
N MET F 223 -64.71 -38.79 -1.77
CA MET F 223 -63.90 -38.28 -0.67
C MET F 223 -63.38 -39.40 0.22
N VAL F 224 -64.18 -40.45 0.35
CA VAL F 224 -63.81 -41.61 1.15
C VAL F 224 -62.62 -42.35 0.53
N GLU F 225 -62.60 -42.41 -0.80
CA GLU F 225 -61.49 -43.00 -1.54
C GLU F 225 -60.19 -42.25 -1.25
N LEU F 226 -60.28 -40.92 -1.25
CA LEU F 226 -59.12 -40.08 -1.06
C LEU F 226 -58.41 -40.43 0.24
N CYS F 227 -59.17 -40.47 1.33
CA CYS F 227 -58.59 -40.76 2.63
C CYS F 227 -58.19 -42.23 2.78
N ALA F 228 -59.08 -43.13 2.40
CA ALA F 228 -58.83 -44.56 2.57
C ALA F 228 -57.54 -45.00 1.90
N GLU F 229 -57.28 -44.45 0.70
CA GLU F 229 -56.07 -44.79 -0.03
C GLU F 229 -54.82 -44.38 0.74
N TYR F 230 -54.95 -43.31 1.52
CA TYR F 230 -53.82 -42.76 2.26
C TYR F 230 -53.47 -43.64 3.46
N PHE F 231 -54.46 -43.93 4.29
CA PHE F 231 -54.26 -44.77 5.46
C PHE F 231 -53.67 -46.12 5.06
N SER F 232 -53.89 -46.50 3.81
CA SER F 232 -53.41 -47.77 3.29
C SER F 232 -51.92 -47.73 2.98
N GLY F 233 -51.40 -46.52 2.78
CA GLY F 233 -50.01 -46.33 2.44
C GLY F 233 -49.84 -45.97 0.99
N ASN F 234 -50.97 -45.84 0.28
CA ASN F 234 -50.94 -45.49 -1.13
C ASN F 234 -51.05 -43.98 -1.36
N LEU F 235 -49.93 -43.28 -1.19
CA LEU F 235 -49.92 -41.83 -1.38
C LEU F 235 -50.38 -41.42 -2.77
N GLU F 236 -49.73 -41.98 -3.80
CA GLU F 236 -50.05 -41.61 -5.18
C GLU F 236 -51.49 -41.96 -5.53
N LYS F 237 -51.99 -43.06 -4.97
CA LYS F 237 -53.39 -43.41 -5.16
C LYS F 237 -54.27 -42.32 -4.54
N SER F 238 -53.76 -41.71 -3.48
CA SER F 238 -54.48 -40.65 -2.79
C SER F 238 -54.41 -39.32 -3.53
N ALA F 239 -53.19 -38.84 -3.79
CA ALA F 239 -52.98 -37.62 -4.57
C ALA F 239 -53.63 -37.73 -5.94
N GLU F 240 -53.57 -38.92 -6.52
CA GLU F 240 -54.27 -39.20 -7.77
C GLU F 240 -55.74 -38.85 -7.57
N VAL F 241 -56.36 -39.48 -6.57
CA VAL F 241 -57.75 -39.21 -6.22
C VAL F 241 -57.99 -37.72 -5.98
N HIS F 242 -57.03 -37.06 -5.33
CA HIS F 242 -57.14 -35.63 -5.05
C HIS F 242 -57.21 -34.79 -6.32
N ALA F 243 -56.29 -35.03 -7.25
CA ALA F 243 -56.24 -34.26 -8.48
C ALA F 243 -57.49 -34.50 -9.34
N LYS F 244 -58.00 -35.72 -9.29
CA LYS F 244 -59.21 -36.07 -10.03
C LYS F 244 -60.40 -35.24 -9.57
N LEU F 245 -60.42 -34.89 -8.29
CA LEU F 245 -61.56 -34.19 -7.69
C LEU F 245 -61.49 -32.67 -7.85
N ARG F 246 -60.29 -32.15 -8.15
CA ARG F 246 -60.06 -30.71 -8.13
C ARG F 246 -61.15 -29.84 -8.75
N PRO F 247 -61.60 -30.19 -9.96
CA PRO F 247 -62.58 -29.39 -10.70
C PRO F 247 -63.87 -29.08 -9.91
N LEU F 248 -64.41 -30.06 -9.19
CA LEU F 248 -65.66 -29.84 -8.46
C LEU F 248 -65.41 -29.08 -7.16
N MET F 249 -64.27 -29.34 -6.53
CA MET F 249 -63.89 -28.61 -5.33
C MET F 249 -63.86 -27.11 -5.62
N LYS F 250 -63.51 -26.74 -6.86
CA LYS F 250 -63.43 -25.35 -7.24
C LYS F 250 -64.80 -24.78 -7.60
N ALA F 251 -65.53 -25.49 -8.44
CA ALA F 251 -66.84 -25.04 -8.89
C ALA F 251 -67.84 -24.86 -7.73
N LEU F 252 -67.66 -25.61 -6.66
CA LEU F 252 -68.59 -25.53 -5.54
C LEU F 252 -68.41 -24.25 -4.71
N PHE F 253 -67.30 -23.56 -4.91
CA PHE F 253 -67.02 -22.35 -4.14
C PHE F 253 -66.90 -21.08 -5.00
N VAL F 254 -67.26 -21.19 -6.27
CA VAL F 254 -67.19 -20.06 -7.20
C VAL F 254 -68.18 -18.98 -6.81
N GLU F 255 -69.16 -19.37 -6.01
CA GLU F 255 -70.09 -18.43 -5.42
C GLU F 255 -70.18 -18.86 -3.97
N THR F 256 -70.59 -17.94 -3.09
CA THR F 256 -70.61 -18.24 -1.65
C THR F 256 -71.33 -19.55 -1.33
N ASN F 257 -70.63 -20.45 -0.67
CA ASN F 257 -71.18 -21.72 -0.18
C ASN F 257 -72.21 -21.44 0.92
N PRO F 258 -73.35 -22.18 0.91
CA PRO F 258 -73.67 -23.33 0.05
C PRO F 258 -74.49 -22.99 -1.19
N ILE F 259 -74.37 -21.78 -1.73
CA ILE F 259 -75.13 -21.41 -2.92
C ILE F 259 -74.93 -22.36 -4.10
N PRO F 260 -73.66 -22.68 -4.42
CA PRO F 260 -73.42 -23.57 -5.56
C PRO F 260 -73.82 -25.00 -5.24
N VAL F 261 -73.46 -25.48 -4.04
CA VAL F 261 -73.67 -26.88 -3.67
C VAL F 261 -75.16 -27.24 -3.58
N LYS F 262 -75.99 -26.28 -3.19
CA LYS F 262 -77.43 -26.47 -3.27
C LYS F 262 -77.82 -26.59 -4.74
N ALA F 263 -77.28 -25.71 -5.56
CA ALA F 263 -77.53 -25.75 -7.00
C ALA F 263 -77.15 -27.10 -7.59
N ALA F 264 -76.08 -27.69 -7.07
CA ALA F 264 -75.60 -28.99 -7.55
C ALA F 264 -76.54 -30.12 -7.12
N LEU F 265 -76.82 -30.21 -5.83
CA LEU F 265 -77.71 -31.24 -5.31
C LEU F 265 -79.08 -31.15 -5.96
N ASN F 266 -79.42 -29.95 -6.43
CA ASN F 266 -80.68 -29.74 -7.15
C ASN F 266 -80.64 -30.32 -8.56
N LEU F 267 -79.52 -30.11 -9.26
CA LEU F 267 -79.34 -30.72 -10.56
C LEU F 267 -79.40 -32.24 -10.46
N MET F 268 -78.81 -32.78 -9.40
CA MET F 268 -78.80 -34.21 -9.18
C MET F 268 -80.17 -34.72 -8.75
N GLY F 269 -81.11 -33.80 -8.52
CA GLY F 269 -82.48 -34.15 -8.20
C GLY F 269 -82.72 -34.51 -6.75
N PHE F 270 -81.98 -33.85 -5.85
CA PHE F 270 -82.11 -34.14 -4.42
C PHE F 270 -82.97 -33.12 -3.67
N ILE F 271 -82.90 -31.86 -4.09
CA ILE F 271 -83.56 -30.78 -3.35
C ILE F 271 -84.11 -29.68 -4.26
N GLU F 272 -84.94 -28.81 -3.68
CA GLU F 272 -85.35 -27.59 -4.36
C GLU F 272 -84.22 -26.57 -4.25
N ASN F 273 -84.01 -25.79 -5.31
CA ASN F 273 -82.96 -24.78 -5.32
C ASN F 273 -83.42 -23.49 -4.63
N GLU F 274 -83.58 -23.56 -3.31
CA GLU F 274 -84.14 -22.46 -2.54
C GLU F 274 -83.31 -22.12 -1.31
N LEU F 275 -82.91 -20.85 -1.19
CA LEU F 275 -82.13 -20.42 -0.04
C LEU F 275 -82.82 -19.30 0.73
N ARG F 276 -82.31 -19.02 1.92
CA ARG F 276 -82.89 -17.97 2.74
C ARG F 276 -82.03 -16.71 2.75
N LEU F 277 -82.68 -15.57 2.53
CA LEU F 277 -82.00 -14.28 2.53
C LEU F 277 -81.16 -14.16 3.79
N PRO F 278 -79.99 -13.50 3.69
CA PRO F 278 -79.51 -12.76 2.51
C PRO F 278 -78.90 -13.59 1.37
N LEU F 279 -79.12 -14.89 1.36
CA LEU F 279 -78.61 -15.72 0.26
C LEU F 279 -79.65 -15.78 -0.86
N VAL F 280 -79.17 -16.01 -2.07
CA VAL F 280 -80.04 -16.08 -3.25
C VAL F 280 -79.52 -17.16 -4.20
N PRO F 281 -80.41 -17.74 -5.02
CA PRO F 281 -80.04 -18.82 -5.93
C PRO F 281 -78.82 -18.53 -6.79
N ALA F 282 -78.13 -19.60 -7.18
CA ALA F 282 -76.92 -19.50 -7.99
C ALA F 282 -77.19 -18.82 -9.32
N SER F 283 -76.21 -18.07 -9.82
CA SER F 283 -76.33 -17.38 -11.10
C SER F 283 -76.39 -18.38 -12.25
N GLU F 284 -76.92 -17.93 -13.39
CA GLU F 284 -77.01 -18.77 -14.57
C GLU F 284 -75.63 -19.27 -14.97
N LYS F 285 -74.62 -18.41 -14.82
CA LYS F 285 -73.25 -18.80 -15.10
C LYS F 285 -72.84 -19.97 -14.23
N THR F 286 -73.18 -19.89 -12.95
CA THR F 286 -72.79 -20.92 -11.99
C THR F 286 -73.47 -22.26 -12.27
N VAL F 287 -74.74 -22.20 -12.67
CA VAL F 287 -75.49 -23.42 -12.95
C VAL F 287 -74.94 -24.13 -14.19
N GLU F 288 -74.56 -23.35 -15.20
CA GLU F 288 -74.00 -23.91 -16.43
C GLU F 288 -72.64 -24.53 -16.13
N LEU F 289 -71.87 -23.83 -15.31
CA LEU F 289 -70.58 -24.32 -14.85
C LEU F 289 -70.76 -25.63 -14.11
N LEU F 290 -71.75 -25.67 -13.21
CA LEU F 290 -72.06 -26.87 -12.43
C LEU F 290 -72.56 -28.02 -13.30
N ARG F 291 -73.31 -27.70 -14.35
CA ARG F 291 -73.78 -28.75 -15.26
C ARG F 291 -72.61 -29.48 -15.90
N ASN F 292 -71.74 -28.72 -16.55
CA ASN F 292 -70.57 -29.30 -17.20
C ASN F 292 -69.71 -30.07 -16.21
N VAL F 293 -69.50 -29.48 -15.04
CA VAL F 293 -68.60 -30.07 -14.06
C VAL F 293 -69.18 -31.37 -13.50
N LEU F 294 -70.44 -31.32 -13.07
CA LEU F 294 -71.10 -32.52 -12.59
C LEU F 294 -71.07 -33.60 -13.68
N LYS F 295 -71.37 -33.22 -14.91
CA LYS F 295 -71.41 -34.16 -16.02
C LYS F 295 -70.06 -34.83 -16.25
N GLU F 296 -69.01 -34.03 -16.42
CA GLU F 296 -67.68 -34.58 -16.64
C GLU F 296 -67.29 -35.48 -15.47
N SER F 297 -67.87 -35.23 -14.31
CA SER F 297 -67.63 -36.03 -13.11
C SER F 297 -68.59 -37.21 -13.04
N GLY F 298 -69.62 -37.19 -13.88
CA GLY F 298 -70.59 -38.26 -13.93
C GLY F 298 -71.61 -38.20 -12.80
N LEU F 299 -72.32 -37.08 -12.71
CA LEU F 299 -73.39 -36.92 -11.73
C LEU F 299 -74.64 -36.27 -12.32
N LEU F 300 -74.49 -35.61 -13.47
CA LEU F 300 -75.63 -34.97 -14.11
C LEU F 300 -75.93 -35.59 -15.48
#